data_3O0Y
#
_entry.id   3O0Y
#
_cell.length_a   67.954
_cell.length_b   94.471
_cell.length_c   93.894
_cell.angle_alpha   114.32
_cell.angle_beta   91.11
_cell.angle_gamma   100.43
#
_symmetry.space_group_name_H-M   'P 1'
#
loop_
_entity.id
_entity.type
_entity.pdbx_description
1 polymer lipoprotein
2 non-polymer 'SULFATE ION'
3 non-polymer 2-AMINO-2-HYDROXYMETHYL-PROPANE-1,3-DIOL
4 non-polymer GLYCEROL
5 water water
#
_entity_poly.entity_id   1
_entity_poly.type   'polypeptide(L)'
_entity_poly.pdbx_seq_one_letter_code
;NENNTVVAETKTSTASETSEPKQVISSKQQLASLYLQAKQSLFKQRALSATMYGLSQKDIGQVISSDMEFYSPENEKQLR
AELLSISNTIAGIKLDDADITTKNNQQVMAGLTRYFAGEPNFNIGYIDTWMGLSPFIVNQINGPLIDIPRVMQNDQPITT
EKEALDYIVRLGQFDKLAATIIEKQTADAAQNWLPSKVTLQGAIKYLKGFTSGSAEQHPFVNVFREKIEKVDSLTTEQKQ
SLITQVIAKVSQVVYPAYQSVEKASEQLLSEARSESGIWAQPKGSVYYQDAIKQLGDSELSPTQIHQIGLDEVARISGVM
NEILLAQGYTKGTVGERMVALNEEPRFLYEDSIAGREELLSDINGYITEVTAKMAPVFRTTPSYQVEVKSFPVEVQDGAP
GGQYTSPAVDGSKPGIYWINLRDMKANPKFGLKTLTYHEANPGHHWQIALNLDQAELPFLRRIAPYNAYTEGWALYSEQV
AYELGMYENDPFGDLGRLQAELFRAVRLVVDTGLHDKRWTREQAISYMSEQTGTAESDVVAEIERYMAWPGQALGYKLGM
LKILSLREQAKARLGDKFDLAEFHDVVLLNGAVPMAVLSRNVNHWLDNK
;
_entity_poly.pdbx_strand_id   A,B,C
#
loop_
_chem_comp.id
_chem_comp.type
_chem_comp.name
_chem_comp.formula
GOL non-polymer GLYCEROL 'C3 H8 O3'
SO4 non-polymer 'SULFATE ION' 'O4 S -2'
TRS non-polymer 2-AMINO-2-HYDROXYMETHYL-PROPANE-1,3-DIOL 'C4 H12 N O3 1'
#
# COMPACT_ATOMS: atom_id res chain seq x y z
N VAL A 24 37.25 -49.90 32.36
CA VAL A 24 36.23 -50.12 31.28
C VAL A 24 35.70 -48.79 30.67
N ILE A 25 36.11 -48.55 29.43
CA ILE A 25 35.70 -47.33 28.69
C ILE A 25 34.22 -47.51 28.32
N SER A 26 33.35 -46.64 28.85
CA SER A 26 31.94 -46.70 28.52
C SER A 26 31.68 -46.32 27.04
N SER A 27 30.47 -46.58 26.54
CA SER A 27 30.16 -46.23 25.16
C SER A 27 30.19 -44.72 24.99
N LYS A 28 29.63 -43.99 25.98
CA LYS A 28 29.69 -42.55 25.91
C LYS A 28 31.11 -42.02 25.82
N GLN A 29 32.04 -42.57 26.58
CA GLN A 29 33.43 -42.14 26.56
C GLN A 29 34.14 -42.55 25.27
N GLN A 30 33.81 -43.72 24.73
CA GLN A 30 34.43 -44.15 23.49
C GLN A 30 33.98 -43.18 22.36
N LEU A 31 32.69 -42.86 22.36
CA LEU A 31 32.08 -41.96 21.38
C LEU A 31 32.71 -40.56 21.47
N ALA A 32 32.89 -40.05 22.68
CA ALA A 32 33.48 -38.72 22.81
C ALA A 32 34.90 -38.74 22.25
N SER A 33 35.66 -39.80 22.48
CA SER A 33 37.02 -39.88 21.95
C SER A 33 37.03 -39.89 20.45
N LEU A 34 36.07 -40.62 19.88
CA LEU A 34 35.95 -40.66 18.42
C LEU A 34 35.61 -39.29 17.81
N TYR A 35 34.75 -38.57 18.50
CA TYR A 35 34.32 -37.25 17.99
C TYR A 35 35.45 -36.28 18.06
N LEU A 36 36.24 -36.36 19.13
CA LEU A 36 37.48 -35.60 19.24
C LEU A 36 38.51 -35.95 18.21
N GLN A 37 38.68 -37.26 17.97
CA GLN A 37 39.62 -37.70 16.99
C GLN A 37 39.27 -37.18 15.57
N ALA A 38 37.99 -37.23 15.22
CA ALA A 38 37.49 -36.63 13.98
C ALA A 38 37.81 -35.14 13.87
N LYS A 39 37.46 -34.38 14.90
CA LYS A 39 37.81 -32.97 14.90
C LYS A 39 39.31 -32.74 14.65
N GLN A 40 40.17 -33.41 15.44
CA GLN A 40 41.61 -33.11 15.45
C GLN A 40 42.26 -33.58 14.14
N SER A 41 41.82 -34.69 13.63
CA SER A 41 42.41 -35.23 12.41
C SER A 41 42.02 -34.40 11.19
N LEU A 42 40.76 -34.00 11.11
CA LEU A 42 40.32 -33.20 9.97
C LEU A 42 41.09 -31.88 9.99
N PHE A 43 41.06 -31.21 11.14
CA PHE A 43 41.67 -29.89 11.19
C PHE A 43 43.22 -29.86 11.10
N LYS A 44 43.89 -30.89 11.59
CA LYS A 44 45.34 -30.99 11.34
C LYS A 44 45.66 -31.02 9.85
N GLN A 45 44.81 -31.64 9.07
CA GLN A 45 44.99 -31.77 7.63
C GLN A 45 44.33 -30.64 6.83
N ARG A 46 43.61 -29.77 7.55
CA ARG A 46 42.94 -28.62 6.96
C ARG A 46 43.23 -27.42 7.83
N ALA A 47 44.55 -27.12 7.96
CA ALA A 47 45.00 -26.11 8.95
C ALA A 47 44.49 -24.69 8.62
N LEU A 48 44.21 -24.39 7.34
CA LEU A 48 43.60 -23.09 6.99
C LEU A 48 42.15 -22.97 7.43
N SER A 49 41.38 -24.05 7.38
CA SER A 49 40.07 -24.08 8.05
C SER A 49 40.15 -23.87 9.56
N ALA A 50 41.15 -24.49 10.20
CA ALA A 50 41.40 -24.27 11.61
C ALA A 50 41.60 -22.78 11.84
N THR A 51 42.51 -22.18 11.07
CA THR A 51 42.69 -20.71 11.18
C THR A 51 41.38 -19.87 11.01
N MET A 52 40.56 -20.25 10.03
CA MET A 52 39.27 -19.61 9.74
C MET A 52 38.40 -19.58 11.00
N TYR A 53 38.39 -20.68 11.75
CA TYR A 53 37.56 -20.77 12.96
C TYR A 53 38.24 -20.27 14.22
N GLY A 54 39.50 -19.89 14.07
CA GLY A 54 40.29 -19.40 15.17
C GLY A 54 40.76 -20.47 16.14
N LEU A 55 40.95 -21.68 15.66
CA LEU A 55 41.34 -22.79 16.47
C LEU A 55 42.85 -22.79 16.68
N SER A 56 43.28 -23.36 17.81
CA SER A 56 44.70 -23.40 18.16
C SER A 56 45.05 -24.75 18.80
N GLN A 57 46.28 -24.89 19.33
CA GLN A 57 46.72 -26.12 20.00
C GLN A 57 45.75 -26.69 21.03
N LYS A 58 45.12 -25.83 21.84
CA LYS A 58 44.07 -26.27 22.81
C LYS A 58 42.94 -27.05 22.12
N ASP A 59 42.63 -26.68 20.88
CA ASP A 59 41.52 -27.31 20.12
C ASP A 59 41.96 -28.56 19.34
N ILE A 60 43.16 -28.52 18.76
CA ILE A 60 43.62 -29.48 17.76
C ILE A 60 44.57 -30.53 18.33
N GLY A 61 45.23 -30.21 19.46
CA GLY A 61 46.20 -31.09 20.09
C GLY A 61 47.61 -30.87 19.57
N GLN A 62 47.78 -29.91 18.68
CA GLN A 62 49.11 -29.55 18.20
C GLN A 62 49.02 -28.16 17.54
N VAL A 63 50.16 -27.52 17.36
CA VAL A 63 50.19 -26.16 16.78
C VAL A 63 50.03 -26.31 15.29
N ILE A 64 49.07 -25.57 14.74
CA ILE A 64 48.87 -25.61 13.28
C ILE A 64 49.00 -24.26 12.59
N SER A 65 49.37 -23.23 13.36
CA SER A 65 49.28 -21.85 12.94
C SER A 65 50.21 -21.48 11.76
N SER A 66 51.26 -22.26 11.52
CA SER A 66 52.03 -22.07 10.32
C SER A 66 52.06 -23.28 9.44
N ASP A 67 51.10 -24.16 9.62
CA ASP A 67 51.00 -25.33 8.75
C ASP A 67 50.26 -25.00 7.46
N MET A 68 50.55 -25.80 6.45
CA MET A 68 49.93 -25.72 5.17
C MET A 68 49.09 -27.00 4.94
N GLU A 69 48.16 -26.93 3.99
CA GLU A 69 47.38 -28.08 3.57
C GLU A 69 48.03 -28.69 2.32
N PHE A 70 48.02 -30.02 2.21
CA PHE A 70 48.54 -30.74 1.08
C PHE A 70 47.52 -31.72 0.57
N TYR A 71 47.58 -31.94 -0.72
CA TYR A 71 46.49 -32.56 -1.46
C TYR A 71 46.94 -33.70 -2.34
N SER A 72 48.04 -34.39 -2.01
CA SER A 72 48.51 -35.50 -2.87
C SER A 72 47.46 -36.64 -2.87
N PRO A 73 47.53 -37.57 -3.84
CA PRO A 73 46.70 -38.78 -3.74
C PRO A 73 46.79 -39.51 -2.42
N GLU A 74 47.98 -39.62 -1.83
CA GLU A 74 48.12 -40.33 -0.60
C GLU A 74 47.54 -39.51 0.56
N ASN A 75 47.71 -38.19 0.52
CA ASN A 75 47.13 -37.33 1.58
C ASN A 75 45.59 -37.52 1.62
N GLU A 76 44.98 -37.46 0.45
CA GLU A 76 43.53 -37.54 0.34
C GLU A 76 43.03 -38.92 0.70
N LYS A 77 43.73 -39.96 0.22
CA LYS A 77 43.37 -41.32 0.59
C LYS A 77 43.39 -41.54 2.12
N GLN A 78 44.44 -41.07 2.81
CA GLN A 78 44.59 -41.32 4.22
C GLN A 78 43.58 -40.52 5.03
N LEU A 79 43.31 -39.29 4.60
CA LEU A 79 42.37 -38.44 5.31
C LEU A 79 40.99 -39.13 5.27
N ARG A 80 40.55 -39.50 4.09
CA ARG A 80 39.23 -40.07 3.88
C ARG A 80 39.11 -41.43 4.61
N ALA A 81 40.14 -42.26 4.49
CA ALA A 81 40.10 -43.56 5.13
C ALA A 81 39.95 -43.47 6.63
N GLU A 82 40.64 -42.52 7.25
CA GLU A 82 40.51 -42.28 8.67
C GLU A 82 39.12 -41.82 9.09
N LEU A 83 38.59 -40.86 8.34
CA LEU A 83 37.26 -40.39 8.69
C LEU A 83 36.22 -41.47 8.45
N LEU A 84 36.35 -42.24 7.39
CA LEU A 84 35.38 -43.33 7.12
C LEU A 84 35.45 -44.42 8.24
N SER A 85 36.66 -44.73 8.69
CA SER A 85 36.86 -45.67 9.80
C SER A 85 36.19 -45.16 11.07
N ILE A 86 36.37 -43.87 11.32
CA ILE A 86 35.73 -43.26 12.47
C ILE A 86 34.19 -43.34 12.37
N SER A 87 33.64 -43.01 11.20
CA SER A 87 32.24 -43.05 10.95
C SER A 87 31.69 -44.43 11.21
N ASN A 88 32.35 -45.47 10.69
CA ASN A 88 31.87 -46.81 10.83
C ASN A 88 31.95 -47.28 12.32
N THR A 89 32.97 -46.87 13.05
CA THR A 89 33.13 -47.29 14.45
C THR A 89 32.02 -46.61 15.27
N ILE A 90 31.82 -45.31 15.00
CA ILE A 90 30.73 -44.55 15.68
C ILE A 90 29.40 -45.25 15.43
N ALA A 91 29.13 -45.64 14.20
CA ALA A 91 27.83 -46.19 13.85
C ALA A 91 27.53 -47.53 14.54
N GLY A 92 28.55 -48.30 14.88
CA GLY A 92 28.37 -49.62 15.43
C GLY A 92 28.19 -49.66 16.94
N ILE A 93 28.44 -48.54 17.62
CA ILE A 93 28.47 -48.55 19.09
C ILE A 93 27.03 -48.59 19.62
N LYS A 94 26.84 -49.43 20.64
CA LYS A 94 25.61 -49.58 21.39
C LYS A 94 25.56 -48.61 22.57
N LEU A 95 24.63 -47.68 22.57
CA LEU A 95 24.48 -46.76 23.69
C LEU A 95 23.64 -47.42 24.77
N ASP A 96 24.02 -47.32 26.03
CA ASP A 96 23.18 -47.90 27.10
C ASP A 96 22.13 -46.91 27.59
N ALA A 98 20.55 -43.96 26.86
CA ALA A 98 20.98 -42.58 26.64
C ALA A 98 19.79 -41.71 26.21
N ASP A 99 19.91 -40.42 26.50
CA ASP A 99 18.91 -39.45 26.08
C ASP A 99 18.88 -39.19 24.53
N ILE A 100 17.94 -38.36 24.10
CA ILE A 100 17.80 -38.13 22.67
C ILE A 100 19.07 -37.40 22.17
N THR A 101 19.63 -36.51 22.97
CA THR A 101 20.79 -35.72 22.53
C THR A 101 21.97 -36.64 22.29
N THR A 102 22.16 -37.62 23.18
CA THR A 102 23.30 -38.52 23.04
C THR A 102 23.11 -39.43 21.82
N LYS A 103 21.87 -39.83 21.59
CA LYS A 103 21.56 -40.58 20.39
C LYS A 103 21.73 -39.76 19.13
N ASN A 104 21.29 -38.52 19.20
CA ASN A 104 21.41 -37.66 18.02
C ASN A 104 22.92 -37.33 17.74
N ASN A 105 23.74 -37.14 18.78
CA ASN A 105 25.16 -36.95 18.57
C ASN A 105 25.76 -38.11 17.78
N GLN A 106 25.39 -39.34 18.11
CA GLN A 106 25.91 -40.50 17.41
C GLN A 106 25.52 -40.47 15.97
N GLN A 107 24.25 -40.25 15.69
CA GLN A 107 23.76 -40.24 14.32
C GLN A 107 24.35 -39.10 13.52
N VAL A 108 24.36 -37.90 14.08
CA VAL A 108 24.94 -36.76 13.40
C VAL A 108 26.44 -36.94 13.18
N MET A 109 27.16 -37.35 14.22
CA MET A 109 28.57 -37.47 14.03
C MET A 109 28.99 -38.60 13.07
N ALA A 110 28.28 -39.72 13.06
CA ALA A 110 28.52 -40.79 12.01
C ALA A 110 28.28 -40.18 10.63
N GLY A 111 27.23 -39.36 10.51
CA GLY A 111 26.90 -38.72 9.19
C GLY A 111 27.95 -37.72 8.77
N LEU A 112 28.41 -36.88 9.70
CA LEU A 112 29.38 -35.86 9.37
C LEU A 112 30.72 -36.44 9.01
N THR A 113 31.17 -37.50 9.73
CA THR A 113 32.43 -38.10 9.40
C THR A 113 32.35 -38.78 8.02
N ARG A 114 31.19 -39.37 7.70
CA ARG A 114 30.98 -39.90 6.34
C ARG A 114 30.92 -38.77 5.27
N TYR A 115 30.36 -37.64 5.62
CA TYR A 115 30.28 -36.51 4.71
C TYR A 115 31.70 -36.05 4.39
N PHE A 116 32.59 -35.97 5.37
CA PHE A 116 33.98 -35.59 5.10
C PHE A 116 34.87 -36.71 4.55
N ALA A 117 34.46 -37.97 4.69
CA ALA A 117 35.14 -39.06 3.99
C ALA A 117 34.83 -39.06 2.51
N GLY A 118 33.65 -38.58 2.12
CA GLY A 118 33.22 -38.63 0.73
C GLY A 118 32.71 -40.00 0.36
N GLU A 119 32.09 -40.07 -0.79
CA GLU A 119 31.55 -41.30 -1.32
C GLU A 119 32.70 -42.31 -1.44
N PRO A 120 32.57 -43.45 -0.77
CA PRO A 120 33.75 -44.28 -0.59
C PRO A 120 34.23 -44.96 -1.84
N ASN A 121 33.44 -44.94 -2.90
CA ASN A 121 33.92 -45.48 -4.19
C ASN A 121 34.50 -44.45 -5.14
N PHE A 122 34.52 -43.18 -4.72
CA PHE A 122 35.21 -42.14 -5.49
C PHE A 122 36.45 -41.62 -4.74
N ASN A 123 37.62 -41.78 -5.33
CA ASN A 123 38.83 -41.20 -4.79
C ASN A 123 39.23 -39.88 -5.41
N ILE A 124 38.42 -39.42 -6.37
CA ILE A 124 38.63 -38.17 -7.07
C ILE A 124 38.33 -36.92 -6.26
N GLY A 125 38.71 -35.78 -6.81
CA GLY A 125 38.41 -34.53 -6.14
C GLY A 125 39.19 -34.28 -4.87
N TYR A 126 38.58 -33.54 -3.94
CA TYR A 126 39.24 -33.22 -2.69
C TYR A 126 38.14 -33.00 -1.68
N ILE A 127 38.45 -33.19 -0.39
CA ILE A 127 37.49 -32.94 0.71
C ILE A 127 37.54 -31.49 1.15
N ASP A 128 36.41 -30.81 0.98
CA ASP A 128 36.24 -29.43 1.36
C ASP A 128 35.58 -29.39 2.78
N THR A 129 36.11 -28.56 3.70
CA THR A 129 35.54 -28.50 5.03
C THR A 129 34.17 -27.90 5.07
N TRP A 130 33.72 -27.28 3.98
CA TRP A 130 32.32 -26.84 3.84
C TRP A 130 31.49 -27.81 3.02
N MET A 131 31.94 -28.13 1.80
CA MET A 131 31.13 -28.85 0.83
C MET A 131 31.32 -30.34 0.84
N GLY A 132 32.20 -30.85 1.68
CA GLY A 132 32.55 -32.27 1.66
C GLY A 132 33.24 -32.62 0.36
N LEU A 133 32.89 -33.77 -0.22
CA LEU A 133 33.54 -34.18 -1.45
C LEU A 133 33.24 -33.17 -2.55
N SER A 134 34.29 -32.65 -3.18
CA SER A 134 34.15 -31.63 -4.18
C SER A 134 34.91 -32.16 -5.43
N PRO A 135 34.33 -32.00 -6.61
CA PRO A 135 34.85 -32.83 -7.75
C PRO A 135 36.09 -32.31 -8.44
N PHE A 136 36.34 -31.01 -8.43
CA PHE A 136 37.42 -30.40 -9.25
C PHE A 136 38.38 -29.61 -8.36
N ILE A 137 39.55 -30.21 -8.11
CA ILE A 137 40.49 -29.61 -7.13
C ILE A 137 40.93 -28.22 -7.59
N VAL A 138 41.03 -28.03 -8.92
CA VAL A 138 41.27 -26.72 -9.48
C VAL A 138 40.04 -26.35 -10.32
N ASN A 139 39.43 -25.23 -9.96
CA ASN A 139 38.23 -24.76 -10.61
C ASN A 139 38.18 -23.22 -10.49
N GLN A 140 37.17 -22.62 -11.07
CA GLN A 140 37.09 -21.16 -11.15
C GLN A 140 36.56 -20.42 -9.92
N ILE A 141 35.92 -21.10 -8.99
CA ILE A 141 35.16 -20.51 -7.91
C ILE A 141 35.77 -20.77 -6.54
N ASN A 142 36.24 -21.98 -6.24
CA ASN A 142 36.89 -22.26 -4.94
C ASN A 142 37.95 -23.34 -5.07
N GLY A 143 38.22 -24.06 -4.01
CA GLY A 143 39.34 -24.99 -4.00
C GLY A 143 40.54 -24.31 -3.36
N PRO A 144 41.59 -25.10 -3.06
CA PRO A 144 42.67 -24.60 -2.17
C PRO A 144 43.39 -23.38 -2.74
N LEU A 145 43.54 -23.27 -4.05
CA LEU A 145 44.29 -22.14 -4.62
C LEU A 145 43.51 -20.82 -4.59
N ILE A 146 42.23 -20.90 -4.31
CA ILE A 146 41.41 -19.70 -4.19
C ILE A 146 41.17 -19.49 -2.73
N ASP A 147 40.82 -20.55 -1.99
CA ASP A 147 40.47 -20.33 -0.57
C ASP A 147 41.64 -20.12 0.40
N ILE A 148 42.78 -20.73 0.16
CA ILE A 148 43.86 -20.58 1.13
C ILE A 148 44.34 -19.11 1.10
N PRO A 149 44.48 -18.49 -0.09
CA PRO A 149 44.82 -17.03 -0.05
C PRO A 149 43.77 -16.19 0.64
N ARG A 150 42.50 -16.52 0.43
CA ARG A 150 41.43 -15.78 1.12
C ARG A 150 41.51 -15.86 2.66
N VAL A 151 41.75 -17.07 3.17
CA VAL A 151 41.85 -17.26 4.63
C VAL A 151 43.05 -16.49 5.17
N MET A 152 44.16 -16.62 4.46
CA MET A 152 45.39 -15.98 4.90
C MET A 152 45.23 -14.45 4.93
N GLN A 153 44.45 -13.89 4.00
CA GLN A 153 44.36 -12.45 3.91
C GLN A 153 43.26 -11.91 4.80
N ASN A 154 42.30 -12.73 5.15
CA ASN A 154 41.16 -12.25 5.95
C ASN A 154 41.13 -12.70 7.37
N ASP A 155 41.41 -13.97 7.60
CA ASP A 155 41.15 -14.58 8.88
C ASP A 155 42.41 -14.79 9.71
N GLN A 156 43.56 -14.86 9.08
CA GLN A 156 44.78 -15.11 9.83
C GLN A 156 45.25 -13.86 10.54
N PRO A 157 45.42 -13.92 11.87
CA PRO A 157 45.80 -12.68 12.57
C PRO A 157 47.21 -12.26 12.25
N ILE A 158 47.46 -10.95 12.15
CA ILE A 158 48.81 -10.43 12.06
C ILE A 158 48.93 -9.30 13.06
N THR A 159 49.18 -9.64 14.33
CA THR A 159 49.17 -8.65 15.39
C THR A 159 50.45 -8.64 16.22
N THR A 160 51.42 -9.53 15.92
CA THR A 160 52.63 -9.74 16.69
C THR A 160 53.70 -10.22 15.72
N GLU A 161 54.95 -10.15 16.10
CA GLU A 161 56.04 -10.60 15.24
C GLU A 161 55.86 -12.10 14.94
N LYS A 162 55.46 -12.85 15.96
CA LYS A 162 55.30 -14.34 15.78
C LYS A 162 54.22 -14.63 14.73
N GLU A 163 53.10 -13.90 14.79
CA GLU A 163 52.04 -14.06 13.78
C GLU A 163 52.50 -13.62 12.40
N ALA A 164 53.32 -12.58 12.28
CA ALA A 164 53.86 -12.22 10.97
C ALA A 164 54.70 -13.34 10.41
N LEU A 165 55.48 -13.95 11.26
CA LEU A 165 56.37 -15.01 10.84
C LEU A 165 55.54 -16.26 10.45
N ASP A 166 54.44 -16.53 11.14
CA ASP A 166 53.54 -17.61 10.66
C ASP A 166 53.01 -17.45 9.21
N TYR A 167 52.75 -16.19 8.85
CA TYR A 167 52.28 -15.84 7.49
C TYR A 167 53.38 -16.10 6.47
N ILE A 168 54.62 -15.74 6.82
CA ILE A 168 55.76 -15.95 5.96
C ILE A 168 56.03 -17.43 5.72
N VAL A 169 56.00 -18.17 6.82
CA VAL A 169 56.24 -19.61 6.80
C VAL A 169 55.18 -20.32 5.93
N ARG A 170 53.94 -19.87 6.05
CA ARG A 170 52.87 -20.42 5.19
C ARG A 170 53.12 -20.16 3.72
N LEU A 171 53.45 -18.91 3.38
CA LEU A 171 53.77 -18.55 1.98
C LEU A 171 54.89 -19.39 1.39
N GLY A 172 55.90 -19.71 2.21
CA GLY A 172 57.04 -20.48 1.81
C GLY A 172 56.76 -21.90 1.48
N GLN A 173 55.56 -22.39 1.85
CA GLN A 173 55.19 -23.78 1.53
C GLN A 173 54.29 -23.91 0.31
N PHE A 174 54.15 -22.81 -0.44
CA PHE A 174 53.22 -22.84 -1.60
C PHE A 174 53.76 -23.70 -2.73
N ASP A 175 55.08 -23.95 -2.71
CA ASP A 175 55.61 -24.88 -3.69
C ASP A 175 55.08 -26.31 -3.50
N LYS A 176 55.07 -26.78 -2.26
CA LYS A 176 54.56 -28.11 -2.02
C LYS A 176 53.05 -28.11 -2.21
N LEU A 177 52.36 -27.05 -1.80
CA LEU A 177 50.91 -26.98 -2.04
C LEU A 177 50.61 -27.25 -3.52
N ALA A 178 51.28 -26.47 -4.37
CA ALA A 178 51.09 -26.58 -5.84
C ALA A 178 51.45 -27.95 -6.38
N ALA A 179 52.56 -28.53 -5.96
CA ALA A 179 52.99 -29.84 -6.52
C ALA A 179 51.98 -30.92 -6.12
N THR A 180 51.43 -30.86 -4.89
CA THR A 180 50.53 -31.92 -4.49
C THR A 180 49.19 -31.75 -5.24
N ILE A 181 48.73 -30.52 -5.44
CA ILE A 181 47.50 -30.19 -6.22
C ILE A 181 47.60 -30.72 -7.63
N ILE A 182 48.73 -30.47 -8.28
CA ILE A 182 48.96 -31.00 -9.61
C ILE A 182 48.98 -32.49 -9.62
N GLU A 183 49.63 -33.09 -8.63
CA GLU A 183 49.64 -34.55 -8.55
C GLU A 183 48.24 -35.14 -8.48
N LYS A 184 47.35 -34.52 -7.67
CA LYS A 184 45.96 -35.00 -7.55
C LYS A 184 45.14 -34.75 -8.82
N GLN A 185 45.29 -33.58 -9.44
CA GLN A 185 44.56 -33.27 -10.70
C GLN A 185 44.97 -34.28 -11.80
N THR A 186 46.26 -34.62 -11.77
CA THR A 186 46.81 -35.60 -12.75
C THR A 186 46.28 -36.98 -12.50
N ALA A 187 46.27 -37.40 -11.22
CA ALA A 187 45.69 -38.71 -10.82
C ALA A 187 44.24 -38.80 -11.26
N ASP A 188 43.45 -37.76 -10.99
CA ASP A 188 42.07 -37.78 -11.42
C ASP A 188 41.93 -37.84 -12.95
N ALA A 189 42.70 -37.05 -13.67
CA ALA A 189 42.70 -37.10 -15.13
C ALA A 189 43.12 -38.48 -15.69
N ALA A 190 43.95 -39.20 -14.96
CA ALA A 190 44.38 -40.55 -15.37
C ALA A 190 43.20 -41.54 -15.36
N GLN A 191 42.20 -41.25 -14.50
CA GLN A 191 40.94 -42.00 -14.43
C GLN A 191 39.83 -41.37 -15.26
N ASN A 192 40.16 -40.42 -16.13
CA ASN A 192 39.19 -39.72 -16.96
C ASN A 192 38.19 -38.86 -16.16
N TRP A 193 38.65 -38.40 -15.03
CA TRP A 193 37.86 -37.45 -14.26
C TRP A 193 38.54 -36.08 -14.36
N LEU A 194 37.91 -35.17 -15.11
CA LEU A 194 38.43 -33.81 -15.22
C LEU A 194 37.37 -32.80 -15.55
N PRO A 195 37.69 -31.53 -15.34
CA PRO A 195 36.61 -30.55 -15.47
C PRO A 195 36.19 -30.40 -16.94
N SER A 196 35.00 -29.87 -17.17
CA SER A 196 34.64 -29.35 -18.45
C SER A 196 35.60 -28.26 -18.89
N LYS A 197 35.64 -28.04 -20.21
CA LYS A 197 36.51 -26.97 -20.77
C LYS A 197 36.22 -25.63 -20.14
N VAL A 198 34.94 -25.30 -19.99
CA VAL A 198 34.50 -24.06 -19.38
C VAL A 198 35.06 -23.89 -17.95
N THR A 199 34.98 -24.96 -17.16
CA THR A 199 35.42 -24.92 -15.76
C THR A 199 36.93 -24.76 -15.72
N LEU A 200 37.65 -25.54 -16.52
CA LEU A 200 39.07 -25.42 -16.60
C LEU A 200 39.55 -24.05 -17.12
N GLN A 201 38.87 -23.49 -18.12
CA GLN A 201 39.22 -22.19 -18.66
C GLN A 201 39.01 -21.13 -17.59
N GLY A 202 37.95 -21.28 -16.78
CA GLY A 202 37.71 -20.31 -15.74
C GLY A 202 38.79 -20.39 -14.64
N ALA A 203 39.23 -21.62 -14.33
CA ALA A 203 40.36 -21.82 -13.39
C ALA A 203 41.66 -21.16 -13.93
N ILE A 204 41.96 -21.40 -15.19
CA ILE A 204 43.14 -20.79 -15.81
C ILE A 204 43.13 -19.28 -15.74
N LYS A 205 41.96 -18.69 -15.99
CA LYS A 205 41.84 -17.26 -16.01
C LYS A 205 42.16 -16.75 -14.60
N TYR A 206 41.66 -17.45 -13.59
CA TYR A 206 41.94 -17.07 -12.19
C TYR A 206 43.43 -17.15 -11.89
N LEU A 207 44.02 -18.29 -12.28
CA LEU A 207 45.43 -18.56 -11.98
C LEU A 207 46.36 -17.54 -12.70
N LYS A 208 46.03 -17.24 -13.96
CA LYS A 208 46.74 -16.17 -14.69
C LYS A 208 46.58 -14.81 -14.00
N GLY A 209 45.35 -14.48 -13.64
CA GLY A 209 45.04 -13.22 -12.97
C GLY A 209 45.81 -13.08 -11.65
N PHE A 210 46.03 -14.21 -10.99
CA PHE A 210 46.70 -14.21 -9.64
C PHE A 210 48.14 -13.66 -9.65
N THR A 211 48.87 -13.94 -10.72
CA THR A 211 50.25 -13.51 -10.91
C THR A 211 50.41 -12.47 -12.02
N SER A 212 49.33 -11.77 -12.38
CA SER A 212 49.40 -10.89 -13.54
C SER A 212 50.08 -9.55 -13.20
N GLY A 213 49.95 -9.11 -11.95
CA GLY A 213 50.64 -7.92 -11.47
C GLY A 213 51.96 -8.24 -10.86
N SER A 214 52.72 -7.21 -10.47
CA SER A 214 54.04 -7.50 -9.91
C SER A 214 53.85 -8.11 -8.53
N ALA A 215 54.82 -8.91 -8.14
CA ALA A 215 54.78 -9.57 -6.82
C ALA A 215 54.76 -8.53 -5.70
N GLU A 216 55.49 -7.41 -5.89
CA GLU A 216 55.61 -6.37 -4.86
C GLU A 216 54.30 -5.69 -4.61
N GLN A 217 53.36 -5.81 -5.56
CA GLN A 217 52.05 -5.20 -5.39
C GLN A 217 50.90 -6.21 -5.22
N HIS A 218 51.29 -7.44 -4.94
CA HIS A 218 50.30 -8.50 -4.81
C HIS A 218 49.47 -8.28 -3.53
N PRO A 219 48.20 -8.76 -3.54
CA PRO A 219 47.45 -8.60 -2.28
C PRO A 219 48.07 -9.26 -1.07
N PHE A 220 48.78 -10.35 -1.25
CA PHE A 220 49.47 -10.95 -0.09
C PHE A 220 50.37 -9.91 0.60
N VAL A 221 51.12 -9.14 -0.21
CA VAL A 221 51.96 -8.02 0.31
C VAL A 221 51.15 -6.85 0.85
N ASN A 222 50.19 -6.35 0.07
CA ASN A 222 49.42 -5.18 0.49
C ASN A 222 48.60 -5.39 1.77
N VAL A 223 47.98 -6.58 1.92
CA VAL A 223 47.32 -6.92 3.15
C VAL A 223 48.31 -6.96 4.29
N PHE A 224 49.44 -7.61 4.08
CA PHE A 224 50.41 -7.66 5.11
C PHE A 224 50.87 -6.22 5.51
N ARG A 225 51.05 -5.35 4.51
CA ARG A 225 51.49 -3.99 4.85
C ARG A 225 50.45 -3.28 5.72
N GLU A 226 49.17 -3.43 5.39
CA GLU A 226 48.13 -2.75 6.13
C GLU A 226 47.99 -3.25 7.55
N LYS A 227 48.10 -4.55 7.75
CA LYS A 227 48.02 -5.13 9.08
C LYS A 227 49.27 -4.91 9.92
N ILE A 228 50.45 -5.09 9.33
CA ILE A 228 51.68 -4.98 10.14
C ILE A 228 51.91 -3.53 10.60
N GLU A 229 51.38 -2.57 9.86
CA GLU A 229 51.48 -1.13 10.22
C GLU A 229 50.90 -0.85 11.58
N LYS A 230 49.88 -1.62 11.95
CA LYS A 230 49.17 -1.41 13.23
C LYS A 230 49.91 -1.97 14.44
N VAL A 231 50.98 -2.70 14.22
CA VAL A 231 51.63 -3.42 15.31
C VAL A 231 52.68 -2.56 16.03
N ASP A 232 52.30 -2.10 17.21
CA ASP A 232 53.17 -1.13 17.95
C ASP A 232 54.41 -1.73 18.57
N SER A 233 54.44 -3.04 18.75
CA SER A 233 55.58 -3.72 19.37
C SER A 233 56.71 -3.91 18.33
N LEU A 234 56.54 -3.46 17.09
CA LEU A 234 57.60 -3.56 16.10
C LEU A 234 58.01 -2.16 15.73
N THR A 235 59.31 -1.94 15.63
CA THR A 235 59.84 -0.72 15.06
C THR A 235 59.52 -0.65 13.55
N THR A 236 59.61 0.56 12.98
CA THR A 236 59.35 0.72 11.55
C THR A 236 60.35 -0.10 10.74
N GLU A 237 61.61 -0.14 11.18
CA GLU A 237 62.60 -0.95 10.43
C GLU A 237 62.24 -2.46 10.46
N GLN A 238 61.72 -2.90 11.60
CA GLN A 238 61.40 -4.32 11.78
C GLN A 238 60.22 -4.65 10.90
N LYS A 239 59.26 -3.74 10.82
CA LYS A 239 58.11 -3.88 9.90
C LYS A 239 58.57 -3.94 8.46
N GLN A 240 59.52 -3.09 8.08
CA GLN A 240 60.05 -3.10 6.70
C GLN A 240 60.72 -4.40 6.39
N SER A 241 61.51 -4.91 7.31
CA SER A 241 62.18 -6.19 7.08
C SER A 241 61.18 -7.33 6.86
N LEU A 242 60.13 -7.34 7.66
CA LEU A 242 59.10 -8.41 7.46
C LEU A 242 58.37 -8.26 6.08
N ILE A 243 58.07 -7.04 5.67
CA ILE A 243 57.44 -6.80 4.38
C ILE A 243 58.35 -7.32 3.25
N THR A 244 59.65 -7.05 3.35
CA THR A 244 60.59 -7.58 2.39
C THR A 244 60.60 -9.09 2.32
N GLN A 245 60.50 -9.72 3.48
CA GLN A 245 60.43 -11.17 3.57
C GLN A 245 59.15 -11.73 2.91
N VAL A 246 58.06 -11.02 3.05
CA VAL A 246 56.80 -11.39 2.42
C VAL A 246 56.92 -11.26 0.94
N ILE A 247 57.48 -10.14 0.46
CA ILE A 247 57.69 -9.95 -0.96
C ILE A 247 58.56 -11.03 -1.55
N ALA A 248 59.61 -11.42 -0.84
CA ALA A 248 60.48 -12.49 -1.27
C ALA A 248 59.74 -13.82 -1.42
N LYS A 249 58.92 -14.20 -0.45
CA LYS A 249 58.16 -15.44 -0.63
C LYS A 249 57.19 -15.38 -1.80
N VAL A 250 56.54 -14.25 -1.96
CA VAL A 250 55.51 -14.11 -3.01
C VAL A 250 56.22 -14.26 -4.35
N SER A 251 57.35 -13.56 -4.52
CA SER A 251 58.10 -13.56 -5.78
C SER A 251 58.73 -14.88 -6.05
N GLN A 252 59.35 -15.44 -5.03
CA GLN A 252 60.16 -16.62 -5.25
C GLN A 252 59.44 -17.97 -5.13
N VAL A 253 58.36 -17.97 -4.34
CA VAL A 253 57.68 -19.23 -4.04
C VAL A 253 56.23 -19.20 -4.62
N VAL A 254 55.45 -18.18 -4.26
CA VAL A 254 54.04 -18.15 -4.66
C VAL A 254 53.87 -18.06 -6.13
N TYR A 255 54.60 -17.11 -6.76
CA TYR A 255 54.43 -16.87 -8.20
C TYR A 255 54.75 -18.10 -9.05
N PRO A 256 55.92 -18.72 -8.87
CA PRO A 256 56.18 -19.93 -9.62
C PRO A 256 55.20 -21.11 -9.32
N ALA A 257 54.68 -21.17 -8.08
CA ALA A 257 53.73 -22.23 -7.71
C ALA A 257 52.45 -22.05 -8.56
N TYR A 258 51.88 -20.84 -8.60
CA TYR A 258 50.66 -20.58 -9.38
C TYR A 258 50.90 -20.78 -10.86
N GLN A 259 52.05 -20.35 -11.31
CA GLN A 259 52.40 -20.52 -12.72
C GLN A 259 52.46 -21.99 -13.10
N SER A 260 53.00 -22.79 -12.22
CA SER A 260 53.06 -24.24 -12.33
C SER A 260 51.67 -24.85 -12.57
N VAL A 261 50.75 -24.47 -11.69
CA VAL A 261 49.38 -25.02 -11.82
C VAL A 261 48.65 -24.55 -13.07
N GLU A 262 48.84 -23.27 -13.41
CA GLU A 262 48.31 -22.70 -14.62
C GLU A 262 48.73 -23.53 -15.83
N LYS A 263 50.02 -23.83 -15.91
CA LYS A 263 50.56 -24.59 -17.03
C LYS A 263 49.99 -26.00 -17.04
N ALA A 264 49.95 -26.66 -15.88
CA ALA A 264 49.37 -28.01 -15.81
C ALA A 264 47.91 -28.05 -16.29
N SER A 265 47.13 -27.06 -15.85
CA SER A 265 45.75 -26.95 -16.22
C SER A 265 45.61 -26.71 -17.72
N GLU A 266 46.44 -25.81 -18.26
CA GLU A 266 46.51 -25.64 -19.72
C GLU A 266 46.76 -26.96 -20.48
N GLN A 267 47.70 -27.79 -20.02
CA GLN A 267 47.92 -29.14 -20.58
C GLN A 267 46.67 -30.01 -20.63
N LEU A 268 45.79 -29.86 -19.65
CA LEU A 268 44.56 -30.65 -19.61
C LEU A 268 43.39 -30.20 -20.50
N LEU A 269 43.46 -28.98 -21.01
CA LEU A 269 42.38 -28.41 -21.82
C LEU A 269 41.98 -29.24 -23.00
N SER A 270 42.93 -29.90 -23.64
CA SER A 270 42.55 -30.68 -24.81
C SER A 270 41.78 -31.95 -24.48
N GLU A 271 41.94 -32.48 -23.26
CA GLU A 271 41.23 -33.67 -22.82
C GLU A 271 39.91 -33.28 -22.12
N ALA A 272 39.82 -32.03 -21.69
CA ALA A 272 38.65 -31.56 -20.93
C ALA A 272 37.39 -31.68 -21.79
N ARG A 273 36.23 -31.92 -21.18
CA ARG A 273 35.08 -32.21 -22.05
C ARG A 273 34.28 -30.97 -22.44
N SER A 274 33.62 -31.03 -23.59
CA SER A 274 32.71 -29.95 -23.95
C SER A 274 31.39 -30.05 -23.19
N GLU A 275 31.00 -31.26 -22.78
CA GLU A 275 29.80 -31.41 -21.98
C GLU A 275 29.85 -30.65 -20.62
N SER A 276 28.73 -30.12 -20.22
CA SER A 276 28.65 -29.24 -19.05
C SER A 276 28.38 -29.93 -17.73
N GLY A 277 27.61 -31.00 -17.75
CA GLY A 277 27.18 -31.60 -16.50
C GLY A 277 28.02 -32.79 -16.06
N ILE A 278 27.85 -33.14 -14.81
CA ILE A 278 28.63 -34.20 -14.16
C ILE A 278 28.30 -35.61 -14.68
N TRP A 279 27.16 -35.78 -15.32
CA TRP A 279 26.77 -37.06 -15.94
C TRP A 279 27.86 -37.52 -16.94
N ALA A 280 28.62 -36.57 -17.45
CA ALA A 280 29.63 -36.91 -18.55
C ALA A 280 30.93 -37.50 -17.99
N GLN A 281 31.07 -37.47 -16.66
CA GLN A 281 32.18 -38.12 -16.01
C GLN A 281 31.90 -39.61 -15.88
N PRO A 282 32.95 -40.45 -15.77
CA PRO A 282 32.72 -41.86 -15.46
C PRO A 282 32.04 -42.03 -14.13
N LYS A 283 30.92 -42.75 -14.13
CA LYS A 283 30.09 -42.94 -12.96
C LYS A 283 29.52 -41.58 -12.46
N GLY A 284 29.35 -40.61 -13.36
CA GLY A 284 28.92 -39.25 -12.96
C GLY A 284 27.52 -39.28 -12.39
N SER A 285 26.67 -40.21 -12.87
CA SER A 285 25.30 -40.25 -12.36
C SER A 285 25.20 -40.76 -10.94
N VAL A 286 26.07 -41.70 -10.64
CA VAL A 286 26.18 -42.17 -9.29
C VAL A 286 26.76 -41.09 -8.39
N TYR A 287 27.76 -40.37 -8.85
CA TYR A 287 28.26 -39.23 -8.12
C TYR A 287 27.17 -38.21 -7.76
N TYR A 288 26.35 -37.90 -8.77
CA TYR A 288 25.30 -36.90 -8.60
C TYR A 288 24.27 -37.36 -7.61
N GLN A 289 23.91 -38.65 -7.64
CA GLN A 289 22.94 -39.15 -6.64
C GLN A 289 23.50 -39.01 -5.19
N ASP A 290 24.77 -39.23 -5.02
CA ASP A 290 25.45 -38.93 -3.77
C ASP A 290 25.47 -37.45 -3.39
N ALA A 291 25.68 -36.60 -4.38
CA ALA A 291 25.61 -35.16 -4.14
C ALA A 291 24.24 -34.73 -3.70
N ILE A 292 23.21 -35.31 -4.27
CA ILE A 292 21.85 -35.01 -3.85
C ILE A 292 21.62 -35.40 -2.40
N LYS A 293 22.14 -36.59 -2.03
CA LYS A 293 22.06 -36.99 -0.61
C LYS A 293 22.84 -36.03 0.33
N GLN A 294 24.08 -35.70 -0.03
CA GLN A 294 24.94 -34.94 0.87
C GLN A 294 24.63 -33.45 0.90
N LEU A 295 24.31 -32.90 -0.25
CA LEU A 295 24.11 -31.45 -0.38
C LEU A 295 22.64 -31.03 -0.50
N GLY A 296 21.79 -31.91 -1.03
CA GLY A 296 20.37 -31.66 -0.98
C GLY A 296 19.62 -32.27 0.14
N ASP A 297 20.29 -33.14 0.91
CA ASP A 297 19.71 -33.96 1.97
C ASP A 297 18.39 -34.63 1.52
N SER A 298 18.46 -35.27 0.36
CA SER A 298 17.33 -35.88 -0.22
C SER A 298 17.70 -37.24 -0.85
N GLU A 299 16.70 -38.11 -0.90
CA GLU A 299 16.84 -39.38 -1.66
C GLU A 299 15.92 -39.38 -2.89
N LEU A 300 15.30 -38.25 -3.19
CA LEU A 300 14.52 -38.14 -4.39
C LEU A 300 15.45 -38.26 -5.61
N SER A 301 14.85 -38.71 -6.72
CA SER A 301 15.51 -38.72 -7.98
C SER A 301 15.64 -37.32 -8.56
N PRO A 302 16.62 -37.13 -9.46
CA PRO A 302 16.83 -35.88 -10.17
C PRO A 302 15.56 -35.51 -10.91
N THR A 303 14.86 -36.48 -11.50
CA THR A 303 13.53 -36.21 -12.09
C THR A 303 12.49 -35.63 -11.13
N GLN A 304 12.35 -36.19 -9.93
CA GLN A 304 11.40 -35.64 -8.95
C GLN A 304 11.78 -34.22 -8.48
N ILE A 305 13.08 -34.01 -8.26
CA ILE A 305 13.58 -32.72 -7.80
C ILE A 305 13.34 -31.66 -8.90
N HIS A 306 13.64 -32.03 -10.15
CA HIS A 306 13.37 -31.16 -11.31
C HIS A 306 11.95 -30.72 -11.36
N GLN A 307 11.03 -31.67 -11.14
CA GLN A 307 9.60 -31.35 -11.15
C GLN A 307 9.17 -30.50 -10.00
N ILE A 308 9.76 -30.69 -8.83
CA ILE A 308 9.46 -29.82 -7.71
C ILE A 308 9.92 -28.40 -8.09
N GLY A 309 11.08 -28.29 -8.71
CA GLY A 309 11.53 -27.01 -9.24
C GLY A 309 10.56 -26.36 -10.21
N LEU A 310 10.12 -27.07 -11.19
CA LEU A 310 9.17 -26.55 -12.15
C LEU A 310 7.89 -26.10 -11.48
N ASP A 311 7.35 -26.89 -10.54
CA ASP A 311 6.14 -26.48 -9.86
C ASP A 311 6.31 -25.26 -9.01
N GLU A 312 7.45 -25.17 -8.35
CA GLU A 312 7.72 -23.96 -7.52
C GLU A 312 7.90 -22.68 -8.38
N VAL A 313 8.54 -22.82 -9.53
CA VAL A 313 8.72 -21.68 -10.45
C VAL A 313 7.36 -21.21 -10.87
N ALA A 314 6.44 -22.12 -11.20
CA ALA A 314 5.12 -21.74 -11.66
C ALA A 314 4.41 -21.04 -10.53
N ARG A 315 4.53 -21.58 -9.31
CA ARG A 315 3.76 -21.06 -8.17
C ARG A 315 4.21 -19.64 -7.83
N ILE A 316 5.52 -19.49 -7.70
CA ILE A 316 6.09 -18.19 -7.22
C ILE A 316 5.89 -17.11 -8.29
N SER A 317 6.13 -17.46 -9.54
CA SER A 317 5.88 -16.57 -10.69
C SER A 317 4.46 -16.05 -10.67
N GLY A 318 3.53 -16.97 -10.43
CA GLY A 318 2.11 -16.61 -10.38
C GLY A 318 1.76 -15.64 -9.29
N VAL A 319 2.41 -15.81 -8.15
CA VAL A 319 2.26 -14.87 -7.05
C VAL A 319 2.80 -13.49 -7.42
N MET A 320 4.03 -13.45 -7.87
CA MET A 320 4.67 -12.21 -8.31
C MET A 320 3.82 -11.50 -9.37
N ASN A 321 3.28 -12.24 -10.36
CA ASN A 321 2.36 -11.61 -11.35
C ASN A 321 1.22 -10.83 -10.69
N GLU A 322 0.60 -11.39 -9.66
CA GLU A 322 -0.49 -10.70 -9.02
C GLU A 322 -0.10 -9.38 -8.35
N ILE A 323 1.04 -9.42 -7.69
CA ILE A 323 1.53 -8.22 -7.04
C ILE A 323 1.89 -7.17 -8.09
N LEU A 324 2.61 -7.59 -9.16
CA LEU A 324 2.93 -6.72 -10.26
C LEU A 324 1.72 -6.03 -10.88
N LEU A 325 0.69 -6.81 -11.19
CA LEU A 325 -0.50 -6.28 -11.78
C LEU A 325 -1.08 -5.19 -10.88
N ALA A 326 -1.08 -5.42 -9.57
CA ALA A 326 -1.66 -4.51 -8.65
C ALA A 326 -0.88 -3.16 -8.59
N GLN A 327 0.38 -3.20 -8.94
CA GLN A 327 1.22 -1.99 -9.06
C GLN A 327 1.15 -1.34 -10.41
N GLY A 328 0.43 -1.97 -11.36
CA GLY A 328 0.27 -1.40 -12.69
C GLY A 328 1.24 -1.92 -13.75
N TYR A 329 1.93 -3.00 -13.42
CA TYR A 329 2.92 -3.62 -14.29
C TYR A 329 2.30 -4.87 -14.89
N THR A 330 1.74 -4.72 -16.11
CA THR A 330 0.81 -5.69 -16.60
C THR A 330 1.31 -6.32 -17.92
N LYS A 331 2.40 -5.84 -18.46
CA LYS A 331 2.90 -6.33 -19.80
C LYS A 331 4.14 -7.18 -19.62
N GLY A 332 4.13 -8.33 -20.27
CA GLY A 332 5.32 -9.17 -20.42
C GLY A 332 5.43 -10.18 -19.28
N THR A 333 6.51 -10.94 -19.33
CA THR A 333 6.74 -11.97 -18.33
C THR A 333 7.08 -11.31 -17.00
N VAL A 334 7.00 -12.11 -15.93
CA VAL A 334 7.46 -11.63 -14.64
C VAL A 334 8.94 -11.13 -14.73
N GLY A 335 9.78 -11.90 -15.41
CA GLY A 335 11.14 -11.52 -15.59
C GLY A 335 11.36 -10.21 -16.31
N GLU A 336 10.61 -10.01 -17.39
CA GLU A 336 10.69 -8.78 -18.11
C GLU A 336 10.33 -7.62 -17.24
N ARG A 337 9.30 -7.82 -16.42
CA ARG A 337 8.84 -6.74 -15.55
C ARG A 337 9.89 -6.40 -14.48
N MET A 338 10.54 -7.41 -13.92
CA MET A 338 11.58 -7.17 -12.95
C MET A 338 12.80 -6.46 -13.55
N VAL A 339 13.13 -6.82 -14.80
CA VAL A 339 14.18 -6.08 -15.54
C VAL A 339 13.84 -4.62 -15.72
N ALA A 340 12.58 -4.33 -16.07
CA ALA A 340 12.10 -2.98 -16.23
C ALA A 340 12.19 -2.21 -14.91
N LEU A 341 11.83 -2.83 -13.80
CA LEU A 341 11.89 -2.13 -12.55
C LEU A 341 13.34 -1.80 -12.23
N ASN A 342 14.27 -2.71 -12.53
CA ASN A 342 15.67 -2.48 -12.19
C ASN A 342 16.23 -1.26 -12.96
N GLU A 343 15.53 -0.75 -13.97
CA GLU A 343 15.97 0.42 -14.71
C GLU A 343 15.47 1.71 -14.14
N GLU A 344 14.53 1.67 -13.18
CA GLU A 344 13.95 2.90 -12.74
C GLU A 344 14.74 3.62 -11.68
N PRO A 345 14.81 4.96 -11.78
CA PRO A 345 15.67 5.62 -10.87
C PRO A 345 15.33 5.48 -9.38
N ARG A 346 14.05 5.31 -9.04
CA ARG A 346 13.68 5.17 -7.68
C ARG A 346 14.31 3.91 -7.04
N PHE A 347 14.77 2.97 -7.85
CA PHE A 347 15.32 1.68 -7.38
C PHE A 347 16.84 1.61 -7.46
N LEU A 348 17.50 2.72 -7.77
CA LEU A 348 18.97 2.70 -8.02
C LEU A 348 19.66 3.68 -7.12
N TYR A 349 20.65 3.21 -6.36
CA TYR A 349 21.55 4.09 -5.69
C TYR A 349 22.46 4.76 -6.68
N GLU A 350 22.88 5.96 -6.35
CA GLU A 350 23.78 6.71 -7.20
C GLU A 350 25.13 5.99 -7.29
N ASP A 351 25.78 6.01 -8.47
CA ASP A 351 27.11 5.42 -8.54
C ASP A 351 28.17 6.44 -8.06
N SER A 352 28.32 6.53 -6.74
CA SER A 352 29.14 7.57 -6.10
C SER A 352 29.45 7.08 -4.72
N ILE A 353 30.37 7.75 -4.08
CA ILE A 353 30.60 7.52 -2.64
C ILE A 353 29.30 7.67 -1.78
N ALA A 354 28.48 8.67 -2.07
CA ALA A 354 27.29 8.92 -1.27
C ALA A 354 26.28 7.79 -1.51
N GLY A 355 26.21 7.29 -2.73
CA GLY A 355 25.21 6.26 -3.03
C GLY A 355 25.60 4.97 -2.30
N ARG A 356 26.89 4.64 -2.31
CA ARG A 356 27.35 3.50 -1.57
C ARG A 356 27.15 3.67 -0.06
N GLU A 357 27.39 4.88 0.47
CA GLU A 357 27.06 5.14 1.85
C GLU A 357 25.60 4.97 2.20
N GLU A 358 24.73 5.34 1.27
CA GLU A 358 23.29 5.16 1.45
C GLU A 358 22.94 3.69 1.51
N LEU A 359 23.47 2.89 0.58
CA LEU A 359 23.26 1.49 0.60
C LEU A 359 23.67 0.87 1.93
N LEU A 360 24.88 1.21 2.40
CA LEU A 360 25.38 0.64 3.65
C LEU A 360 24.56 1.07 4.87
N SER A 361 24.09 2.32 4.87
CA SER A 361 23.22 2.81 5.95
C SER A 361 21.90 2.10 5.94
N ASP A 362 21.38 1.92 4.74
CA ASP A 362 20.11 1.17 4.61
C ASP A 362 20.22 -0.25 5.15
N ILE A 363 21.28 -0.96 4.75
CA ILE A 363 21.55 -2.30 5.29
C ILE A 363 21.61 -2.34 6.79
N ASN A 364 22.37 -1.43 7.38
CA ASN A 364 22.51 -1.39 8.79
C ASN A 364 21.16 -1.12 9.48
N GLY A 365 20.34 -0.24 8.92
CA GLY A 365 19.02 0.00 9.42
C GLY A 365 18.12 -1.22 9.32
N TYR A 366 18.23 -1.96 8.24
CA TYR A 366 17.42 -3.16 8.10
C TYR A 366 17.74 -4.17 9.20
N ILE A 367 19.04 -4.38 9.46
CA ILE A 367 19.49 -5.35 10.50
C ILE A 367 18.95 -4.93 11.84
N THR A 368 19.09 -3.64 12.19
CA THR A 368 18.66 -3.15 13.49
C THR A 368 17.15 -3.37 13.69
N GLU A 369 16.37 -2.97 12.67
CA GLU A 369 14.93 -3.08 12.77
C GLU A 369 14.49 -4.54 12.91
N VAL A 370 14.94 -5.43 12.05
CA VAL A 370 14.44 -6.81 12.08
C VAL A 370 14.86 -7.50 13.38
N THR A 371 16.06 -7.20 13.88
CA THR A 371 16.56 -7.92 15.04
C THR A 371 15.73 -7.57 16.24
N ALA A 372 15.27 -6.33 16.28
CA ALA A 372 14.37 -5.88 17.33
C ALA A 372 12.97 -6.46 17.19
N LYS A 373 12.42 -6.37 16.01
CA LYS A 373 11.06 -6.77 15.77
C LYS A 373 10.89 -8.27 15.80
N MET A 374 11.96 -9.05 15.53
CA MET A 374 11.87 -10.48 15.48
C MET A 374 11.93 -11.17 16.85
N ALA A 375 12.25 -10.41 17.91
CA ALA A 375 12.50 -10.95 19.25
C ALA A 375 11.34 -11.84 19.78
N PRO A 376 10.05 -11.50 19.51
CA PRO A 376 9.00 -12.37 20.07
C PRO A 376 9.03 -13.79 19.59
N VAL A 377 9.55 -14.04 18.40
CA VAL A 377 9.66 -15.38 17.87
C VAL A 377 11.09 -15.92 17.70
N PHE A 378 12.06 -15.12 18.17
CA PHE A 378 13.44 -15.55 18.20
C PHE A 378 13.99 -15.10 19.56
N ARG A 379 13.64 -15.89 20.56
CA ARG A 379 13.73 -15.43 21.92
C ARG A 379 15.14 -15.69 22.54
N THR A 380 15.98 -16.44 21.86
CA THR A 380 17.36 -16.72 22.31
C THR A 380 18.33 -15.94 21.39
N THR A 381 19.02 -14.98 21.95
CA THR A 381 19.98 -14.13 21.22
C THR A 381 21.35 -14.76 21.26
N PRO A 382 21.97 -14.92 20.11
CA PRO A 382 23.30 -15.53 20.11
C PRO A 382 24.34 -14.56 20.68
N SER A 383 25.48 -15.09 21.13
CA SER A 383 26.49 -14.26 21.81
C SER A 383 27.47 -13.50 20.85
N TYR A 384 27.16 -13.46 19.54
CA TYR A 384 27.97 -12.85 18.52
C TYR A 384 27.15 -11.80 17.77
N GLN A 385 27.74 -10.62 17.54
CA GLN A 385 27.04 -9.55 16.85
C GLN A 385 27.60 -9.48 15.45
N VAL A 386 26.74 -9.40 14.45
CA VAL A 386 27.18 -9.34 13.08
C VAL A 386 27.69 -7.95 12.69
N GLU A 387 28.61 -7.94 11.76
CA GLU A 387 29.13 -6.70 11.20
C GLU A 387 28.98 -6.73 9.67
N VAL A 388 28.82 -5.55 9.09
CA VAL A 388 28.67 -5.44 7.62
C VAL A 388 29.96 -4.86 7.02
N LYS A 389 30.51 -5.48 5.95
CA LYS A 389 31.69 -5.01 5.21
C LYS A 389 31.45 -5.11 3.71
N SER A 390 32.05 -4.20 2.95
CA SER A 390 32.00 -4.29 1.50
C SER A 390 33.14 -5.19 1.07
N PHE A 391 32.98 -5.95 0.00
CA PHE A 391 34.10 -6.63 -0.57
C PHE A 391 35.13 -5.60 -1.03
N PRO A 392 36.42 -5.88 -0.79
CA PRO A 392 37.47 -4.94 -1.24
C PRO A 392 37.45 -4.82 -2.76
N VAL A 393 37.95 -3.68 -3.26
CA VAL A 393 37.93 -3.38 -4.70
C VAL A 393 38.69 -4.45 -5.50
N GLU A 394 39.73 -5.02 -4.90
CA GLU A 394 40.53 -6.08 -5.53
C GLU A 394 39.82 -7.35 -5.78
N VAL A 395 38.77 -7.65 -5.00
CA VAL A 395 38.12 -8.93 -5.17
C VAL A 395 36.69 -8.82 -5.68
N GLN A 396 36.17 -7.60 -5.80
CA GLN A 396 34.74 -7.42 -6.03
C GLN A 396 34.30 -7.89 -7.42
N ASP A 397 35.21 -7.89 -8.42
CA ASP A 397 34.81 -8.33 -9.75
C ASP A 397 34.45 -9.79 -9.75
N GLY A 398 35.15 -10.63 -9.06
CA GLY A 398 34.70 -12.06 -9.03
C GLY A 398 33.79 -12.47 -7.88
N ALA A 399 33.48 -11.55 -6.97
CA ALA A 399 32.79 -11.93 -5.72
C ALA A 399 31.29 -12.00 -5.94
N PRO A 400 30.62 -12.78 -5.10
CA PRO A 400 29.19 -12.79 -5.13
C PRO A 400 28.58 -11.45 -4.72
N GLY A 401 27.28 -11.33 -4.98
CA GLY A 401 26.48 -10.14 -4.57
C GLY A 401 26.54 -9.91 -3.07
N GLY A 402 26.44 -11.00 -2.32
CA GLY A 402 26.59 -10.96 -0.85
C GLY A 402 27.07 -12.29 -0.32
N GLN A 403 27.55 -12.31 0.94
CA GLN A 403 28.06 -13.57 1.49
C GLN A 403 28.09 -13.35 3.00
N TYR A 404 28.08 -14.44 3.75
CA TYR A 404 28.24 -14.35 5.19
C TYR A 404 29.43 -15.22 5.53
N THR A 405 30.31 -14.69 6.34
CA THR A 405 31.42 -15.49 6.97
C THR A 405 31.27 -15.61 8.44
N SER A 406 31.42 -16.84 8.93
CA SER A 406 31.23 -17.12 10.37
C SER A 406 32.20 -16.38 11.28
N PRO A 407 31.76 -16.06 12.49
CA PRO A 407 32.77 -15.61 13.47
C PRO A 407 33.81 -16.71 13.80
N ALA A 408 34.94 -16.29 14.32
CA ALA A 408 35.83 -17.24 15.00
C ALA A 408 35.09 -17.71 16.26
N VAL A 409 35.33 -18.94 16.67
CA VAL A 409 34.63 -19.52 17.81
C VAL A 409 34.71 -18.59 19.01
N ASP A 410 35.88 -17.97 19.21
CA ASP A 410 36.05 -17.09 20.40
C ASP A 410 35.55 -15.70 20.26
N GLY A 411 35.02 -15.32 19.12
CA GLY A 411 34.41 -14.03 19.06
C GLY A 411 35.39 -12.90 18.69
N SER A 412 36.68 -13.21 18.65
CA SER A 412 37.69 -12.21 18.34
C SER A 412 37.60 -11.64 16.92
N LYS A 413 37.10 -12.43 15.98
CA LYS A 413 36.79 -11.92 14.64
C LYS A 413 35.27 -12.17 14.49
N PRO A 414 34.48 -11.13 14.08
CA PRO A 414 33.02 -11.13 14.10
C PRO A 414 32.47 -11.91 12.95
N GLY A 415 31.19 -12.31 13.00
CA GLY A 415 30.57 -12.74 11.77
C GLY A 415 30.35 -11.55 10.88
N ILE A 416 30.54 -11.73 9.58
CA ILE A 416 30.44 -10.61 8.62
C ILE A 416 29.52 -10.91 7.47
N TYR A 417 28.63 -9.96 7.24
CA TYR A 417 27.81 -9.85 6.07
C TYR A 417 28.60 -8.98 5.09
N TRP A 418 29.08 -9.64 4.05
CA TRP A 418 29.77 -9.00 2.98
C TRP A 418 28.82 -8.59 1.87
N ILE A 419 28.97 -7.34 1.44
CA ILE A 419 28.17 -6.80 0.33
C ILE A 419 29.05 -6.34 -0.83
N ASN A 420 28.65 -6.67 -2.08
CA ASN A 420 29.42 -6.25 -3.27
C ASN A 420 28.94 -4.90 -3.78
N LEU A 421 29.76 -3.87 -3.62
CA LEU A 421 29.41 -2.54 -4.08
C LEU A 421 29.94 -2.18 -5.47
N ARG A 422 30.38 -3.19 -6.24
CA ARG A 422 30.96 -2.86 -7.54
C ARG A 422 30.01 -2.10 -8.47
N ASP A 423 28.77 -2.60 -8.58
CA ASP A 423 27.84 -2.09 -9.58
C ASP A 423 26.47 -1.80 -8.93
N MET A 424 26.07 -0.52 -8.98
CA MET A 424 24.81 -0.16 -8.33
C MET A 424 23.62 -0.83 -9.07
N LYS A 425 23.78 -1.10 -10.37
CA LYS A 425 22.69 -1.72 -11.13
C LYS A 425 22.43 -3.15 -10.65
N ALA A 426 23.43 -3.76 -10.03
CA ALA A 426 23.37 -5.09 -9.46
C ALA A 426 22.81 -5.10 -8.01
N ASN A 427 22.54 -3.91 -7.49
CA ASN A 427 22.01 -3.68 -6.13
C ASN A 427 20.73 -2.89 -6.12
N PRO A 428 19.75 -3.32 -6.93
CA PRO A 428 18.51 -2.57 -6.93
C PRO A 428 17.95 -2.47 -5.51
N LYS A 429 17.37 -1.34 -5.18
CA LYS A 429 16.90 -1.16 -3.84
C LYS A 429 15.92 -2.22 -3.36
N PHE A 430 15.10 -2.70 -4.27
CA PHE A 430 14.02 -3.69 -3.93
C PHE A 430 14.55 -5.09 -3.61
N GLY A 431 15.85 -5.32 -3.83
CA GLY A 431 16.44 -6.61 -3.49
C GLY A 431 17.29 -6.68 -2.23
N LEU A 432 17.52 -5.52 -1.62
CA LEU A 432 18.44 -5.46 -0.51
C LEU A 432 17.91 -5.98 0.82
N LYS A 433 16.63 -5.77 1.13
CA LYS A 433 16.10 -6.29 2.38
C LYS A 433 16.23 -7.81 2.40
N THR A 434 15.80 -8.49 1.31
CA THR A 434 15.80 -9.94 1.38
C THR A 434 17.22 -10.50 1.52
N LEU A 435 18.16 -9.85 0.82
CA LEU A 435 19.58 -10.27 0.90
C LEU A 435 20.07 -10.11 2.33
N THR A 436 19.65 -9.00 2.94
CA THR A 436 20.12 -8.65 4.26
C THR A 436 19.54 -9.61 5.34
N TYR A 437 18.27 -10.01 5.15
CA TYR A 437 17.71 -11.02 6.01
C TYR A 437 18.33 -12.36 5.86
N HIS A 438 18.66 -12.72 4.61
CA HIS A 438 19.29 -13.96 4.30
C HIS A 438 20.69 -14.09 4.91
N GLU A 439 21.48 -13.02 4.81
CA GLU A 439 22.89 -13.07 5.21
C GLU A 439 23.07 -12.88 6.69
N ALA A 440 22.30 -11.99 7.24
CA ALA A 440 22.44 -11.60 8.64
C ALA A 440 21.35 -12.19 9.49
N ASN A 441 20.41 -11.41 10.00
CA ASN A 441 19.36 -11.85 10.84
C ASN A 441 17.97 -11.75 10.14
N PRO A 442 17.15 -12.78 10.27
CA PRO A 442 17.22 -14.03 11.03
C PRO A 442 17.86 -15.19 10.26
N GLY A 443 18.63 -14.87 9.22
CA GLY A 443 19.29 -15.90 8.39
C GLY A 443 20.63 -16.46 8.87
N HIS A 444 21.65 -16.37 8.04
CA HIS A 444 22.89 -17.06 8.32
C HIS A 444 23.53 -16.68 9.64
N HIS A 445 23.65 -15.40 9.96
CA HIS A 445 24.35 -15.00 11.18
C HIS A 445 23.61 -15.54 12.42
N TRP A 446 22.29 -15.34 12.47
CA TRP A 446 21.52 -15.72 13.62
C TRP A 446 21.69 -17.26 13.84
N GLN A 447 21.59 -18.01 12.75
CA GLN A 447 21.61 -19.47 12.83
C GLN A 447 22.98 -19.97 13.18
N ILE A 448 23.98 -19.50 12.43
CA ILE A 448 25.38 -19.99 12.67
C ILE A 448 25.89 -19.61 14.06
N ALA A 449 25.65 -18.39 14.49
CA ALA A 449 26.04 -17.97 15.80
C ALA A 449 25.35 -18.74 16.92
N LEU A 450 24.05 -19.00 16.78
CA LEU A 450 23.38 -19.88 17.75
C LEU A 450 24.00 -21.28 17.77
N ASN A 451 24.32 -21.84 16.60
CA ASN A 451 24.90 -23.16 16.58
C ASN A 451 26.26 -23.14 17.29
N LEU A 452 27.05 -22.08 17.09
CA LEU A 452 28.34 -22.01 17.77
C LEU A 452 28.18 -21.96 19.27
N ASP A 453 27.10 -21.29 19.74
CA ASP A 453 26.84 -21.19 21.14
C ASP A 453 26.45 -22.54 21.87
N GLN A 454 26.16 -23.60 21.14
CA GLN A 454 25.82 -24.90 21.72
C GLN A 454 27.02 -25.65 22.20
N ALA A 455 27.64 -25.11 23.23
CA ALA A 455 28.95 -25.55 23.58
C ALA A 455 28.97 -26.94 24.21
N GLU A 456 27.81 -27.42 24.64
CA GLU A 456 27.69 -28.83 25.09
C GLU A 456 27.72 -29.88 23.98
N LEU A 457 27.68 -29.49 22.70
CA LEU A 457 27.71 -30.45 21.59
C LEU A 457 29.17 -30.70 21.25
N PRO A 458 29.45 -31.88 20.76
CA PRO A 458 30.74 -32.18 20.15
C PRO A 458 31.12 -31.12 19.15
N PHE A 459 32.41 -30.79 19.07
CA PHE A 459 32.80 -29.59 18.33
C PHE A 459 32.36 -29.59 16.89
N LEU A 460 32.47 -30.72 16.19
CA LEU A 460 32.08 -30.65 14.80
C LEU A 460 30.57 -30.39 14.60
N ARG A 461 29.77 -30.70 15.62
CA ARG A 461 28.38 -30.34 15.61
C ARG A 461 28.11 -28.86 15.75
N ARG A 462 29.04 -28.13 16.34
CA ARG A 462 28.88 -26.70 16.46
C ARG A 462 29.12 -25.91 15.16
N ILE A 463 29.81 -26.50 14.22
CA ILE A 463 30.12 -25.90 12.91
C ILE A 463 29.66 -26.76 11.73
N ALA A 464 28.75 -27.70 11.98
CA ALA A 464 28.38 -28.73 11.00
C ALA A 464 27.87 -28.02 9.74
N PRO A 465 28.43 -28.34 8.56
CA PRO A 465 28.04 -27.62 7.34
C PRO A 465 27.02 -28.44 6.55
N TYR A 466 25.91 -28.77 7.13
CA TYR A 466 24.74 -29.35 6.46
C TYR A 466 24.12 -28.31 5.49
N ASN A 467 24.39 -28.45 4.23
CA ASN A 467 23.95 -27.46 3.23
C ASN A 467 22.44 -27.25 3.18
N ALA A 468 21.63 -28.32 3.22
CA ALA A 468 20.19 -28.20 3.10
C ALA A 468 19.64 -27.50 4.33
N TYR A 469 20.18 -27.83 5.48
CA TYR A 469 19.77 -27.12 6.71
C TYR A 469 20.13 -25.64 6.64
N THR A 470 21.38 -25.37 6.35
CA THR A 470 21.99 -24.05 6.42
C THR A 470 21.40 -23.12 5.37
N GLU A 471 21.33 -23.55 4.11
CA GLU A 471 20.75 -22.74 3.10
C GLU A 471 19.24 -22.73 3.18
N GLY A 472 18.60 -23.87 3.52
CA GLY A 472 17.20 -23.90 3.67
C GLY A 472 16.72 -23.00 4.80
N TRP A 473 17.48 -22.97 5.90
CA TRP A 473 17.14 -22.07 7.01
C TRP A 473 17.13 -20.61 6.53
N ALA A 474 18.17 -20.21 5.82
CA ALA A 474 18.29 -18.78 5.46
C ALA A 474 17.17 -18.39 4.50
N LEU A 475 16.82 -19.28 3.56
CA LEU A 475 15.68 -18.99 2.68
C LEU A 475 14.34 -18.95 3.43
N TYR A 476 14.16 -19.89 4.40
CA TYR A 476 13.00 -19.84 5.30
C TYR A 476 12.94 -18.52 6.07
N SER A 477 14.10 -18.01 6.57
CA SER A 477 14.27 -16.73 7.30
C SER A 477 13.71 -15.58 6.49
N GLU A 478 13.94 -15.61 5.20
CA GLU A 478 13.47 -14.57 4.31
C GLU A 478 11.95 -14.50 4.28
N GLN A 479 11.32 -15.67 4.36
CA GLN A 479 9.85 -15.72 4.41
C GLN A 479 9.34 -15.32 5.77
N VAL A 480 10.00 -15.79 6.83
CA VAL A 480 9.62 -15.35 8.16
C VAL A 480 9.72 -13.82 8.30
N ALA A 481 10.74 -13.17 7.69
CA ALA A 481 10.84 -11.71 7.78
C ALA A 481 9.55 -11.07 7.21
N TYR A 482 9.02 -11.61 6.11
CA TYR A 482 7.72 -11.17 5.57
C TYR A 482 6.58 -11.36 6.57
N GLU A 483 6.52 -12.56 7.15
CA GLU A 483 5.48 -12.87 8.17
C GLU A 483 5.57 -12.05 9.43
N LEU A 484 6.72 -11.43 9.69
CA LEU A 484 6.92 -10.51 10.81
C LEU A 484 6.62 -9.07 10.41
N GLY A 485 6.29 -8.82 9.13
CA GLY A 485 5.88 -7.49 8.67
C GLY A 485 6.99 -6.61 8.22
N MET A 486 8.13 -7.19 7.78
CA MET A 486 9.22 -6.36 7.32
C MET A 486 8.93 -5.69 5.94
N TYR A 487 7.92 -6.16 5.20
CA TYR A 487 7.53 -5.56 3.95
C TYR A 487 6.22 -4.78 4.01
N GLU A 488 5.82 -4.41 5.21
CA GLU A 488 4.69 -3.49 5.35
C GLU A 488 4.95 -2.23 4.49
N ASN A 489 3.98 -1.85 3.67
CA ASN A 489 4.11 -0.62 2.88
C ASN A 489 5.32 -0.75 1.93
N ASP A 490 5.63 -1.98 1.51
CA ASP A 490 6.81 -2.20 0.67
C ASP A 490 6.62 -3.29 -0.36
N PRO A 491 5.70 -3.06 -1.32
CA PRO A 491 5.41 -4.09 -2.32
C PRO A 491 6.57 -4.42 -3.23
N PHE A 492 7.41 -3.47 -3.53
CA PHE A 492 8.56 -3.78 -4.40
C PHE A 492 9.62 -4.57 -3.68
N GLY A 493 9.87 -4.27 -2.40
CA GLY A 493 10.77 -5.14 -1.61
C GLY A 493 10.25 -6.55 -1.50
N ASP A 494 8.92 -6.69 -1.39
CA ASP A 494 8.31 -8.00 -1.38
C ASP A 494 8.56 -8.74 -2.67
N LEU A 495 8.41 -8.05 -3.77
CA LEU A 495 8.83 -8.65 -5.05
C LEU A 495 10.26 -9.05 -5.13
N GLY A 496 11.14 -8.28 -4.50
CA GLY A 496 12.53 -8.68 -4.40
C GLY A 496 12.73 -9.99 -3.59
N ARG A 497 11.99 -10.13 -2.49
CA ARG A 497 11.99 -11.35 -1.74
C ARG A 497 11.51 -12.52 -2.58
N LEU A 498 10.40 -12.30 -3.29
CA LEU A 498 9.83 -13.39 -4.09
C LEU A 498 10.76 -13.71 -5.27
N GLN A 499 11.42 -12.69 -5.87
CA GLN A 499 12.40 -12.92 -6.91
C GLN A 499 13.55 -13.81 -6.44
N ALA A 500 14.00 -13.57 -5.24
CA ALA A 500 15.11 -14.37 -4.61
C ALA A 500 14.61 -15.81 -4.37
N GLU A 501 13.34 -15.98 -3.99
CA GLU A 501 12.75 -17.33 -3.78
C GLU A 501 12.66 -18.09 -5.10
N LEU A 502 12.17 -17.34 -6.10
CA LEU A 502 12.06 -17.81 -7.49
C LEU A 502 13.42 -18.23 -7.98
N PHE A 503 14.47 -17.47 -7.65
CA PHE A 503 15.81 -17.80 -8.11
C PHE A 503 16.21 -19.16 -7.57
N ARG A 504 15.89 -19.43 -6.32
CA ARG A 504 16.25 -20.66 -5.71
C ARG A 504 15.40 -21.86 -6.20
N ALA A 505 14.17 -21.62 -6.64
CA ALA A 505 13.38 -22.64 -7.32
C ALA A 505 14.00 -22.94 -8.69
N VAL A 506 14.39 -21.90 -9.41
CA VAL A 506 15.10 -22.11 -10.68
C VAL A 506 16.33 -22.98 -10.50
N ARG A 507 17.06 -22.80 -9.38
CA ARG A 507 18.21 -23.61 -9.07
C ARG A 507 17.89 -25.10 -9.07
N LEU A 508 16.74 -25.50 -8.57
CA LEU A 508 16.35 -26.94 -8.61
C LEU A 508 16.25 -27.44 -10.06
N VAL A 509 15.69 -26.57 -10.91
CA VAL A 509 15.49 -26.93 -12.30
C VAL A 509 16.81 -27.02 -13.08
N VAL A 510 17.66 -25.98 -12.92
CA VAL A 510 18.88 -25.91 -13.71
C VAL A 510 20.00 -26.87 -13.20
N ASP A 511 20.08 -27.13 -11.89
CA ASP A 511 21.16 -28.02 -11.42
C ASP A 511 20.83 -29.44 -11.85
N THR A 512 19.58 -29.85 -11.66
CA THR A 512 19.16 -31.19 -12.16
C THR A 512 19.21 -31.21 -13.71
N GLY A 513 18.86 -30.06 -14.32
CA GLY A 513 18.94 -29.88 -15.81
C GLY A 513 20.32 -30.23 -16.33
N LEU A 514 21.31 -29.51 -15.86
CA LEU A 514 22.71 -29.73 -16.26
C LEU A 514 23.22 -31.12 -15.92
N HIS A 515 22.98 -31.59 -14.71
CA HIS A 515 23.75 -32.73 -14.20
C HIS A 515 23.07 -34.08 -14.45
N ASP A 516 21.76 -34.06 -14.72
CA ASP A 516 20.99 -35.29 -15.05
C ASP A 516 20.28 -35.27 -16.40
N LYS A 517 19.62 -34.16 -16.74
CA LYS A 517 18.90 -34.06 -18.00
C LYS A 517 19.78 -33.65 -19.17
N ARG A 518 21.06 -33.40 -18.91
CA ARG A 518 22.08 -33.09 -19.92
C ARG A 518 21.80 -31.77 -20.64
N TRP A 519 21.15 -30.82 -19.96
CA TRP A 519 21.11 -29.47 -20.46
C TRP A 519 22.52 -28.93 -20.69
N THR A 520 22.72 -28.14 -21.75
CA THR A 520 23.98 -27.47 -21.96
C THR A 520 24.03 -26.24 -21.04
N ARG A 521 25.24 -25.72 -20.87
CA ARG A 521 25.47 -24.44 -20.23
C ARG A 521 24.58 -23.34 -20.82
N GLU A 522 24.50 -23.32 -22.12
CA GLU A 522 23.78 -22.22 -22.78
C GLU A 522 22.30 -22.32 -22.58
N GLN A 523 21.75 -23.53 -22.54
CA GLN A 523 20.31 -23.74 -22.28
C GLN A 523 19.98 -23.35 -20.86
N ALA A 524 20.88 -23.70 -19.92
CA ALA A 524 20.66 -23.37 -18.52
C ALA A 524 20.69 -21.83 -18.33
N ILE A 525 21.66 -21.17 -18.97
CA ILE A 525 21.74 -19.69 -18.90
C ILE A 525 20.43 -19.04 -19.42
N SER A 526 19.99 -19.48 -20.59
CA SER A 526 18.79 -18.94 -21.24
C SER A 526 17.59 -19.12 -20.32
N TYR A 527 17.43 -20.32 -19.76
CA TYR A 527 16.26 -20.60 -18.90
C TYR A 527 16.29 -19.67 -17.70
N MET A 528 17.44 -19.65 -17.00
CA MET A 528 17.50 -18.89 -15.76
C MET A 528 17.29 -17.37 -16.02
N SER A 529 17.89 -16.86 -17.07
CA SER A 529 17.68 -15.47 -17.44
C SER A 529 16.20 -15.15 -17.66
N GLU A 530 15.58 -15.96 -18.50
CA GLU A 530 14.17 -15.77 -18.88
C GLU A 530 13.23 -15.87 -17.68
N GLN A 531 13.51 -16.77 -16.75
CA GLN A 531 12.57 -17.02 -15.69
C GLN A 531 12.73 -15.96 -14.60
N THR A 532 13.96 -15.47 -14.36
CA THR A 532 14.22 -14.65 -13.19
C THR A 532 14.38 -13.15 -13.39
N GLY A 533 14.60 -12.70 -14.62
CA GLY A 533 14.90 -11.28 -14.77
C GLY A 533 16.27 -10.90 -14.22
N THR A 534 17.15 -11.89 -14.06
CA THR A 534 18.51 -11.59 -13.62
C THR A 534 19.39 -11.29 -14.81
N ALA A 535 20.34 -10.38 -14.62
CA ALA A 535 21.27 -9.98 -15.70
C ALA A 535 22.13 -11.15 -16.16
N GLU A 536 22.38 -11.19 -17.47
CA GLU A 536 23.08 -12.32 -18.05
C GLU A 536 24.44 -12.61 -17.43
N SER A 537 25.22 -11.60 -17.08
CA SER A 537 26.59 -11.85 -16.60
C SER A 537 26.56 -12.50 -15.23
N ASP A 538 25.53 -12.17 -14.45
CA ASP A 538 25.30 -12.81 -13.15
C ASP A 538 24.84 -14.26 -13.36
N VAL A 539 23.95 -14.45 -14.33
CA VAL A 539 23.53 -15.79 -14.64
C VAL A 539 24.65 -16.68 -15.13
N VAL A 540 25.53 -16.16 -15.98
CA VAL A 540 26.69 -16.92 -16.48
C VAL A 540 27.53 -17.44 -15.28
N ALA A 541 27.80 -16.57 -14.31
CA ALA A 541 28.58 -17.01 -13.14
C ALA A 541 27.86 -18.08 -12.32
N GLU A 542 26.54 -17.96 -12.17
CA GLU A 542 25.78 -18.94 -11.46
C GLU A 542 25.82 -20.30 -12.14
N ILE A 543 25.49 -20.33 -13.43
CA ILE A 543 25.47 -21.62 -14.15
C ILE A 543 26.88 -22.29 -14.09
N GLU A 544 27.95 -21.51 -14.25
CA GLU A 544 29.30 -22.09 -14.13
C GLU A 544 29.64 -22.59 -12.71
N ARG A 545 29.13 -21.90 -11.71
CA ARG A 545 29.21 -22.35 -10.33
C ARG A 545 28.52 -23.73 -10.21
N TYR A 546 27.32 -23.87 -10.74
CA TYR A 546 26.53 -25.12 -10.57
C TYR A 546 27.25 -26.27 -11.22
N MET A 547 27.91 -25.95 -12.31
CA MET A 547 28.70 -26.94 -13.07
C MET A 547 29.89 -27.45 -12.22
N ALA A 548 30.50 -26.59 -11.41
CA ALA A 548 31.66 -26.94 -10.54
C ALA A 548 31.22 -27.57 -9.24
N TRP A 549 30.00 -27.24 -8.78
CA TRP A 549 29.44 -27.69 -7.48
C TRP A 549 28.14 -28.47 -7.62
N PRO A 550 28.13 -29.58 -8.37
CA PRO A 550 26.91 -30.34 -8.51
C PRO A 550 26.20 -30.67 -7.21
N GLY A 551 24.91 -30.33 -7.20
CA GLY A 551 23.99 -30.59 -6.10
C GLY A 551 23.87 -29.50 -5.06
N GLN A 552 24.88 -28.65 -4.95
CA GLN A 552 24.96 -27.64 -3.88
C GLN A 552 23.76 -26.70 -4.01
N ALA A 553 23.32 -26.38 -5.23
CA ALA A 553 22.25 -25.45 -5.46
C ALA A 553 20.92 -26.02 -5.05
N LEU A 554 20.86 -27.32 -4.79
CA LEU A 554 19.60 -27.97 -4.38
C LEU A 554 19.21 -27.71 -2.91
N GLY A 555 20.17 -27.35 -2.04
CA GLY A 555 19.93 -27.26 -0.63
C GLY A 555 18.95 -26.23 -0.23
N TYR A 556 18.96 -25.16 -1.00
CA TYR A 556 18.23 -23.93 -0.66
C TYR A 556 16.74 -24.25 -0.61
N LYS A 557 16.17 -24.66 -1.75
CA LYS A 557 14.75 -24.96 -1.76
C LYS A 557 14.42 -26.28 -1.05
N LEU A 558 15.18 -27.35 -1.24
CA LEU A 558 14.78 -28.61 -0.59
C LEU A 558 14.76 -28.44 0.96
N GLY A 559 15.73 -27.70 1.51
CA GLY A 559 15.76 -27.48 2.90
C GLY A 559 14.60 -26.58 3.34
N MET A 560 14.33 -25.49 2.60
CA MET A 560 13.26 -24.60 2.92
C MET A 560 11.89 -25.33 2.92
N LEU A 561 11.69 -26.16 1.90
CA LEU A 561 10.41 -26.89 1.77
C LEU A 561 10.22 -27.84 2.95
N LYS A 562 11.30 -28.44 3.42
CA LYS A 562 11.22 -29.41 4.52
C LYS A 562 10.94 -28.69 5.81
N ILE A 563 11.63 -27.56 6.07
CA ILE A 563 11.35 -26.74 7.26
C ILE A 563 9.90 -26.32 7.28
N LEU A 564 9.37 -25.81 6.16
CA LEU A 564 7.99 -25.43 6.08
C LEU A 564 6.99 -26.61 6.24
N SER A 565 7.35 -27.78 5.73
CA SER A 565 6.53 -28.96 5.89
C SER A 565 6.44 -29.40 7.35
N LEU A 566 7.59 -29.32 8.05
CA LEU A 566 7.60 -29.55 9.47
C LEU A 566 6.78 -28.57 10.25
N ARG A 567 6.84 -27.30 9.86
CA ARG A 567 6.07 -26.28 10.54
C ARG A 567 4.59 -26.57 10.38
N GLU A 568 4.20 -26.95 9.17
CA GLU A 568 2.81 -27.21 8.86
C GLU A 568 2.33 -28.42 9.63
N GLN A 569 3.22 -29.42 9.83
CA GLN A 569 2.87 -30.61 10.65
C GLN A 569 2.62 -30.20 12.10
N ALA A 570 3.48 -29.32 12.60
CA ALA A 570 3.40 -28.84 13.96
C ALA A 570 2.09 -28.02 14.17
N LYS A 571 1.76 -27.15 13.22
CA LYS A 571 0.55 -26.37 13.30
C LYS A 571 -0.68 -27.29 13.29
N ALA A 572 -0.68 -28.34 12.46
CA ALA A 572 -1.81 -29.34 12.45
C ALA A 572 -1.97 -30.08 13.77
N ARG A 573 -0.84 -30.49 14.35
CA ARG A 573 -0.79 -31.21 15.62
C ARG A 573 -1.24 -30.33 16.77
N LEU A 574 -0.77 -29.10 16.80
CA LEU A 574 -0.96 -28.27 17.96
C LEU A 574 -2.17 -27.37 17.89
N GLY A 575 -2.63 -27.06 16.68
CA GLY A 575 -3.68 -26.06 16.51
C GLY A 575 -3.36 -24.72 17.17
N ASP A 576 -4.25 -24.23 18.03
CA ASP A 576 -4.05 -22.92 18.65
C ASP A 576 -3.01 -22.93 19.77
N LYS A 577 -2.45 -24.10 20.08
CA LYS A 577 -1.31 -24.22 21.00
C LYS A 577 0.03 -24.09 20.24
N PHE A 578 -0.04 -23.94 18.92
CA PHE A 578 1.22 -23.71 18.17
C PHE A 578 1.86 -22.40 18.61
N ASP A 579 3.18 -22.43 18.87
CA ASP A 579 3.95 -21.23 19.18
C ASP A 579 5.19 -21.17 18.30
N LEU A 580 5.22 -20.20 17.41
CA LEU A 580 6.31 -20.14 16.45
C LEU A 580 7.65 -19.97 17.17
N ALA A 581 7.70 -19.23 18.29
CA ALA A 581 8.93 -19.09 19.04
C ALA A 581 9.52 -20.42 19.46
N GLU A 582 8.67 -21.31 19.95
CA GLU A 582 9.13 -22.68 20.31
C GLU A 582 9.58 -23.45 19.16
N PHE A 583 8.90 -23.34 18.02
CA PHE A 583 9.33 -24.02 16.81
C PHE A 583 10.71 -23.56 16.40
N HIS A 584 10.93 -22.26 16.43
CA HIS A 584 12.27 -21.74 16.11
C HIS A 584 13.36 -22.24 17.07
N ASP A 585 13.04 -22.41 18.33
CA ASP A 585 14.02 -22.91 19.27
C ASP A 585 14.36 -24.37 18.93
N VAL A 586 13.34 -25.17 18.57
CA VAL A 586 13.65 -26.57 18.18
C VAL A 586 14.48 -26.61 16.91
N VAL A 587 14.22 -25.73 15.95
CA VAL A 587 14.97 -25.77 14.71
C VAL A 587 16.45 -25.30 14.89
N LEU A 588 16.61 -24.24 15.66
CA LEU A 588 17.91 -23.57 15.73
C LEU A 588 18.82 -24.06 16.86
N LEU A 589 18.25 -24.33 18.02
CA LEU A 589 19.10 -24.51 19.21
C LEU A 589 19.74 -25.87 19.29
N ASN A 590 19.34 -26.78 18.41
CA ASN A 590 19.98 -28.06 18.29
C ASN A 590 21.02 -28.13 17.17
N GLY A 591 21.33 -27.00 16.56
CA GLY A 591 22.41 -26.93 15.58
C GLY A 591 21.98 -27.40 14.20
N ALA A 592 22.89 -27.25 13.26
CA ALA A 592 22.70 -27.73 11.91
C ALA A 592 22.73 -29.25 11.92
N VAL A 593 21.73 -29.85 11.30
CA VAL A 593 21.51 -31.32 11.39
C VAL A 593 20.90 -31.81 10.05
N PRO A 594 20.98 -33.12 9.79
CA PRO A 594 20.20 -33.72 8.70
C PRO A 594 18.75 -33.56 8.96
N MET A 595 17.97 -33.46 7.89
CA MET A 595 16.54 -33.42 8.00
C MET A 595 15.91 -34.50 8.87
N ALA A 596 16.46 -35.71 8.84
CA ALA A 596 15.90 -36.80 9.64
C ALA A 596 16.01 -36.48 11.14
N VAL A 597 17.09 -35.81 11.54
CA VAL A 597 17.28 -35.49 12.94
C VAL A 597 16.39 -34.28 13.31
N LEU A 598 16.35 -33.27 12.44
CA LEU A 598 15.43 -32.14 12.67
C LEU A 598 13.98 -32.70 12.85
N SER A 599 13.58 -33.69 12.03
CA SER A 599 12.17 -34.21 12.15
C SER A 599 12.01 -34.90 13.52
N ARG A 600 13.01 -35.67 13.91
CA ARG A 600 12.97 -36.36 15.21
C ARG A 600 12.85 -35.36 16.37
N ASN A 601 13.58 -34.25 16.28
CA ASN A 601 13.50 -33.22 17.34
C ASN A 601 12.15 -32.50 17.38
N VAL A 602 11.62 -32.21 16.19
CA VAL A 602 10.27 -31.61 16.12
C VAL A 602 9.27 -32.55 16.73
N ASN A 603 9.37 -33.81 16.37
CA ASN A 603 8.45 -34.84 16.90
C ASN A 603 8.54 -35.04 18.42
N HIS A 604 9.77 -34.94 18.95
CA HIS A 604 9.99 -35.03 20.39
C HIS A 604 9.29 -33.88 21.07
N TRP A 605 9.49 -32.67 20.54
CA TRP A 605 8.76 -31.50 21.03
C TRP A 605 7.25 -31.66 20.95
N LEU A 606 6.71 -32.08 19.80
CA LEU A 606 5.24 -32.22 19.66
C LEU A 606 4.71 -33.23 20.70
N ASP A 607 5.46 -34.31 20.93
CA ASP A 607 4.98 -35.44 21.78
C ASP A 607 4.92 -35.04 23.27
N ASN A 608 5.71 -34.03 23.61
CA ASN A 608 5.85 -33.65 24.99
C ASN A 608 5.01 -32.39 25.31
N LYS A 609 4.21 -31.92 24.34
CA LYS A 609 3.34 -30.74 24.57
C LYS A 609 2.06 -31.16 25.31
N ILE B 25 -57.35 19.06 28.04
CA ILE B 25 -56.00 18.50 27.69
C ILE B 25 -55.84 18.47 26.17
N SER B 26 -54.87 19.24 25.65
CA SER B 26 -54.56 19.27 24.27
C SER B 26 -54.03 17.90 23.81
N SER B 27 -53.95 17.70 22.51
CA SER B 27 -53.39 16.47 21.97
C SER B 27 -51.92 16.25 22.34
N LYS B 28 -51.12 17.30 22.33
CA LYS B 28 -49.72 17.18 22.74
C LYS B 28 -49.55 16.86 24.24
N GLN B 29 -50.43 17.40 25.08
CA GLN B 29 -50.37 17.06 26.50
C GLN B 29 -50.76 15.60 26.68
N GLN B 30 -51.81 15.15 25.98
CA GLN B 30 -52.20 13.75 26.09
C GLN B 30 -51.13 12.81 25.64
N LEU B 31 -50.49 13.13 24.52
CA LEU B 31 -49.38 12.27 24.03
C LEU B 31 -48.21 12.21 25.02
N ALA B 32 -47.83 13.37 25.55
CA ALA B 32 -46.77 13.42 26.55
C ALA B 32 -47.14 12.58 27.76
N SER B 33 -48.40 12.58 28.19
CA SER B 33 -48.81 11.73 29.32
C SER B 33 -48.76 10.25 29.01
N LEU B 34 -49.14 9.94 27.81
CA LEU B 34 -49.02 8.54 27.33
C LEU B 34 -47.59 8.06 27.25
N TYR B 35 -46.68 8.89 26.76
CA TYR B 35 -45.28 8.52 26.67
C TYR B 35 -44.67 8.28 28.05
N LEU B 36 -45.06 9.12 29.03
CA LEU B 36 -44.64 8.92 30.40
C LEU B 36 -45.23 7.61 30.98
N GLN B 37 -46.49 7.34 30.69
CA GLN B 37 -47.13 6.09 31.09
C GLN B 37 -46.43 4.85 30.54
N ALA B 38 -45.98 4.92 29.30
CA ALA B 38 -45.27 3.80 28.68
C ALA B 38 -44.00 3.52 29.45
N LYS B 39 -43.23 4.58 29.73
CA LYS B 39 -42.00 4.49 30.45
C LYS B 39 -42.24 3.84 31.81
N GLN B 40 -43.15 4.43 32.59
CA GLN B 40 -43.38 3.93 33.94
C GLN B 40 -43.94 2.47 33.98
N SER B 41 -44.83 2.14 33.06
CA SER B 41 -45.46 0.84 33.00
C SER B 41 -44.44 -0.23 32.65
N LEU B 42 -43.55 0.05 31.71
CA LEU B 42 -42.55 -0.94 31.33
C LEU B 42 -41.54 -1.10 32.46
N PHE B 43 -40.99 0.01 32.95
CA PHE B 43 -39.93 -0.10 33.94
C PHE B 43 -40.31 -0.56 35.32
N LYS B 44 -41.53 -0.30 35.75
CA LYS B 44 -42.03 -0.87 36.99
C LYS B 44 -42.05 -2.40 36.97
N GLN B 45 -42.19 -3.00 35.79
CA GLN B 45 -42.20 -4.46 35.69
C GLN B 45 -40.87 -5.00 35.18
N ARG B 46 -39.92 -4.09 34.97
CA ARG B 46 -38.58 -4.43 34.55
C ARG B 46 -37.54 -3.73 35.42
N ALA B 47 -37.60 -3.97 36.73
CA ALA B 47 -36.83 -3.18 37.68
C ALA B 47 -35.33 -3.31 37.44
N LEU B 48 -34.88 -4.44 36.91
CA LEU B 48 -33.50 -4.58 36.67
C LEU B 48 -33.05 -3.71 35.51
N SER B 49 -33.83 -3.64 34.43
CA SER B 49 -33.50 -2.69 33.38
C SER B 49 -33.51 -1.28 33.92
N ALA B 50 -34.42 -1.01 34.84
CA ALA B 50 -34.46 0.31 35.42
C ALA B 50 -33.12 0.60 36.14
N THR B 51 -32.62 -0.35 36.92
CA THR B 51 -31.26 -0.22 37.46
C THR B 51 -30.19 0.00 36.44
N MET B 52 -30.20 -0.80 35.38
CA MET B 52 -29.21 -0.69 34.31
C MET B 52 -29.15 0.72 33.68
N TYR B 53 -30.32 1.30 33.45
CA TYR B 53 -30.44 2.65 32.89
C TYR B 53 -30.18 3.76 33.89
N GLY B 54 -30.15 3.41 35.16
CA GLY B 54 -29.94 4.42 36.21
C GLY B 54 -31.23 5.11 36.58
N LEU B 55 -32.35 4.42 36.49
CA LEU B 55 -33.63 5.02 36.86
C LEU B 55 -33.94 4.88 38.36
N SER B 56 -34.75 5.77 38.88
CA SER B 56 -35.19 5.67 40.26
C SER B 56 -36.61 6.23 40.38
N GLN B 57 -37.08 6.40 41.62
CA GLN B 57 -38.45 6.74 41.91
C GLN B 57 -38.89 8.03 41.19
N LYS B 58 -38.01 8.99 41.03
CA LYS B 58 -38.40 10.25 40.39
C LYS B 58 -38.74 10.01 38.90
N ASP B 59 -38.11 8.98 38.32
CA ASP B 59 -38.35 8.54 36.93
C ASP B 59 -39.60 7.63 36.78
N ILE B 60 -39.77 6.69 37.69
CA ILE B 60 -40.71 5.57 37.54
C ILE B 60 -42.01 5.85 38.28
N GLY B 61 -41.91 6.70 39.32
CA GLY B 61 -43.04 6.93 40.21
C GLY B 61 -43.25 5.95 41.36
N GLN B 62 -42.27 5.06 41.57
CA GLN B 62 -42.30 3.99 42.56
C GLN B 62 -40.82 3.71 42.83
N VAL B 63 -40.47 3.26 44.04
CA VAL B 63 -39.10 2.78 44.30
C VAL B 63 -38.97 1.39 43.71
N ILE B 64 -37.93 1.17 42.92
CA ILE B 64 -37.71 -0.12 42.30
C ILE B 64 -36.38 -0.75 42.69
N SER B 65 -35.63 -0.08 43.56
CA SER B 65 -34.24 -0.40 43.86
C SER B 65 -34.01 -1.81 44.49
N SER B 66 -35.01 -2.33 45.17
CA SER B 66 -34.92 -3.68 45.73
C SER B 66 -35.99 -4.58 45.17
N ASP B 67 -36.64 -4.17 44.06
CA ASP B 67 -37.70 -4.97 43.45
C ASP B 67 -37.10 -5.98 42.50
N MET B 68 -37.84 -7.07 42.29
CA MET B 68 -37.38 -8.18 41.42
C MET B 68 -38.38 -8.25 40.29
N GLU B 69 -37.96 -8.78 39.15
CA GLU B 69 -38.84 -8.97 38.04
C GLU B 69 -39.46 -10.36 38.15
N PHE B 70 -40.70 -10.46 37.75
CA PHE B 70 -41.41 -11.73 37.71
C PHE B 70 -42.08 -11.96 36.36
N TYR B 71 -42.25 -13.23 36.02
CA TYR B 71 -42.53 -13.63 34.67
C TYR B 71 -43.66 -14.61 34.58
N SER B 72 -44.59 -14.59 35.53
CA SER B 72 -45.72 -15.50 35.41
C SER B 72 -46.56 -15.21 34.15
N PRO B 73 -47.32 -16.21 33.71
CA PRO B 73 -48.27 -16.00 32.63
C PRO B 73 -49.10 -14.73 32.83
N GLU B 74 -49.59 -14.51 34.05
CA GLU B 74 -50.39 -13.31 34.29
C GLU B 74 -49.54 -12.02 34.27
N ASN B 75 -48.33 -12.08 34.80
CA ASN B 75 -47.46 -10.88 34.79
C ASN B 75 -47.26 -10.47 33.32
N GLU B 76 -46.88 -11.46 32.50
CA GLU B 76 -46.61 -11.15 31.11
C GLU B 76 -47.89 -10.66 30.39
N LYS B 77 -49.03 -11.34 30.63
CA LYS B 77 -50.28 -10.92 29.97
C LYS B 77 -50.62 -9.47 30.28
N GLN B 78 -50.48 -9.09 31.57
CA GLN B 78 -50.84 -7.73 32.01
C GLN B 78 -49.89 -6.71 31.47
N LEU B 79 -48.61 -7.04 31.41
CA LEU B 79 -47.60 -6.09 30.89
C LEU B 79 -47.95 -5.80 29.44
N ARG B 80 -48.05 -6.86 28.63
CA ARG B 80 -48.37 -6.69 27.24
C ARG B 80 -49.69 -5.97 26.96
N ALA B 81 -50.73 -6.26 27.77
CA ALA B 81 -52.05 -5.60 27.59
C ALA B 81 -51.98 -4.11 27.90
N GLU B 82 -51.19 -3.73 28.87
CA GLU B 82 -51.06 -2.30 29.21
C GLU B 82 -50.33 -1.58 28.07
N LEU B 83 -49.26 -2.19 27.56
CA LEU B 83 -48.50 -1.50 26.54
C LEU B 83 -49.28 -1.42 25.23
N LEU B 84 -50.07 -2.46 24.90
CA LEU B 84 -50.88 -2.43 23.69
C LEU B 84 -51.94 -1.33 23.84
N SER B 85 -52.52 -1.23 25.04
CA SER B 85 -53.55 -0.25 25.26
C SER B 85 -52.98 1.15 24.98
N ILE B 86 -51.81 1.38 25.56
CA ILE B 86 -51.08 2.67 25.34
C ILE B 86 -50.83 2.89 23.85
N SER B 87 -50.29 1.88 23.17
CA SER B 87 -49.98 2.00 21.77
C SER B 87 -51.17 2.42 20.90
N ASN B 88 -52.30 1.73 21.10
CA ASN B 88 -53.55 2.06 20.43
C ASN B 88 -54.03 3.49 20.74
N THR B 89 -53.88 3.95 21.99
CA THR B 89 -54.38 5.28 22.35
C THR B 89 -53.49 6.31 21.64
N ILE B 90 -52.19 6.04 21.66
CA ILE B 90 -51.26 6.96 20.99
C ILE B 90 -51.59 7.06 19.51
N ALA B 91 -51.77 5.92 18.85
CA ALA B 91 -52.02 5.89 17.44
C ALA B 91 -53.31 6.59 17.05
N GLY B 92 -54.27 6.60 17.96
CA GLY B 92 -55.61 7.10 17.69
C GLY B 92 -55.72 8.61 17.83
N ILE B 93 -54.73 9.25 18.43
CA ILE B 93 -54.84 10.70 18.62
C ILE B 93 -54.68 11.38 17.27
N LYS B 94 -55.60 12.29 16.96
CA LYS B 94 -55.56 13.05 15.70
C LYS B 94 -54.81 14.36 15.96
N LEU B 95 -53.75 14.59 15.20
CA LEU B 95 -52.97 15.80 15.35
C LEU B 95 -53.35 16.82 14.27
N ASP B 96 -53.61 18.04 14.72
CA ASP B 96 -53.95 19.15 13.85
C ASP B 96 -52.65 19.78 13.32
N ASP B 97 -52.29 19.41 12.07
CA ASP B 97 -51.17 20.04 11.36
C ASP B 97 -49.90 20.03 12.22
N ALA B 98 -49.61 18.91 12.84
CA ALA B 98 -48.40 18.81 13.68
C ALA B 98 -47.11 18.98 12.87
N ASP B 99 -46.07 19.43 13.56
CA ASP B 99 -44.76 19.52 12.94
C ASP B 99 -44.12 18.13 12.96
N ILE B 100 -43.01 17.98 12.26
CA ILE B 100 -42.42 16.70 12.06
C ILE B 100 -41.96 16.03 13.37
N THR B 101 -41.36 16.77 14.30
CA THR B 101 -40.94 16.14 15.58
C THR B 101 -42.16 15.56 16.34
N THR B 102 -43.28 16.25 16.29
CA THR B 102 -44.47 15.77 16.97
C THR B 102 -45.03 14.52 16.25
N LYS B 103 -45.14 14.61 14.92
CA LYS B 103 -45.56 13.46 14.11
C LYS B 103 -44.68 12.25 14.35
N ASN B 104 -43.39 12.48 14.35
CA ASN B 104 -42.45 11.40 14.53
C ASN B 104 -42.51 10.79 15.94
N ASN B 105 -42.70 11.62 16.94
CA ASN B 105 -42.82 11.09 18.29
C ASN B 105 -44.01 10.15 18.37
N GLN B 106 -45.14 10.58 17.78
CA GLN B 106 -46.33 9.72 17.76
C GLN B 106 -46.08 8.38 17.06
N GLN B 107 -45.49 8.40 15.87
CA GLN B 107 -45.25 7.18 15.10
C GLN B 107 -44.25 6.28 15.81
N VAL B 108 -43.19 6.88 16.37
CA VAL B 108 -42.17 6.14 17.10
C VAL B 108 -42.69 5.58 18.38
N MET B 109 -43.41 6.40 19.16
CA MET B 109 -43.91 5.91 20.42
C MET B 109 -45.01 4.86 20.29
N ALA B 110 -45.86 4.99 19.29
CA ALA B 110 -46.85 3.93 19.06
C ALA B 110 -46.10 2.65 18.65
N GLY B 111 -45.09 2.78 17.82
CA GLY B 111 -44.34 1.62 17.36
C GLY B 111 -43.54 0.94 18.49
N LEU B 112 -42.89 1.71 19.33
CA LEU B 112 -42.17 1.14 20.50
C LEU B 112 -43.04 0.45 21.50
N THR B 113 -44.17 1.09 21.84
CA THR B 113 -45.12 0.44 22.72
C THR B 113 -45.64 -0.91 22.11
N ARG B 114 -45.86 -0.96 20.80
CA ARG B 114 -46.25 -2.21 20.12
C ARG B 114 -45.07 -3.19 20.17
N TYR B 115 -43.88 -2.67 20.03
CA TYR B 115 -42.67 -3.56 20.07
C TYR B 115 -42.60 -4.30 21.41
N PHE B 116 -42.85 -3.58 22.50
CA PHE B 116 -42.83 -4.19 23.81
C PHE B 116 -44.11 -4.95 24.15
N ALA B 117 -45.23 -4.68 23.46
CA ALA B 117 -46.43 -5.48 23.66
C ALA B 117 -46.32 -6.82 22.99
N GLY B 118 -45.48 -6.87 21.97
CA GLY B 118 -45.30 -8.04 21.17
C GLY B 118 -46.45 -8.33 20.25
N GLU B 119 -46.21 -9.27 19.32
CA GLU B 119 -47.23 -9.75 18.40
C GLU B 119 -48.41 -10.24 19.22
N PRO B 120 -49.58 -9.67 18.97
CA PRO B 120 -50.68 -9.83 19.94
C PRO B 120 -51.22 -11.29 20.01
N ASN B 121 -50.95 -12.10 19.01
CA ASN B 121 -51.37 -13.50 18.97
C ASN B 121 -50.33 -14.48 19.45
N PHE B 122 -49.19 -13.99 19.95
CA PHE B 122 -48.19 -14.82 20.57
C PHE B 122 -48.05 -14.41 22.04
N ASN B 123 -48.67 -15.19 22.95
CA ASN B 123 -48.51 -14.97 24.33
C ASN B 123 -47.28 -15.63 24.94
N ILE B 124 -46.52 -16.33 24.10
CA ILE B 124 -45.36 -17.07 24.48
C ILE B 124 -44.20 -16.15 24.77
N GLY B 125 -43.14 -16.73 25.32
CA GLY B 125 -41.88 -16.07 25.52
C GLY B 125 -41.94 -15.02 26.59
N TYR B 126 -41.16 -13.96 26.43
CA TYR B 126 -41.13 -12.85 27.42
C TYR B 126 -40.74 -11.58 26.67
N ILE B 127 -41.10 -10.43 27.23
CA ILE B 127 -40.69 -9.15 26.69
C ILE B 127 -39.35 -8.71 27.27
N ASP B 128 -38.37 -8.61 26.38
CA ASP B 128 -37.05 -8.14 26.70
C ASP B 128 -36.98 -6.61 26.46
N THR B 129 -36.39 -5.85 27.38
CA THR B 129 -36.34 -4.36 27.16
C THR B 129 -35.43 -3.95 26.04
N TRP B 130 -34.59 -4.88 25.58
CA TRP B 130 -33.75 -4.68 24.35
C TRP B 130 -34.38 -5.28 23.09
N MET B 131 -34.72 -6.58 23.13
CA MET B 131 -35.15 -7.27 21.96
C MET B 131 -36.62 -7.35 21.69
N GLY B 132 -37.43 -6.79 22.58
CA GLY B 132 -38.81 -6.96 22.46
C GLY B 132 -39.24 -8.38 22.71
N LEU B 133 -40.25 -8.83 22.01
CA LEU B 133 -40.73 -10.23 22.19
C LEU B 133 -39.64 -11.22 21.88
N SER B 134 -39.30 -12.07 22.87
CA SER B 134 -38.19 -13.00 22.77
C SER B 134 -38.77 -14.42 23.01
N PRO B 135 -38.35 -15.37 22.23
CA PRO B 135 -39.17 -16.57 22.21
C PRO B 135 -38.97 -17.59 23.33
N PHE B 136 -37.76 -17.70 23.91
CA PHE B 136 -37.40 -18.75 24.88
C PHE B 136 -36.98 -18.11 26.19
N ILE B 137 -37.87 -18.16 27.19
CA ILE B 137 -37.60 -17.51 28.44
C ILE B 137 -36.39 -18.09 29.21
N VAL B 138 -36.10 -19.36 28.95
CA VAL B 138 -34.86 -19.96 29.36
C VAL B 138 -34.09 -20.40 28.11
N ASN B 139 -32.91 -19.82 27.92
CA ASN B 139 -32.04 -20.13 26.76
C ASN B 139 -30.58 -20.03 27.20
N GLN B 140 -29.64 -20.30 26.29
CA GLN B 140 -28.24 -20.35 26.61
C GLN B 140 -27.52 -19.01 26.59
N ILE B 141 -28.15 -17.95 26.11
CA ILE B 141 -27.44 -16.71 25.80
C ILE B 141 -27.93 -15.49 26.60
N ASN B 142 -29.23 -15.37 26.79
CA ASN B 142 -29.78 -14.29 27.61
C ASN B 142 -31.09 -14.70 28.27
N GLY B 143 -31.89 -13.71 28.66
CA GLY B 143 -33.06 -13.94 29.41
C GLY B 143 -32.81 -13.75 30.89
N PRO B 144 -33.87 -13.74 31.67
CA PRO B 144 -33.74 -13.16 32.99
C PRO B 144 -32.70 -13.87 33.89
N LEU B 145 -32.58 -15.19 33.78
CA LEU B 145 -31.64 -15.90 34.64
C LEU B 145 -30.17 -15.68 34.28
N ILE B 146 -29.93 -15.12 33.10
CA ILE B 146 -28.63 -14.65 32.70
C ILE B 146 -28.45 -13.20 32.92
N ASP B 147 -29.47 -12.39 32.58
CA ASP B 147 -29.28 -10.92 32.56
C ASP B 147 -29.45 -10.28 33.95
N ILE B 148 -30.27 -10.89 34.78
CA ILE B 148 -30.50 -10.29 36.10
C ILE B 148 -29.23 -10.37 36.90
N PRO B 149 -28.57 -11.56 36.97
CA PRO B 149 -27.34 -11.49 37.74
C PRO B 149 -26.30 -10.50 37.18
N ARG B 150 -26.28 -10.32 35.85
CA ARG B 150 -25.32 -9.40 35.25
C ARG B 150 -25.54 -7.97 35.67
N VAL B 151 -26.80 -7.54 35.68
CA VAL B 151 -27.15 -6.16 36.11
C VAL B 151 -26.79 -5.97 37.58
N MET B 152 -27.09 -6.98 38.38
CA MET B 152 -26.84 -6.87 39.84
C MET B 152 -25.37 -6.78 40.13
N GLN B 153 -24.56 -7.51 39.38
CA GLN B 153 -23.10 -7.52 39.59
C GLN B 153 -22.38 -6.31 38.98
N ASN B 154 -22.93 -5.76 37.90
CA ASN B 154 -22.23 -4.72 37.17
C ASN B 154 -22.81 -3.34 37.35
N ASP B 155 -24.10 -3.19 37.39
CA ASP B 155 -24.73 -1.87 37.37
C ASP B 155 -25.34 -1.46 38.70
N GLN B 156 -25.79 -2.40 39.52
CA GLN B 156 -26.37 -2.05 40.79
C GLN B 156 -25.29 -1.50 41.75
N PRO B 157 -25.50 -0.30 42.27
CA PRO B 157 -24.50 0.29 43.13
C PRO B 157 -24.43 -0.33 44.51
N ILE B 158 -23.21 -0.43 45.05
CA ILE B 158 -23.01 -0.92 46.40
C ILE B 158 -22.03 0.02 47.11
N THR B 159 -22.57 1.13 47.60
CA THR B 159 -21.74 2.19 48.10
C THR B 159 -22.15 2.68 49.46
N THR B 160 -23.29 2.23 49.94
CA THR B 160 -23.78 2.51 51.26
C THR B 160 -24.36 1.23 51.88
N GLU B 161 -24.70 1.29 53.17
CA GLU B 161 -25.40 0.16 53.83
C GLU B 161 -26.75 -0.12 53.19
N LYS B 162 -27.51 0.93 52.91
CA LYS B 162 -28.81 0.77 52.31
C LYS B 162 -28.69 0.08 50.95
N GLU B 163 -27.70 0.48 50.15
CA GLU B 163 -27.49 -0.15 48.81
C GLU B 163 -27.06 -1.60 48.96
N ALA B 164 -26.31 -1.90 50.02
CA ALA B 164 -25.94 -3.29 50.29
C ALA B 164 -27.18 -4.15 50.60
N LEU B 165 -28.07 -3.60 51.40
CA LEU B 165 -29.30 -4.30 51.71
C LEU B 165 -30.24 -4.50 50.50
N ASP B 166 -30.31 -3.50 49.60
CA ASP B 166 -31.09 -3.70 48.34
C ASP B 166 -30.56 -4.91 47.55
N TYR B 167 -29.24 -5.13 47.54
CA TYR B 167 -28.68 -6.32 46.90
C TYR B 167 -29.11 -7.61 47.57
N ILE B 168 -28.98 -7.65 48.89
CA ILE B 168 -29.46 -8.78 49.69
C ILE B 168 -30.97 -9.05 49.52
N VAL B 169 -31.77 -7.99 49.53
CA VAL B 169 -33.21 -8.16 49.32
C VAL B 169 -33.53 -8.68 47.91
N ARG B 170 -32.78 -8.24 46.92
CA ARG B 170 -33.00 -8.78 45.58
C ARG B 170 -32.65 -10.25 45.58
N LEU B 171 -31.49 -10.60 46.12
CA LEU B 171 -31.11 -12.03 46.10
C LEU B 171 -32.19 -12.88 46.75
N GLY B 172 -32.87 -12.33 47.75
CA GLY B 172 -33.83 -13.05 48.58
C GLY B 172 -35.12 -13.37 47.87
N GLN B 173 -35.28 -12.78 46.68
CA GLN B 173 -36.47 -13.04 45.85
C GLN B 173 -36.25 -14.01 44.67
N PHE B 174 -35.08 -14.64 44.61
CA PHE B 174 -34.81 -15.51 43.51
C PHE B 174 -35.71 -16.73 43.52
N ASP B 175 -36.23 -17.11 44.70
CA ASP B 175 -37.19 -18.20 44.75
C ASP B 175 -38.42 -17.96 43.83
N LYS B 176 -39.09 -16.84 44.02
CA LYS B 176 -40.22 -16.44 43.18
C LYS B 176 -39.83 -16.11 41.71
N LEU B 177 -38.69 -15.48 41.45
CA LEU B 177 -38.19 -15.35 40.07
C LEU B 177 -38.24 -16.73 39.40
N ALA B 178 -37.56 -17.71 40.00
CA ALA B 178 -37.48 -19.07 39.36
C ALA B 178 -38.81 -19.69 39.20
N ALA B 179 -39.65 -19.62 40.22
CA ALA B 179 -40.98 -20.25 40.15
C ALA B 179 -41.84 -19.67 39.04
N THR B 180 -41.79 -18.35 38.90
CA THR B 180 -42.58 -17.70 37.83
C THR B 180 -42.03 -18.00 36.45
N ILE B 181 -40.72 -18.04 36.27
CA ILE B 181 -40.09 -18.41 35.00
C ILE B 181 -40.53 -19.82 34.64
N ILE B 182 -40.45 -20.74 35.61
CA ILE B 182 -40.85 -22.12 35.35
C ILE B 182 -42.35 -22.17 35.00
N GLU B 183 -43.20 -21.38 35.65
CA GLU B 183 -44.60 -21.34 35.29
C GLU B 183 -44.82 -20.91 33.84
N LYS B 184 -44.03 -19.93 33.41
CA LYS B 184 -44.19 -19.44 32.06
C LYS B 184 -43.62 -20.44 31.09
N GLN B 185 -42.46 -21.03 31.39
CA GLN B 185 -41.90 -22.03 30.47
C GLN B 185 -42.90 -23.20 30.26
N THR B 186 -43.54 -23.59 31.34
CA THR B 186 -44.53 -24.66 31.35
C THR B 186 -45.78 -24.29 30.55
N ALA B 187 -46.30 -23.07 30.72
CA ALA B 187 -47.43 -22.57 29.96
C ALA B 187 -47.12 -22.56 28.46
N ASP B 188 -45.92 -22.10 28.08
CA ASP B 188 -45.50 -22.13 26.69
C ASP B 188 -45.47 -23.55 26.17
N ALA B 189 -44.84 -24.43 26.92
CA ALA B 189 -44.68 -25.81 26.49
C ALA B 189 -46.06 -26.52 26.35
N ALA B 190 -47.02 -26.12 27.18
CA ALA B 190 -48.41 -26.61 27.10
C ALA B 190 -49.11 -26.26 25.77
N GLN B 191 -48.68 -25.20 25.10
CA GLN B 191 -49.13 -24.91 23.77
C GLN B 191 -48.08 -25.24 22.72
N ASN B 192 -47.23 -26.21 23.05
CA ASN B 192 -46.22 -26.79 22.16
C ASN B 192 -45.19 -25.76 21.68
N TRP B 193 -44.95 -24.73 22.50
CA TRP B 193 -43.92 -23.76 22.20
C TRP B 193 -42.74 -24.02 23.14
N LEU B 194 -41.66 -24.57 22.63
CA LEU B 194 -40.50 -24.74 23.47
C LEU B 194 -39.23 -24.80 22.63
N PRO B 195 -38.08 -24.58 23.28
CA PRO B 195 -36.88 -24.45 22.54
C PRO B 195 -36.49 -25.75 21.88
N SER B 196 -35.69 -25.67 20.84
CA SER B 196 -35.06 -26.89 20.33
C SER B 196 -34.28 -27.61 21.41
N LYS B 197 -34.00 -28.89 21.16
CA LYS B 197 -33.11 -29.65 22.05
C LYS B 197 -31.78 -28.93 22.29
N VAL B 198 -31.14 -28.45 21.23
CA VAL B 198 -29.83 -27.75 21.35
C VAL B 198 -29.89 -26.47 22.19
N THR B 199 -30.96 -25.71 22.09
CA THR B 199 -31.13 -24.46 22.84
C THR B 199 -31.34 -24.83 24.32
N LEU B 200 -32.18 -25.82 24.55
CA LEU B 200 -32.40 -26.27 25.94
C LEU B 200 -31.15 -26.87 26.53
N GLN B 201 -30.41 -27.70 25.79
CA GLN B 201 -29.15 -28.23 26.30
C GLN B 201 -28.16 -27.12 26.69
N GLY B 202 -28.08 -26.06 25.91
CA GLY B 202 -27.23 -24.94 26.25
C GLY B 202 -27.69 -24.18 27.46
N ALA B 203 -29.00 -24.05 27.65
CA ALA B 203 -29.53 -23.43 28.84
C ALA B 203 -29.15 -24.24 30.09
N ILE B 204 -29.38 -25.53 30.00
CA ILE B 204 -29.04 -26.43 31.11
C ILE B 204 -27.57 -26.37 31.48
N LYS B 205 -26.67 -26.40 30.49
CA LYS B 205 -25.26 -26.21 30.73
C LYS B 205 -24.99 -24.89 31.46
N TYR B 206 -25.68 -23.80 31.07
CA TYR B 206 -25.44 -22.56 31.75
C TYR B 206 -25.93 -22.64 33.22
N LEU B 207 -27.14 -23.19 33.41
CA LEU B 207 -27.78 -23.18 34.73
C LEU B 207 -26.94 -24.11 35.66
N LYS B 208 -26.43 -25.21 35.12
CA LYS B 208 -25.57 -26.11 35.93
C LYS B 208 -24.27 -25.39 36.31
N GLY B 209 -23.64 -24.74 35.33
CA GLY B 209 -22.41 -23.94 35.55
C GLY B 209 -22.60 -22.89 36.61
N PHE B 210 -23.79 -22.34 36.70
CA PHE B 210 -24.03 -21.21 37.60
C PHE B 210 -23.87 -21.63 39.05
N THR B 211 -24.29 -22.86 39.38
CA THR B 211 -24.13 -23.38 40.72
C THR B 211 -23.06 -24.47 40.85
N SER B 212 -22.11 -24.54 39.92
CA SER B 212 -21.13 -25.65 39.93
C SER B 212 -20.06 -25.40 41.02
N GLY B 213 -19.83 -24.17 41.42
CA GLY B 213 -18.85 -23.88 42.47
C GLY B 213 -19.51 -23.79 43.84
N SER B 214 -18.72 -23.61 44.91
CA SER B 214 -19.34 -23.34 46.20
C SER B 214 -20.04 -22.00 46.21
N ALA B 215 -21.12 -21.89 46.98
CA ALA B 215 -21.85 -20.64 47.10
C ALA B 215 -20.97 -19.52 47.67
N GLU B 216 -20.14 -19.87 48.66
CA GLU B 216 -19.19 -18.90 49.28
C GLU B 216 -18.22 -18.25 48.28
N GLN B 217 -17.97 -18.93 47.16
CA GLN B 217 -17.08 -18.41 46.13
C GLN B 217 -17.81 -17.93 44.85
N HIS B 218 -19.12 -17.82 44.94
CA HIS B 218 -19.93 -17.49 43.78
C HIS B 218 -19.66 -16.01 43.42
N PRO B 219 -19.77 -15.67 42.16
CA PRO B 219 -19.63 -14.25 41.77
C PRO B 219 -20.50 -13.26 42.53
N PHE B 220 -21.74 -13.65 42.82
CA PHE B 220 -22.54 -12.76 43.63
C PHE B 220 -21.80 -12.32 44.88
N VAL B 221 -21.12 -13.26 45.56
CA VAL B 221 -20.39 -12.97 46.82
C VAL B 221 -19.08 -12.24 46.52
N ASN B 222 -18.34 -12.70 45.50
CA ASN B 222 -17.04 -12.13 45.17
C ASN B 222 -17.16 -10.65 44.79
N VAL B 223 -18.15 -10.34 43.96
CA VAL B 223 -18.41 -8.96 43.55
C VAL B 223 -18.80 -8.13 44.74
N PHE B 224 -19.69 -8.66 45.58
CA PHE B 224 -20.11 -7.97 46.77
C PHE B 224 -18.92 -7.70 47.72
N ARG B 225 -18.04 -8.67 47.90
CA ARG B 225 -16.86 -8.46 48.77
C ARG B 225 -16.00 -7.29 48.25
N GLU B 226 -15.74 -7.28 46.92
CA GLU B 226 -14.93 -6.25 46.31
C GLU B 226 -15.52 -4.85 46.47
N LYS B 227 -16.83 -4.74 46.30
CA LYS B 227 -17.49 -3.45 46.41
C LYS B 227 -17.66 -3.02 47.86
N ILE B 228 -18.02 -3.93 48.74
CA ILE B 228 -18.34 -3.54 50.11
C ILE B 228 -17.07 -3.14 50.91
N GLU B 229 -15.94 -3.71 50.51
CA GLU B 229 -14.65 -3.35 51.07
C GLU B 229 -14.36 -1.84 50.86
N LYS B 230 -14.90 -1.23 49.82
CA LYS B 230 -14.61 0.18 49.54
C LYS B 230 -15.50 1.13 50.32
N VAL B 231 -16.45 0.62 51.08
CA VAL B 231 -17.39 1.47 51.82
C VAL B 231 -16.83 1.85 53.19
N ASP B 232 -16.28 3.07 53.28
CA ASP B 232 -15.56 3.52 54.46
C ASP B 232 -16.49 3.74 55.65
N SER B 233 -17.77 3.97 55.40
CA SER B 233 -18.69 4.28 56.49
C SER B 233 -19.06 3.05 57.31
N LEU B 234 -18.73 1.86 56.84
CA LEU B 234 -19.02 0.61 57.52
C LEU B 234 -17.77 0.10 58.25
N THR B 235 -17.96 -0.45 59.44
CA THR B 235 -16.85 -1.05 60.18
C THR B 235 -16.51 -2.41 59.54
N THR B 236 -15.36 -2.96 59.89
CA THR B 236 -15.00 -4.31 59.43
C THR B 236 -16.12 -5.32 59.76
N GLU B 237 -16.71 -5.16 60.95
CA GLU B 237 -17.73 -6.07 61.45
C GLU B 237 -19.01 -5.95 60.65
N GLN B 238 -19.40 -4.73 60.33
CA GLN B 238 -20.59 -4.50 59.48
C GLN B 238 -20.39 -5.08 58.08
N LYS B 239 -19.22 -4.89 57.52
CA LYS B 239 -18.94 -5.41 56.18
C LYS B 239 -19.04 -6.93 56.23
N GLN B 240 -18.43 -7.53 57.25
CA GLN B 240 -18.48 -8.99 57.39
C GLN B 240 -19.89 -9.58 57.57
N SER B 241 -20.72 -8.91 58.39
CA SER B 241 -22.13 -9.26 58.56
C SER B 241 -22.86 -9.24 57.25
N LEU B 242 -22.64 -8.19 56.46
CA LEU B 242 -23.31 -8.15 55.16
C LEU B 242 -22.82 -9.25 54.22
N ILE B 243 -21.52 -9.54 54.19
CA ILE B 243 -20.97 -10.62 53.42
C ILE B 243 -21.59 -11.95 53.81
N THR B 244 -21.70 -12.18 55.11
CA THR B 244 -22.37 -13.37 55.59
C THR B 244 -23.82 -13.47 55.17
N GLN B 245 -24.54 -12.35 55.15
CA GLN B 245 -25.97 -12.34 54.71
C GLN B 245 -26.10 -12.63 53.20
N VAL B 246 -25.16 -12.13 52.41
CA VAL B 246 -25.12 -12.40 50.98
C VAL B 246 -24.86 -13.88 50.76
N ILE B 247 -23.90 -14.45 51.48
CA ILE B 247 -23.57 -15.89 51.33
C ILE B 247 -24.84 -16.71 51.66
N ALA B 248 -25.57 -16.31 52.69
CA ALA B 248 -26.81 -17.03 53.10
C ALA B 248 -27.86 -17.02 51.98
N LYS B 249 -28.10 -15.86 51.38
CA LYS B 249 -29.05 -15.82 50.25
C LYS B 249 -28.59 -16.64 49.09
N VAL B 250 -27.30 -16.62 48.77
CA VAL B 250 -26.88 -17.34 47.61
C VAL B 250 -27.10 -18.82 47.88
N SER B 251 -26.66 -19.31 49.03
CA SER B 251 -26.69 -20.75 49.27
C SER B 251 -28.12 -21.25 49.52
N GLN B 252 -28.90 -20.47 50.25
CA GLN B 252 -30.28 -20.84 50.64
C GLN B 252 -31.42 -20.48 49.69
N VAL B 253 -31.22 -19.49 48.82
CA VAL B 253 -32.29 -19.04 47.93
C VAL B 253 -31.85 -19.12 46.45
N VAL B 254 -30.72 -18.50 46.12
CA VAL B 254 -30.28 -18.53 44.70
C VAL B 254 -30.00 -19.94 44.18
N TYR B 255 -29.22 -20.72 44.93
CA TYR B 255 -28.78 -22.05 44.50
C TYR B 255 -30.01 -22.97 44.24
N PRO B 256 -30.95 -23.03 45.19
CA PRO B 256 -32.12 -23.90 44.92
C PRO B 256 -33.00 -23.40 43.75
N ALA B 257 -33.08 -22.08 43.62
CA ALA B 257 -33.80 -21.46 42.50
C ALA B 257 -33.24 -21.96 41.17
N TYR B 258 -31.93 -21.79 40.97
CA TYR B 258 -31.29 -22.21 39.73
C TYR B 258 -31.39 -23.72 39.48
N GLN B 259 -31.22 -24.46 40.55
CA GLN B 259 -31.30 -25.91 40.44
C GLN B 259 -32.71 -26.35 40.04
N SER B 260 -33.75 -25.63 40.49
CA SER B 260 -35.10 -25.99 40.08
C SER B 260 -35.41 -25.71 38.62
N VAL B 261 -34.80 -24.63 38.10
CA VAL B 261 -35.01 -24.27 36.70
C VAL B 261 -34.28 -25.27 35.84
N GLU B 262 -33.11 -25.67 36.28
CA GLU B 262 -32.32 -26.67 35.63
C GLU B 262 -33.11 -27.97 35.51
N LYS B 263 -33.74 -28.38 36.59
CA LYS B 263 -34.50 -29.64 36.64
C LYS B 263 -35.69 -29.50 35.70
N ALA B 264 -36.42 -28.41 35.79
CA ALA B 264 -37.58 -28.23 34.91
C ALA B 264 -37.16 -28.23 33.43
N SER B 265 -36.04 -27.60 33.09
CA SER B 265 -35.61 -27.56 31.70
C SER B 265 -35.22 -29.00 31.27
N GLU B 266 -34.50 -29.75 32.11
CA GLU B 266 -34.16 -31.13 31.77
C GLU B 266 -35.40 -31.99 31.51
N GLN B 267 -36.50 -31.72 32.20
CA GLN B 267 -37.74 -32.46 32.00
C GLN B 267 -38.38 -32.18 30.65
N LEU B 268 -38.15 -31.00 30.08
CA LEU B 268 -38.67 -30.70 28.73
C LEU B 268 -37.84 -31.23 27.59
N LEU B 269 -36.66 -31.75 27.85
CA LEU B 269 -35.82 -32.26 26.78
C LEU B 269 -36.44 -33.30 25.90
N SER B 270 -37.19 -34.25 26.49
CA SER B 270 -37.79 -35.29 25.68
C SER B 270 -38.83 -34.70 24.71
N GLU B 271 -39.53 -33.60 25.07
CA GLU B 271 -40.55 -32.99 24.19
C GLU B 271 -39.94 -32.01 23.18
N ALA B 272 -38.80 -31.45 23.54
CA ALA B 272 -38.09 -30.40 22.74
C ALA B 272 -37.75 -30.97 21.34
N ARG B 273 -37.86 -30.15 20.30
CA ARG B 273 -37.67 -30.65 18.94
C ARG B 273 -36.23 -30.72 18.47
N SER B 274 -36.03 -31.61 17.53
CA SER B 274 -34.74 -31.73 16.86
C SER B 274 -34.55 -30.55 15.93
N GLU B 275 -35.63 -30.05 15.35
CA GLU B 275 -35.55 -28.96 14.38
C GLU B 275 -34.93 -27.70 15.00
N SER B 276 -34.11 -27.01 14.19
CA SER B 276 -33.28 -25.92 14.68
C SER B 276 -33.98 -24.56 14.60
N GLY B 277 -34.76 -24.34 13.54
CA GLY B 277 -35.40 -23.05 13.26
C GLY B 277 -36.78 -22.83 13.85
N ILE B 278 -37.18 -21.57 13.93
CA ILE B 278 -38.45 -21.17 14.61
C ILE B 278 -39.71 -21.58 13.80
N TRP B 279 -39.56 -21.91 12.52
CA TRP B 279 -40.60 -22.41 11.66
C TRP B 279 -41.26 -23.65 12.27
N ALA B 280 -40.53 -24.38 13.11
CA ALA B 280 -40.97 -25.63 13.63
C ALA B 280 -41.97 -25.44 14.75
N GLN B 281 -42.04 -24.22 15.31
CA GLN B 281 -43.02 -23.93 16.32
C GLN B 281 -44.41 -23.77 15.71
N PRO B 282 -45.46 -23.94 16.52
CA PRO B 282 -46.77 -23.62 15.98
C PRO B 282 -46.83 -22.12 15.56
N LYS B 283 -47.28 -21.91 14.34
CA LYS B 283 -47.34 -20.59 13.67
C LYS B 283 -45.95 -19.90 13.68
N GLY B 284 -44.91 -20.71 13.73
CA GLY B 284 -43.53 -20.20 13.79
C GLY B 284 -43.17 -19.27 12.64
N SER B 285 -43.68 -19.52 11.45
CA SER B 285 -43.37 -18.67 10.31
C SER B 285 -44.04 -17.32 10.39
N VAL B 286 -45.22 -17.29 10.98
CA VAL B 286 -45.89 -15.99 11.33
C VAL B 286 -45.07 -15.20 12.32
N TYR B 287 -44.63 -15.90 13.35
CA TYR B 287 -43.68 -15.33 14.32
C TYR B 287 -42.45 -14.76 13.59
N TYR B 288 -41.85 -15.54 12.69
CA TYR B 288 -40.64 -15.10 12.05
C TYR B 288 -40.84 -13.84 11.21
N GLN B 289 -41.96 -13.77 10.49
CA GLN B 289 -42.23 -12.59 9.70
C GLN B 289 -42.36 -11.36 10.64
N ASP B 290 -42.92 -11.55 11.80
CA ASP B 290 -43.03 -10.45 12.75
C ASP B 290 -41.63 -10.08 13.24
N ALA B 291 -40.78 -11.07 13.50
CA ALA B 291 -39.41 -10.76 13.90
C ALA B 291 -38.64 -9.99 12.85
N ILE B 292 -38.89 -10.30 11.58
CA ILE B 292 -38.28 -9.58 10.46
C ILE B 292 -38.75 -8.12 10.54
N LYS B 293 -40.02 -7.90 10.80
CA LYS B 293 -40.53 -6.51 10.96
C LYS B 293 -39.91 -5.80 12.18
N GLN B 294 -39.87 -6.46 13.32
CA GLN B 294 -39.44 -5.82 14.59
C GLN B 294 -37.94 -5.67 14.76
N LEU B 295 -37.18 -6.64 14.23
CA LEU B 295 -35.74 -6.69 14.49
C LEU B 295 -34.98 -6.46 13.21
N GLY B 296 -35.56 -6.79 12.08
CA GLY B 296 -34.97 -6.47 10.80
C GLY B 296 -35.43 -5.17 10.24
N ASP B 297 -36.51 -4.59 10.80
CA ASP B 297 -37.16 -3.42 10.26
C ASP B 297 -37.43 -3.52 8.77
N SER B 298 -38.04 -4.63 8.33
CA SER B 298 -38.24 -4.88 6.93
C SER B 298 -39.58 -5.63 6.74
N GLU B 299 -40.18 -5.39 5.59
CA GLU B 299 -41.39 -6.08 5.15
C GLU B 299 -41.03 -7.00 4.00
N LEU B 300 -39.75 -7.15 3.69
CA LEU B 300 -39.34 -8.13 2.64
C LEU B 300 -39.65 -9.52 3.13
N SER B 301 -39.82 -10.45 2.17
CA SER B 301 -39.99 -11.87 2.54
C SER B 301 -38.61 -12.41 2.88
N PRO B 302 -38.56 -13.46 3.70
CA PRO B 302 -37.29 -14.09 4.01
C PRO B 302 -36.69 -14.65 2.74
N THR B 303 -37.54 -14.94 1.76
CA THR B 303 -37.04 -15.42 0.46
C THR B 303 -36.15 -14.38 -0.21
N GLN B 304 -36.57 -13.13 -0.15
CA GLN B 304 -35.79 -12.08 -0.73
C GLN B 304 -34.56 -11.74 0.14
N ILE B 305 -34.70 -11.72 1.48
CA ILE B 305 -33.63 -11.36 2.33
C ILE B 305 -32.49 -12.39 2.21
N HIS B 306 -32.83 -13.69 2.01
CA HIS B 306 -31.82 -14.74 1.85
C HIS B 306 -31.01 -14.48 0.63
N GLN B 307 -31.66 -14.11 -0.47
CA GLN B 307 -30.96 -13.91 -1.71
C GLN B 307 -30.12 -12.60 -1.66
N ILE B 308 -30.60 -11.58 -0.99
CA ILE B 308 -29.79 -10.37 -0.79
C ILE B 308 -28.51 -10.76 -0.01
N GLY B 309 -28.64 -11.59 1.00
CA GLY B 309 -27.54 -12.17 1.72
C GLY B 309 -26.55 -12.86 0.81
N LEU B 310 -27.05 -13.75 -0.03
CA LEU B 310 -26.20 -14.45 -0.98
C LEU B 310 -25.44 -13.50 -1.92
N ASP B 311 -26.14 -12.51 -2.42
CA ASP B 311 -25.54 -11.54 -3.31
C ASP B 311 -24.45 -10.68 -2.57
N GLU B 312 -24.73 -10.27 -1.35
CA GLU B 312 -23.73 -9.53 -0.55
C GLU B 312 -22.50 -10.35 -0.20
N VAL B 313 -22.70 -11.61 0.14
CA VAL B 313 -21.58 -12.54 0.39
C VAL B 313 -20.73 -12.63 -0.88
N ALA B 314 -21.34 -12.78 -2.05
CA ALA B 314 -20.53 -12.88 -3.32
C ALA B 314 -19.76 -11.57 -3.54
N ARG B 315 -20.43 -10.42 -3.35
CA ARG B 315 -19.84 -9.12 -3.60
C ARG B 315 -18.66 -8.91 -2.70
N ILE B 316 -18.89 -9.02 -1.41
CA ILE B 316 -17.86 -8.63 -0.45
C ILE B 316 -16.68 -9.64 -0.59
N SER B 317 -16.98 -10.97 -0.70
CA SER B 317 -15.90 -11.93 -0.84
C SER B 317 -15.07 -11.66 -2.09
N GLY B 318 -15.73 -11.20 -3.16
CA GLY B 318 -15.04 -10.84 -4.39
C GLY B 318 -14.07 -9.68 -4.20
N VAL B 319 -14.48 -8.67 -3.42
CA VAL B 319 -13.65 -7.50 -3.12
C VAL B 319 -12.42 -7.96 -2.33
N MET B 320 -12.67 -8.81 -1.32
CA MET B 320 -11.62 -9.35 -0.48
C MET B 320 -10.63 -10.15 -1.30
N ASN B 321 -11.10 -11.00 -2.21
CA ASN B 321 -10.21 -11.79 -3.06
C ASN B 321 -9.23 -10.89 -3.87
N GLU B 322 -9.75 -9.78 -4.41
CA GLU B 322 -8.87 -8.88 -5.22
C GLU B 322 -7.77 -8.29 -4.36
N ILE B 323 -8.14 -7.83 -3.14
CA ILE B 323 -7.15 -7.28 -2.23
C ILE B 323 -6.14 -8.33 -1.79
N LEU B 324 -6.61 -9.54 -1.50
CA LEU B 324 -5.73 -10.65 -1.13
C LEU B 324 -4.77 -11.00 -2.25
N LEU B 325 -5.28 -11.07 -3.48
CA LEU B 325 -4.43 -11.45 -4.57
C LEU B 325 -3.30 -10.39 -4.71
N ALA B 326 -3.68 -9.12 -4.49
CA ALA B 326 -2.72 -7.99 -4.69
C ALA B 326 -1.59 -8.04 -3.63
N GLN B 327 -1.89 -8.62 -2.48
CA GLN B 327 -0.95 -8.85 -1.40
C GLN B 327 -0.17 -10.19 -1.56
N GLY B 328 -0.48 -10.96 -2.58
CA GLY B 328 0.22 -12.18 -2.76
C GLY B 328 -0.40 -13.45 -2.15
N TYR B 329 -1.63 -13.31 -1.68
CA TYR B 329 -2.40 -14.45 -1.07
C TYR B 329 -3.39 -14.98 -2.12
N THR B 330 -2.95 -15.97 -2.83
CA THR B 330 -3.61 -16.42 -4.02
C THR B 330 -4.23 -17.83 -3.90
N LYS B 331 -4.01 -18.53 -2.82
CA LYS B 331 -4.49 -19.92 -2.75
C LYS B 331 -5.61 -20.05 -1.77
N GLY B 332 -6.69 -20.74 -2.19
CA GLY B 332 -7.75 -21.06 -1.25
C GLY B 332 -8.86 -20.10 -1.25
N THR B 333 -9.87 -20.38 -0.41
CA THR B 333 -10.95 -19.47 -0.32
C THR B 333 -10.53 -18.21 0.42
N VAL B 334 -11.38 -17.19 0.37
CA VAL B 334 -11.17 -16.02 1.19
C VAL B 334 -11.07 -16.42 2.68
N GLY B 335 -11.97 -17.28 3.18
CA GLY B 335 -11.94 -17.66 4.60
C GLY B 335 -10.61 -18.35 4.94
N GLU B 336 -10.13 -19.23 4.07
CA GLU B 336 -8.88 -19.94 4.35
C GLU B 336 -7.67 -18.99 4.41
N ARG B 337 -7.72 -17.94 3.61
CA ARG B 337 -6.65 -16.93 3.57
C ARG B 337 -6.68 -16.09 4.84
N MET B 338 -7.88 -15.75 5.35
CA MET B 338 -7.99 -14.97 6.57
C MET B 338 -7.54 -15.83 7.80
N VAL B 339 -7.89 -17.10 7.80
CA VAL B 339 -7.35 -18.06 8.81
C VAL B 339 -5.84 -18.10 8.81
N ALA B 340 -5.25 -18.17 7.63
CA ALA B 340 -3.77 -18.17 7.47
C ALA B 340 -3.13 -16.91 7.98
N LEU B 341 -3.73 -15.79 7.63
CA LEU B 341 -3.21 -14.52 8.05
C LEU B 341 -3.17 -14.45 9.58
N ASN B 342 -4.24 -14.95 10.21
CA ASN B 342 -4.37 -14.92 11.71
C ASN B 342 -3.20 -15.66 12.43
N GLU B 343 -2.45 -16.53 11.72
CA GLU B 343 -1.33 -17.27 12.27
C GLU B 343 -0.03 -16.47 12.31
N GLU B 344 0.03 -15.37 11.55
CA GLU B 344 1.32 -14.71 11.35
C GLU B 344 1.70 -13.80 12.51
N PRO B 345 2.98 -13.79 12.88
CA PRO B 345 3.42 -13.13 14.10
C PRO B 345 3.27 -11.60 14.04
N ARG B 346 3.27 -11.07 12.81
CA ARG B 346 3.00 -9.63 12.66
C ARG B 346 1.62 -9.16 13.15
N PHE B 347 0.65 -10.07 13.25
CA PHE B 347 -0.73 -9.73 13.66
C PHE B 347 -1.05 -10.08 15.10
N LEU B 348 -0.07 -10.53 15.86
CA LEU B 348 -0.32 -11.05 17.21
C LEU B 348 0.44 -10.29 18.26
N TYR B 349 -0.30 -9.85 19.27
CA TYR B 349 0.30 -9.34 20.47
C TYR B 349 0.78 -10.49 21.38
N GLU B 350 1.77 -10.17 22.19
CA GLU B 350 2.25 -11.16 23.17
C GLU B 350 1.21 -11.45 24.26
N ASP B 351 1.19 -12.71 24.72
CA ASP B 351 0.27 -13.14 25.77
C ASP B 351 0.94 -12.80 27.12
N SER B 352 0.88 -11.52 27.46
CA SER B 352 1.57 -11.03 28.63
C SER B 352 0.83 -9.79 29.09
N ILE B 353 1.15 -9.34 30.31
CA ILE B 353 0.70 -8.04 30.81
C ILE B 353 1.09 -6.94 29.83
N ALA B 354 2.33 -6.94 29.35
CA ALA B 354 2.79 -5.90 28.42
C ALA B 354 2.04 -5.96 27.06
N GLY B 355 1.81 -7.16 26.55
CA GLY B 355 1.07 -7.32 25.27
C GLY B 355 -0.37 -6.81 25.36
N ARG B 356 -1.03 -7.03 26.49
CA ARG B 356 -2.40 -6.56 26.66
C ARG B 356 -2.38 -5.07 26.88
N GLU B 357 -1.36 -4.55 27.56
CA GLU B 357 -1.25 -3.10 27.69
C GLU B 357 -1.00 -2.39 26.34
N GLU B 358 -0.24 -3.02 25.45
CA GLU B 358 0.05 -2.41 24.17
C GLU B 358 -1.24 -2.44 23.30
N LEU B 359 -1.97 -3.55 23.35
CA LEU B 359 -3.26 -3.63 22.64
C LEU B 359 -4.20 -2.48 23.07
N LEU B 360 -4.40 -2.35 24.39
CA LEU B 360 -5.30 -1.31 24.89
C LEU B 360 -4.78 0.09 24.52
N SER B 361 -3.46 0.30 24.56
CA SER B 361 -2.87 1.56 24.08
C SER B 361 -3.18 1.86 22.61
N ASP B 362 -3.06 0.84 21.79
CA ASP B 362 -3.31 0.96 20.35
C ASP B 362 -4.78 1.30 20.11
N ILE B 363 -5.69 0.64 20.82
CA ILE B 363 -7.09 0.87 20.57
C ILE B 363 -7.48 2.27 21.03
N ASN B 364 -6.97 2.71 22.16
CA ASN B 364 -7.28 4.09 22.59
C ASN B 364 -6.75 5.09 21.58
N GLY B 365 -5.60 4.78 20.97
CA GLY B 365 -5.06 5.57 19.92
C GLY B 365 -5.94 5.63 18.69
N TYR B 366 -6.50 4.51 18.28
CA TYR B 366 -7.43 4.51 17.13
C TYR B 366 -8.61 5.45 17.40
N ILE B 367 -9.09 5.44 18.62
CA ILE B 367 -10.27 6.25 19.01
C ILE B 367 -9.96 7.74 18.92
N THR B 368 -8.83 8.14 19.53
CA THR B 368 -8.37 9.53 19.45
C THR B 368 -8.25 9.99 17.99
N GLU B 369 -7.57 9.18 17.15
CA GLU B 369 -7.32 9.51 15.76
C GLU B 369 -8.60 9.65 14.93
N VAL B 370 -9.49 8.67 15.04
CA VAL B 370 -10.69 8.75 14.18
C VAL B 370 -11.61 9.90 14.62
N THR B 371 -11.71 10.10 15.91
CA THR B 371 -12.61 11.14 16.48
C THR B 371 -12.20 12.50 15.98
N ALA B 372 -10.87 12.70 15.85
CA ALA B 372 -10.37 13.96 15.27
C ALA B 372 -10.57 14.06 13.79
N LYS B 373 -10.21 13.03 13.03
CA LYS B 373 -10.36 13.06 11.63
C LYS B 373 -11.80 13.07 11.12
N MET B 374 -12.71 12.51 11.90
CA MET B 374 -14.09 12.41 11.48
C MET B 374 -14.83 13.74 11.67
N ALA B 375 -14.23 14.68 12.39
CA ALA B 375 -14.96 15.92 12.74
C ALA B 375 -15.61 16.73 11.59
N PRO B 376 -15.01 16.80 10.40
CA PRO B 376 -15.66 17.54 9.29
C PRO B 376 -16.99 16.91 8.81
N VAL B 377 -17.20 15.63 9.06
CA VAL B 377 -18.47 15.01 8.65
C VAL B 377 -19.35 14.55 9.82
N PHE B 378 -18.89 14.74 11.05
CA PHE B 378 -19.59 14.45 12.30
C PHE B 378 -19.40 15.68 13.20
N ARG B 379 -20.20 16.66 12.92
CA ARG B 379 -19.93 18.00 13.47
C ARG B 379 -20.56 18.25 14.84
N THR B 380 -21.49 17.38 15.24
CA THR B 380 -22.04 17.42 16.57
C THR B 380 -21.42 16.34 17.44
N THR B 381 -20.74 16.74 18.50
CA THR B 381 -20.08 15.83 19.42
C THR B 381 -20.97 15.57 20.61
N PRO B 382 -21.15 14.30 20.96
CA PRO B 382 -21.90 13.97 22.13
C PRO B 382 -21.23 14.42 23.42
N SER B 383 -22.06 14.60 24.46
CA SER B 383 -21.59 15.06 25.76
C SER B 383 -20.82 13.99 26.55
N TYR B 384 -21.07 12.71 26.25
CA TYR B 384 -20.53 11.63 27.05
C TYR B 384 -19.23 11.17 26.41
N GLN B 385 -18.23 10.84 27.23
CA GLN B 385 -16.95 10.32 26.74
C GLN B 385 -16.85 8.79 26.82
N VAL B 386 -16.26 8.13 25.85
CA VAL B 386 -16.22 6.68 25.93
C VAL B 386 -14.89 6.27 26.63
N GLU B 387 -14.95 5.17 27.35
CA GLU B 387 -13.81 4.55 27.99
C GLU B 387 -13.63 3.16 27.41
N VAL B 388 -12.38 2.68 27.32
CA VAL B 388 -12.08 1.31 26.92
C VAL B 388 -11.62 0.52 28.13
N LYS B 389 -12.21 -0.66 28.30
CA LYS B 389 -11.86 -1.64 29.34
C LYS B 389 -11.80 -3.06 28.80
N SER B 390 -10.90 -3.88 29.36
CA SER B 390 -10.97 -5.29 29.15
C SER B 390 -12.03 -5.89 30.00
N PHE B 391 -12.67 -6.93 29.50
CA PHE B 391 -13.59 -7.69 30.30
C PHE B 391 -12.77 -8.26 31.49
N PRO B 392 -13.34 -8.21 32.70
CA PRO B 392 -12.68 -8.86 33.85
C PRO B 392 -12.36 -10.31 33.62
N VAL B 393 -11.25 -10.77 34.21
CA VAL B 393 -10.79 -12.13 33.97
C VAL B 393 -11.87 -13.12 34.37
N GLU B 394 -12.65 -12.74 35.37
CA GLU B 394 -13.71 -13.59 35.94
C GLU B 394 -14.80 -13.96 34.94
N VAL B 395 -14.98 -13.11 33.92
CA VAL B 395 -16.11 -13.20 33.02
C VAL B 395 -15.67 -13.32 31.54
N GLN B 396 -14.37 -13.23 31.29
CA GLN B 396 -13.94 -13.20 29.88
C GLN B 396 -14.23 -14.51 29.19
N ASP B 397 -14.26 -15.65 29.90
CA ASP B 397 -14.53 -16.95 29.20
C ASP B 397 -15.89 -16.93 28.54
N GLY B 398 -16.89 -16.39 29.22
CA GLY B 398 -18.23 -16.28 28.58
C GLY B 398 -18.46 -15.16 27.54
N ALA B 399 -17.59 -14.16 27.55
CA ALA B 399 -17.93 -12.81 26.98
C ALA B 399 -17.70 -12.75 25.48
N PRO B 400 -18.37 -11.82 24.81
CA PRO B 400 -18.09 -11.68 23.36
C PRO B 400 -16.72 -11.08 23.12
N GLY B 401 -16.31 -10.96 21.85
CA GLY B 401 -15.01 -10.38 21.55
C GLY B 401 -14.92 -8.90 21.87
N GLY B 402 -16.05 -8.22 21.77
CA GLY B 402 -16.19 -6.80 22.04
C GLY B 402 -17.63 -6.44 22.29
N GLN B 403 -17.88 -5.38 23.03
CA GLN B 403 -19.24 -4.97 23.36
C GLN B 403 -19.23 -3.51 23.80
N TYR B 404 -20.30 -2.80 23.56
CA TYR B 404 -20.45 -1.47 24.07
C TYR B 404 -21.60 -1.43 25.05
N THR B 405 -21.33 -0.84 26.20
CA THR B 405 -22.41 -0.63 27.17
C THR B 405 -22.65 0.87 27.28
N SER B 406 -23.91 1.22 27.24
CA SER B 406 -24.28 2.60 27.18
C SER B 406 -24.06 3.19 28.54
N PRO B 407 -23.80 4.48 28.57
CA PRO B 407 -23.80 5.29 29.77
C PRO B 407 -25.21 5.27 30.46
N ALA B 408 -25.19 5.18 31.78
CA ALA B 408 -26.41 5.36 32.57
C ALA B 408 -26.79 6.84 32.39
N VAL B 409 -28.10 7.10 32.45
CA VAL B 409 -28.64 8.42 32.23
C VAL B 409 -28.50 9.27 33.48
N ASP B 410 -28.15 8.64 34.63
CA ASP B 410 -27.92 9.40 35.91
C ASP B 410 -26.48 9.83 36.26
N GLY B 411 -25.55 9.72 35.33
CA GLY B 411 -24.11 10.05 35.59
C GLY B 411 -23.31 8.95 36.31
N SER B 412 -23.96 7.83 36.67
CA SER B 412 -23.35 6.76 37.51
C SER B 412 -22.42 5.73 36.80
N LYS B 413 -22.48 5.65 35.46
CA LYS B 413 -21.65 4.68 34.68
C LYS B 413 -21.35 5.21 33.28
N PRO B 414 -20.06 5.20 32.85
CA PRO B 414 -19.83 5.78 31.51
C PRO B 414 -20.09 4.79 30.40
N GLY B 415 -20.04 5.33 29.18
CA GLY B 415 -20.11 4.48 27.99
C GLY B 415 -18.78 3.70 27.88
N ILE B 416 -18.85 2.37 27.80
CA ILE B 416 -17.62 1.58 27.79
C ILE B 416 -17.59 0.67 26.59
N TYR B 417 -16.44 0.64 25.91
CA TYR B 417 -16.11 -0.34 24.87
C TYR B 417 -15.33 -1.39 25.63
N TRP B 418 -15.92 -2.55 25.79
CA TRP B 418 -15.34 -3.70 26.40
C TRP B 418 -14.63 -4.52 25.31
N ILE B 419 -13.41 -4.94 25.62
CA ILE B 419 -12.70 -5.89 24.70
C ILE B 419 -12.20 -7.12 25.46
N ASN B 420 -12.41 -8.26 24.84
CA ASN B 420 -12.01 -9.53 25.43
C ASN B 420 -10.55 -9.88 25.12
N LEU B 421 -9.74 -9.88 26.18
CA LEU B 421 -8.34 -10.08 26.07
C LEU B 421 -7.94 -11.46 26.57
N ARG B 422 -8.87 -12.38 26.66
CA ARG B 422 -8.55 -13.74 27.07
C ARG B 422 -7.50 -14.43 26.14
N ASP B 423 -7.71 -14.35 24.83
CA ASP B 423 -6.94 -15.10 23.85
C ASP B 423 -6.37 -14.09 22.85
N MET B 424 -5.08 -13.85 22.92
CA MET B 424 -4.40 -12.94 21.96
C MET B 424 -4.60 -13.36 20.51
N LYS B 425 -4.73 -14.68 20.29
CA LYS B 425 -5.01 -15.19 18.96
C LYS B 425 -6.39 -14.87 18.40
N ALA B 426 -7.34 -14.52 19.30
CA ALA B 426 -8.62 -14.03 18.93
C ALA B 426 -8.69 -12.54 18.74
N ASN B 427 -7.57 -11.84 18.88
CA ASN B 427 -7.45 -10.42 18.67
C ASN B 427 -6.34 -10.08 17.63
N PRO B 428 -6.44 -10.65 16.44
CA PRO B 428 -5.44 -10.31 15.43
C PRO B 428 -5.48 -8.79 15.14
N LYS B 429 -4.30 -8.23 14.90
CA LYS B 429 -4.18 -6.81 14.82
C LYS B 429 -5.00 -6.26 13.68
N PHE B 430 -5.14 -7.03 12.62
CA PHE B 430 -5.93 -6.64 11.42
C PHE B 430 -7.44 -6.47 11.63
N GLY B 431 -7.97 -6.87 12.80
CA GLY B 431 -9.39 -6.74 13.04
C GLY B 431 -9.64 -5.67 14.04
N LEU B 432 -8.62 -5.09 14.66
CA LEU B 432 -8.92 -4.20 15.82
C LEU B 432 -9.39 -2.83 15.45
N LYS B 433 -8.95 -2.25 14.33
CA LYS B 433 -9.51 -0.94 13.90
C LYS B 433 -11.05 -1.03 13.67
N THR B 434 -11.50 -2.03 12.90
CA THR B 434 -12.89 -2.09 12.54
C THR B 434 -13.74 -2.33 13.80
N LEU B 435 -13.24 -3.14 14.75
CA LEU B 435 -14.01 -3.43 15.98
C LEU B 435 -14.13 -2.16 16.79
N THR B 436 -13.03 -1.42 16.81
CA THR B 436 -12.97 -0.16 17.60
C THR B 436 -13.90 0.91 17.00
N TYR B 437 -13.95 1.03 15.68
CA TYR B 437 -14.88 2.00 15.04
C TYR B 437 -16.34 1.56 15.25
N HIS B 438 -16.58 0.25 15.23
CA HIS B 438 -17.89 -0.33 15.46
C HIS B 438 -18.42 -0.02 16.86
N GLU B 439 -17.57 -0.25 17.86
CA GLU B 439 -17.98 -0.14 19.24
C GLU B 439 -17.96 1.26 19.80
N ALA B 440 -17.01 2.08 19.38
CA ALA B 440 -16.85 3.39 19.95
C ALA B 440 -17.30 4.41 18.94
N ASN B 441 -16.35 5.07 18.26
CA ASN B 441 -16.61 6.14 17.36
C ASN B 441 -16.11 5.76 15.93
N PRO B 442 -16.91 6.00 14.88
CA PRO B 442 -18.22 6.66 14.81
C PRO B 442 -19.41 5.73 14.99
N GLY B 443 -19.18 4.54 15.52
CA GLY B 443 -20.27 3.52 15.73
C GLY B 443 -21.11 3.70 17.01
N HIS B 444 -21.16 2.69 17.85
CA HIS B 444 -22.18 2.63 18.91
C HIS B 444 -22.11 3.80 19.88
N HIS B 445 -20.92 4.14 20.36
CA HIS B 445 -20.84 5.23 21.36
C HIS B 445 -21.30 6.53 20.80
N TRP B 446 -20.85 6.88 19.60
CA TRP B 446 -21.18 8.18 19.02
C TRP B 446 -22.68 8.32 18.78
N GLN B 447 -23.27 7.26 18.24
CA GLN B 447 -24.71 7.22 18.02
C GLN B 447 -25.52 7.22 19.26
N ILE B 448 -25.25 6.30 20.17
CA ILE B 448 -26.00 6.17 21.43
C ILE B 448 -25.89 7.41 22.26
N ALA B 449 -24.67 7.94 22.38
CA ALA B 449 -24.47 9.15 23.17
C ALA B 449 -25.23 10.35 22.62
N LEU B 450 -25.24 10.51 21.30
CA LEU B 450 -26.00 11.56 20.66
C LEU B 450 -27.51 11.36 20.86
N ASN B 451 -27.99 10.10 20.83
CA ASN B 451 -29.43 9.87 21.07
C ASN B 451 -29.73 10.28 22.51
N LEU B 452 -28.86 9.92 23.44
CA LEU B 452 -29.09 10.29 24.83
C LEU B 452 -29.10 11.79 25.03
N ASP B 453 -28.32 12.52 24.27
CA ASP B 453 -28.28 13.97 24.35
C ASP B 453 -29.51 14.71 23.86
N GLN B 454 -30.47 13.99 23.26
CA GLN B 454 -31.66 14.63 22.68
C GLN B 454 -32.67 14.74 23.79
N ALA B 455 -32.37 15.65 24.75
CA ALA B 455 -33.08 15.77 26.00
C ALA B 455 -34.58 16.06 25.84
N GLU B 456 -34.95 16.63 24.72
CA GLU B 456 -36.37 17.02 24.55
C GLU B 456 -37.27 15.87 24.09
N LEU B 457 -36.66 14.78 23.69
CA LEU B 457 -37.39 13.60 23.29
C LEU B 457 -37.93 12.90 24.53
N PRO B 458 -39.07 12.23 24.38
CA PRO B 458 -39.57 11.36 25.47
C PRO B 458 -38.54 10.30 25.81
N PHE B 459 -38.51 9.88 27.05
CA PHE B 459 -37.44 9.02 27.51
C PHE B 459 -37.28 7.77 26.71
N LEU B 460 -38.36 7.09 26.38
CA LEU B 460 -38.22 5.85 25.65
C LEU B 460 -37.59 6.07 24.27
N ARG B 461 -37.76 7.25 23.67
CA ARG B 461 -37.03 7.63 22.46
C ARG B 461 -35.54 7.90 22.66
N ARG B 462 -35.13 8.31 23.87
CA ARG B 462 -33.72 8.56 24.13
C ARG B 462 -32.92 7.25 24.22
N ILE B 463 -33.61 6.16 24.57
CA ILE B 463 -32.98 4.85 24.68
C ILE B 463 -33.53 3.80 23.68
N ALA B 464 -34.30 4.23 22.67
CA ALA B 464 -35.05 3.33 21.79
C ALA B 464 -34.14 2.27 21.24
N PRO B 465 -34.50 0.98 21.40
CA PRO B 465 -33.60 -0.11 21.00
C PRO B 465 -34.07 -0.64 19.65
N TYR B 466 -34.07 0.19 18.65
CA TYR B 466 -34.31 -0.20 17.23
C TYR B 466 -33.11 -0.91 16.68
N ASN B 467 -33.21 -2.23 16.60
CA ASN B 467 -32.12 -3.09 16.20
C ASN B 467 -31.55 -2.73 14.84
N ALA B 468 -32.40 -2.52 13.83
CA ALA B 468 -31.88 -2.29 12.51
C ALA B 468 -31.16 -0.94 12.44
N TYR B 469 -31.74 0.06 13.08
CA TYR B 469 -31.07 1.34 13.13
C TYR B 469 -29.70 1.21 13.88
N THR B 470 -29.74 0.71 15.11
CA THR B 470 -28.58 0.68 16.00
C THR B 470 -27.43 -0.14 15.44
N GLU B 471 -27.75 -1.33 15.01
CA GLU B 471 -26.76 -2.24 14.41
C GLU B 471 -26.38 -1.81 13.02
N GLY B 472 -27.35 -1.35 12.22
CA GLY B 472 -27.03 -0.92 10.88
C GLY B 472 -26.11 0.29 10.92
N TRP B 473 -26.42 1.22 11.84
CA TRP B 473 -25.60 2.43 12.00
C TRP B 473 -24.14 2.04 12.21
N ALA B 474 -23.89 1.12 13.14
CA ALA B 474 -22.54 0.78 13.50
C ALA B 474 -21.81 0.14 12.35
N LEU B 475 -22.50 -0.70 11.59
CA LEU B 475 -21.85 -1.30 10.38
C LEU B 475 -21.58 -0.24 9.31
N TYR B 476 -22.52 0.65 9.08
CA TYR B 476 -22.34 1.82 8.20
C TYR B 476 -21.13 2.67 8.58
N SER B 477 -20.98 2.91 9.88
CA SER B 477 -19.88 3.71 10.40
C SER B 477 -18.50 3.08 10.16
N GLU B 478 -18.45 1.75 10.10
CA GLU B 478 -17.24 1.03 9.75
C GLU B 478 -16.84 1.27 8.30
N GLN B 479 -17.82 1.46 7.42
CA GLN B 479 -17.50 1.85 6.06
C GLN B 479 -17.12 3.34 5.98
N VAL B 480 -17.77 4.21 6.74
CA VAL B 480 -17.46 5.61 6.70
C VAL B 480 -16.01 5.80 7.20
N ALA B 481 -15.52 4.99 8.12
CA ALA B 481 -14.17 5.10 8.63
C ALA B 481 -13.20 4.87 7.45
N TYR B 482 -13.50 3.86 6.62
CA TYR B 482 -12.70 3.63 5.42
C TYR B 482 -12.74 4.87 4.45
N GLU B 483 -13.95 5.39 4.25
CA GLU B 483 -14.12 6.54 3.35
C GLU B 483 -13.45 7.82 3.90
N LEU B 484 -13.18 7.87 5.20
CA LEU B 484 -12.45 8.96 5.86
C LEU B 484 -10.93 8.76 5.82
N GLY B 485 -10.48 7.64 5.33
CA GLY B 485 -9.06 7.32 5.22
C GLY B 485 -8.39 6.61 6.37
N MET B 486 -9.17 5.92 7.20
CA MET B 486 -8.59 5.21 8.36
C MET B 486 -7.76 3.98 8.00
N TYR B 487 -7.82 3.54 6.75
CA TYR B 487 -7.02 2.38 6.27
C TYR B 487 -6.03 2.74 5.21
N GLU B 488 -5.67 4.03 5.16
CA GLU B 488 -4.56 4.50 4.32
C GLU B 488 -3.33 3.64 4.62
N ASN B 489 -2.75 3.07 3.58
CA ASN B 489 -1.56 2.23 3.66
C ASN B 489 -1.76 1.05 4.65
N ASP B 490 -3.01 0.56 4.71
CA ASP B 490 -3.35 -0.53 5.65
C ASP B 490 -4.28 -1.55 5.03
N PRO B 491 -3.79 -2.30 4.02
CA PRO B 491 -4.59 -3.30 3.34
C PRO B 491 -5.08 -4.38 4.24
N PHE B 492 -4.29 -4.80 5.23
CA PHE B 492 -4.72 -5.88 6.10
C PHE B 492 -5.80 -5.43 7.07
N GLY B 493 -5.67 -4.22 7.57
CA GLY B 493 -6.75 -3.64 8.37
C GLY B 493 -8.03 -3.50 7.55
N ASP B 494 -7.88 -3.16 6.27
CA ASP B 494 -9.05 -3.05 5.41
C ASP B 494 -9.72 -4.42 5.24
N LEU B 495 -8.93 -5.47 5.07
CA LEU B 495 -9.47 -6.82 5.04
C LEU B 495 -10.19 -7.16 6.34
N GLY B 496 -9.71 -6.71 7.49
CA GLY B 496 -10.44 -6.82 8.77
C GLY B 496 -11.82 -6.22 8.71
N ARG B 497 -11.90 -5.01 8.16
CA ARG B 497 -13.17 -4.32 7.92
C ARG B 497 -14.11 -5.12 7.04
N LEU B 498 -13.57 -5.61 5.93
CA LEU B 498 -14.37 -6.31 4.98
C LEU B 498 -14.84 -7.66 5.54
N GLN B 499 -13.99 -8.30 6.31
CA GLN B 499 -14.32 -9.57 6.94
C GLN B 499 -15.47 -9.40 7.85
N ALA B 500 -15.49 -8.30 8.60
CA ALA B 500 -16.62 -8.02 9.52
C ALA B 500 -17.92 -7.71 8.77
N GLU B 501 -17.83 -7.01 7.65
CA GLU B 501 -18.99 -6.78 6.81
C GLU B 501 -19.50 -8.09 6.20
N LEU B 502 -18.58 -8.93 5.74
CA LEU B 502 -18.90 -10.27 5.20
C LEU B 502 -19.63 -11.11 6.19
N PHE B 503 -19.20 -11.05 7.45
CA PHE B 503 -19.78 -11.82 8.51
C PHE B 503 -21.26 -11.42 8.70
N ARG B 504 -21.55 -10.13 8.66
CA ARG B 504 -22.91 -9.69 8.70
C ARG B 504 -23.75 -9.99 7.46
N ALA B 505 -23.14 -10.11 6.27
CA ALA B 505 -23.85 -10.62 5.13
C ALA B 505 -24.20 -12.11 5.32
N VAL B 506 -23.25 -12.89 5.83
CA VAL B 506 -23.48 -14.29 6.14
C VAL B 506 -24.66 -14.42 7.13
N ARG B 507 -24.77 -13.51 8.09
CA ARG B 507 -25.88 -13.49 9.02
C ARG B 507 -27.22 -13.47 8.31
N LEU B 508 -27.36 -12.68 7.25
CA LEU B 508 -28.60 -12.66 6.51
C LEU B 508 -28.88 -14.08 5.99
N VAL B 509 -27.88 -14.72 5.38
CA VAL B 509 -28.05 -16.00 4.82
C VAL B 509 -28.45 -17.07 5.86
N VAL B 510 -27.71 -17.16 6.97
CA VAL B 510 -27.91 -18.24 7.93
C VAL B 510 -29.15 -18.02 8.83
N ASP B 511 -29.48 -16.76 9.15
CA ASP B 511 -30.68 -16.54 9.97
C ASP B 511 -31.98 -16.91 9.20
N THR B 512 -32.07 -16.45 7.95
CA THR B 512 -33.18 -16.81 7.08
C THR B 512 -33.07 -18.33 6.77
N GLY B 513 -31.83 -18.82 6.60
CA GLY B 513 -31.62 -20.26 6.37
C GLY B 513 -32.23 -21.15 7.42
N LEU B 514 -31.84 -20.93 8.68
CA LEU B 514 -32.42 -21.64 9.80
C LEU B 514 -33.94 -21.48 9.88
N HIS B 515 -34.42 -20.24 9.84
CA HIS B 515 -35.75 -19.93 10.31
C HIS B 515 -36.82 -20.01 9.23
N ASP B 516 -36.41 -19.90 7.97
CA ASP B 516 -37.32 -19.95 6.82
C ASP B 516 -36.96 -21.05 5.87
N LYS B 517 -35.69 -21.17 5.46
CA LYS B 517 -35.30 -22.23 4.51
C LYS B 517 -35.33 -23.64 5.15
N ARG B 518 -35.44 -23.68 6.47
CA ARG B 518 -35.38 -24.90 7.25
C ARG B 518 -34.00 -25.62 7.22
N TRP B 519 -32.95 -24.84 7.06
CA TRP B 519 -31.59 -25.35 7.31
C TRP B 519 -31.45 -25.89 8.72
N THR B 520 -30.71 -26.99 8.86
CA THR B 520 -30.28 -27.43 10.16
C THR B 520 -29.21 -26.53 10.74
N ARG B 521 -29.01 -26.67 12.03
CA ARG B 521 -27.87 -26.17 12.76
C ARG B 521 -26.56 -26.49 12.05
N GLU B 522 -26.43 -27.72 11.62
CA GLU B 522 -25.22 -28.15 10.95
C GLU B 522 -25.01 -27.57 9.57
N GLN B 523 -26.08 -27.37 8.82
CA GLN B 523 -25.95 -26.68 7.54
C GLN B 523 -25.52 -25.22 7.71
N ALA B 524 -26.10 -24.52 8.70
CA ALA B 524 -25.76 -23.16 9.01
C ALA B 524 -24.32 -22.99 9.49
N ILE B 525 -23.88 -23.93 10.35
CA ILE B 525 -22.48 -23.97 10.71
C ILE B 525 -21.58 -24.16 9.52
N SER B 526 -21.88 -25.15 8.70
CA SER B 526 -21.08 -25.38 7.55
C SER B 526 -20.97 -24.17 6.60
N TYR B 527 -22.08 -23.47 6.41
CA TYR B 527 -22.08 -22.34 5.52
C TYR B 527 -21.19 -21.23 6.09
N MET B 528 -21.41 -20.90 7.34
CA MET B 528 -20.65 -19.83 7.96
C MET B 528 -19.13 -20.22 8.00
N SER B 529 -18.80 -21.47 8.31
CA SER B 529 -17.40 -21.90 8.37
C SER B 529 -16.77 -21.83 6.96
N GLU B 530 -17.54 -22.10 5.93
CA GLU B 530 -16.98 -22.09 4.58
C GLU B 530 -16.78 -20.66 4.04
N GLN B 531 -17.72 -19.80 4.38
CA GLN B 531 -17.76 -18.46 3.78
C GLN B 531 -17.01 -17.42 4.57
N THR B 532 -16.57 -17.75 5.78
CA THR B 532 -15.82 -16.79 6.60
C THR B 532 -14.61 -17.51 7.18
N GLY B 533 -13.67 -16.75 7.74
CA GLY B 533 -12.57 -17.35 8.51
C GLY B 533 -12.83 -17.55 9.99
N THR B 534 -14.09 -17.58 10.39
CA THR B 534 -14.43 -17.75 11.79
C THR B 534 -14.07 -19.11 12.36
N ALA B 535 -13.46 -19.10 13.55
CA ALA B 535 -13.08 -20.34 14.23
C ALA B 535 -14.34 -21.18 14.56
N GLU B 536 -14.20 -22.50 14.53
CA GLU B 536 -15.37 -23.40 14.66
C GLU B 536 -16.17 -23.22 15.94
N SER B 537 -15.53 -23.01 17.09
CA SER B 537 -16.30 -22.80 18.30
C SER B 537 -17.08 -21.51 18.31
N ASP B 538 -16.53 -20.45 17.72
CA ASP B 538 -17.29 -19.21 17.55
C ASP B 538 -18.45 -19.37 16.57
N VAL B 539 -18.27 -20.13 15.51
CA VAL B 539 -19.39 -20.38 14.58
C VAL B 539 -20.52 -21.11 15.28
N VAL B 540 -20.20 -22.08 16.11
CA VAL B 540 -21.20 -22.82 16.90
C VAL B 540 -22.00 -21.86 17.80
N ALA B 541 -21.29 -21.03 18.53
CA ALA B 541 -21.92 -20.05 19.42
C ALA B 541 -22.81 -19.09 18.62
N GLU B 542 -22.37 -18.66 17.44
CA GLU B 542 -23.16 -17.71 16.65
C GLU B 542 -24.43 -18.38 16.14
N ILE B 543 -24.27 -19.55 15.57
CA ILE B 543 -25.45 -20.25 15.00
C ILE B 543 -26.50 -20.52 16.11
N GLU B 544 -26.05 -20.99 17.29
CA GLU B 544 -26.95 -21.27 18.39
C GLU B 544 -27.58 -19.98 18.92
N ARG B 545 -26.84 -18.88 18.84
CA ARG B 545 -27.44 -17.59 19.16
C ARG B 545 -28.62 -17.28 18.19
N TYR B 546 -28.39 -17.43 16.90
CA TYR B 546 -29.39 -17.11 15.91
C TYR B 546 -30.64 -17.98 16.12
N MET B 547 -30.42 -19.24 16.49
CA MET B 547 -31.53 -20.14 16.83
C MET B 547 -32.38 -19.63 17.98
N ALA B 548 -31.77 -18.98 18.94
CA ALA B 548 -32.46 -18.39 20.11
C ALA B 548 -33.08 -17.03 19.85
N TRP B 549 -32.50 -16.28 18.91
CA TRP B 549 -32.92 -14.88 18.63
C TRP B 549 -33.34 -14.69 17.17
N PRO B 550 -34.39 -15.41 16.69
CA PRO B 550 -34.73 -15.30 15.31
C PRO B 550 -34.97 -13.88 14.84
N GLY B 551 -34.31 -13.56 13.74
CA GLY B 551 -34.36 -12.26 13.15
C GLY B 551 -33.38 -11.21 13.60
N GLN B 552 -32.85 -11.36 14.80
CA GLN B 552 -32.02 -10.28 15.38
C GLN B 552 -30.78 -10.08 14.52
N ALA B 553 -30.26 -11.17 13.96
CA ALA B 553 -29.11 -11.12 13.07
C ALA B 553 -29.32 -10.37 11.78
N LEU B 554 -30.57 -10.11 11.40
CA LEU B 554 -30.83 -9.43 10.14
C LEU B 554 -30.62 -7.93 10.22
N GLY B 555 -30.75 -7.36 11.43
CA GLY B 555 -30.75 -5.90 11.55
C GLY B 555 -29.48 -5.23 11.03
N TYR B 556 -28.37 -5.91 11.20
CA TYR B 556 -27.04 -5.42 10.84
C TYR B 556 -26.99 -5.01 9.38
N LYS B 557 -27.08 -5.96 8.46
CA LYS B 557 -27.05 -5.60 7.09
C LYS B 557 -28.30 -4.92 6.58
N LEU B 558 -29.50 -5.34 6.97
CA LEU B 558 -30.68 -4.65 6.46
C LEU B 558 -30.67 -3.16 6.81
N GLY B 559 -30.19 -2.85 8.01
CA GLY B 559 -30.17 -1.46 8.47
C GLY B 559 -29.06 -0.72 7.72
N MET B 560 -27.89 -1.36 7.54
CA MET B 560 -26.75 -0.75 6.80
C MET B 560 -27.14 -0.49 5.33
N LEU B 561 -27.76 -1.48 4.70
CA LEU B 561 -28.22 -1.36 3.33
C LEU B 561 -29.19 -0.21 3.15
N LYS B 562 -30.10 -0.04 4.11
CA LYS B 562 -31.06 1.04 4.00
C LYS B 562 -30.42 2.42 4.20
N ILE B 563 -29.52 2.58 5.18
CA ILE B 563 -28.81 3.85 5.37
C ILE B 563 -28.05 4.17 4.07
N LEU B 564 -27.38 3.18 3.48
CA LEU B 564 -26.63 3.43 2.25
C LEU B 564 -27.55 3.77 1.08
N SER B 565 -28.71 3.11 1.01
CA SER B 565 -29.68 3.35 -0.05
C SER B 565 -30.22 4.78 0.05
N LEU B 566 -30.53 5.23 1.28
CA LEU B 566 -30.95 6.61 1.47
C LEU B 566 -29.84 7.58 1.08
N ARG B 567 -28.59 7.28 1.43
CA ARG B 567 -27.49 8.17 1.09
C ARG B 567 -27.36 8.26 -0.45
N GLU B 568 -27.55 7.14 -1.13
CA GLU B 568 -27.43 7.16 -2.61
C GLU B 568 -28.60 7.90 -3.24
N GLN B 569 -29.79 7.73 -2.68
CA GLN B 569 -30.94 8.55 -3.12
C GLN B 569 -30.66 10.06 -2.94
N ALA B 570 -30.12 10.43 -1.78
CA ALA B 570 -29.75 11.84 -1.47
C ALA B 570 -28.75 12.38 -2.45
N LYS B 571 -27.72 11.57 -2.72
CA LYS B 571 -26.67 11.95 -3.69
C LYS B 571 -27.24 12.12 -5.09
N ALA B 572 -28.10 11.20 -5.55
CA ALA B 572 -28.77 11.35 -6.86
C ALA B 572 -29.64 12.59 -6.96
N ARG B 573 -30.42 12.86 -5.91
CA ARG B 573 -31.30 14.04 -5.82
C ARG B 573 -30.50 15.34 -5.83
N LEU B 574 -29.42 15.38 -5.07
CA LEU B 574 -28.78 16.64 -4.75
C LEU B 574 -27.58 16.98 -5.63
N GLY B 575 -26.98 15.97 -6.24
CA GLY B 575 -25.71 16.15 -6.94
C GLY B 575 -24.64 16.87 -6.12
N ASP B 576 -24.05 17.90 -6.75
CA ASP B 576 -23.16 18.88 -6.11
C ASP B 576 -23.62 19.42 -4.78
N LYS B 577 -24.92 19.50 -4.56
CA LYS B 577 -25.42 20.07 -3.32
C LYS B 577 -25.31 19.06 -2.12
N PHE B 578 -25.02 17.79 -2.41
CA PHE B 578 -24.92 16.78 -1.33
C PHE B 578 -23.74 17.06 -0.36
N ASP B 579 -24.01 17.06 0.94
CA ASP B 579 -23.05 17.31 2.03
C ASP B 579 -23.11 16.16 3.01
N LEU B 580 -22.07 15.31 3.06
CA LEU B 580 -22.08 14.15 3.95
C LEU B 580 -22.31 14.53 5.41
N ALA B 581 -21.81 15.70 5.82
CA ALA B 581 -21.98 16.14 7.21
C ALA B 581 -23.47 16.34 7.55
N GLU B 582 -24.22 16.93 6.61
CA GLU B 582 -25.64 17.22 6.80
C GLU B 582 -26.40 15.90 6.80
N PHE B 583 -25.99 14.97 5.96
CA PHE B 583 -26.58 13.65 5.98
C PHE B 583 -26.48 12.95 7.33
N HIS B 584 -25.28 12.97 7.91
CA HIS B 584 -25.07 12.36 9.21
C HIS B 584 -25.89 13.07 10.29
N ASP B 585 -26.10 14.37 10.21
CA ASP B 585 -26.91 15.03 11.21
C ASP B 585 -28.38 14.53 11.15
N VAL B 586 -28.89 14.38 9.94
CA VAL B 586 -30.24 13.91 9.75
C VAL B 586 -30.36 12.48 10.26
N VAL B 587 -29.37 11.65 9.96
CA VAL B 587 -29.43 10.27 10.47
C VAL B 587 -29.31 10.13 11.97
N LEU B 588 -28.42 10.93 12.63
CA LEU B 588 -28.10 10.70 14.02
C LEU B 588 -28.89 11.51 14.99
N LEU B 589 -29.26 12.72 14.61
CA LEU B 589 -29.63 13.68 15.64
C LEU B 589 -31.12 13.60 15.99
N ASN B 590 -31.86 12.76 15.29
CA ASN B 590 -33.22 12.47 15.65
C ASN B 590 -33.38 11.15 16.43
N GLY B 591 -32.26 10.55 16.82
CA GLY B 591 -32.23 9.32 17.61
C GLY B 591 -32.46 8.07 16.78
N ALA B 592 -32.52 6.95 17.47
CA ALA B 592 -32.80 5.66 16.87
C ALA B 592 -34.27 5.64 16.50
N VAL B 593 -34.53 5.29 15.24
CA VAL B 593 -35.86 5.39 14.64
C VAL B 593 -36.09 4.18 13.73
N PRO B 594 -37.36 3.86 13.47
CA PRO B 594 -37.64 2.93 12.34
C PRO B 594 -37.17 3.54 11.01
N MET B 595 -36.87 2.67 10.08
CA MET B 595 -36.45 3.07 8.74
C MET B 595 -37.50 3.96 8.05
N ALA B 596 -38.80 3.79 8.32
CA ALA B 596 -39.81 4.68 7.74
C ALA B 596 -39.68 6.13 8.23
N VAL B 597 -39.34 6.31 9.50
CA VAL B 597 -39.17 7.62 10.07
C VAL B 597 -37.83 8.19 9.60
N LEU B 598 -36.78 7.38 9.56
CA LEU B 598 -35.51 7.88 9.02
C LEU B 598 -35.76 8.43 7.57
N SER B 599 -36.51 7.68 6.77
CA SER B 599 -36.75 8.08 5.37
C SER B 599 -37.48 9.44 5.35
N ARG B 600 -38.43 9.61 6.26
CA ARG B 600 -39.15 10.85 6.33
C ARG B 600 -38.26 12.05 6.66
N ASN B 601 -37.31 11.82 7.56
CA ASN B 601 -36.46 12.87 8.03
C ASN B 601 -35.51 13.22 6.89
N VAL B 602 -35.09 12.21 6.14
CA VAL B 602 -34.18 12.41 4.99
C VAL B 602 -34.89 13.25 3.90
N ASN B 603 -36.15 12.91 3.66
CA ASN B 603 -36.99 13.73 2.73
C ASN B 603 -37.23 15.14 3.16
N HIS B 604 -37.31 15.37 4.45
CA HIS B 604 -37.60 16.71 4.96
C HIS B 604 -36.40 17.61 4.63
N TRP B 605 -35.23 17.02 4.76
CA TRP B 605 -33.97 17.69 4.52
C TRP B 605 -33.86 17.91 3.02
N LEU B 606 -34.09 16.85 2.21
CA LEU B 606 -33.97 16.96 0.73
C LEU B 606 -34.89 18.08 0.26
N ASP B 607 -36.06 18.20 0.86
CA ASP B 607 -37.00 19.25 0.39
C ASP B 607 -36.60 20.69 0.71
N ASN B 608 -35.68 20.92 1.64
CA ASN B 608 -35.18 22.27 1.93
C ASN B 608 -33.89 22.54 1.16
N LYS B 609 -33.64 21.70 0.13
CA LYS B 609 -32.55 21.92 -0.78
C LYS B 609 -33.03 22.37 -2.17
N ILE C 25 28.48 41.12 -45.39
CA ILE C 25 27.91 40.65 -44.07
C ILE C 25 27.86 39.11 -44.08
N SER C 26 28.38 38.47 -43.03
CA SER C 26 28.42 37.00 -42.97
C SER C 26 27.01 36.37 -42.88
N SER C 27 26.91 35.09 -43.17
CA SER C 27 25.65 34.36 -43.00
C SER C 27 25.09 34.43 -41.58
N LYS C 28 25.93 34.11 -40.58
CA LYS C 28 25.49 34.18 -39.18
C LYS C 28 24.97 35.57 -38.83
N GLN C 29 25.64 36.61 -39.32
CA GLN C 29 25.27 38.00 -39.01
C GLN C 29 23.93 38.34 -39.66
N GLN C 30 23.74 37.88 -40.90
CA GLN C 30 22.50 38.11 -41.62
C GLN C 30 21.33 37.44 -40.91
N LEU C 31 21.56 36.18 -40.52
CA LEU C 31 20.56 35.39 -39.74
C LEU C 31 20.22 36.10 -38.46
N ALA C 32 21.22 36.54 -37.72
CA ALA C 32 20.95 37.21 -36.46
C ALA C 32 20.04 38.45 -36.69
N SER C 33 20.23 39.16 -37.80
CA SER C 33 19.42 40.37 -38.10
C SER C 33 18.00 40.01 -38.39
N LEU C 34 17.81 38.93 -39.13
CA LEU C 34 16.51 38.38 -39.46
C LEU C 34 15.76 37.91 -38.19
N TYR C 35 16.48 37.33 -37.23
CA TYR C 35 15.83 36.79 -36.00
C TYR C 35 15.34 37.98 -35.17
N LEU C 36 16.16 39.04 -35.16
CA LEU C 36 15.83 40.25 -34.44
C LEU C 36 14.65 40.96 -35.14
N GLN C 37 14.67 41.00 -36.44
CA GLN C 37 13.54 41.59 -37.17
C GLN C 37 12.24 40.83 -36.91
N ALA C 38 12.33 39.50 -36.77
CA ALA C 38 11.15 38.71 -36.50
C ALA C 38 10.56 39.03 -35.13
N LYS C 39 11.43 39.12 -34.12
CA LYS C 39 11.00 39.52 -32.79
C LYS C 39 10.34 40.90 -32.78
N GLN C 40 11.01 41.87 -33.41
CA GLN C 40 10.54 43.25 -33.36
C GLN C 40 9.23 43.43 -34.14
N SER C 41 9.16 42.80 -35.29
CA SER C 41 7.94 42.87 -36.11
C SER C 41 6.72 42.26 -35.42
N LEU C 42 6.91 41.11 -34.79
CA LEU C 42 5.78 40.45 -34.20
C LEU C 42 5.35 41.24 -33.00
N PHE C 43 6.28 41.63 -32.14
CA PHE C 43 5.85 42.22 -30.89
C PHE C 43 5.40 43.69 -31.04
N LYS C 44 5.92 44.41 -32.04
CA LYS C 44 5.39 45.75 -32.41
C LYS C 44 3.86 45.67 -32.67
N GLN C 45 3.43 44.56 -33.26
CA GLN C 45 2.02 44.35 -33.58
C GLN C 45 1.24 43.53 -32.55
N ARG C 46 1.95 43.05 -31.51
CA ARG C 46 1.36 42.36 -30.42
C ARG C 46 1.84 42.99 -29.09
N ALA C 47 1.52 44.27 -28.90
CA ALA C 47 2.08 45.01 -27.82
C ALA C 47 1.66 44.48 -26.48
N LEU C 48 0.50 43.85 -26.40
CA LEU C 48 0.08 43.27 -25.12
C LEU C 48 0.87 42.00 -24.78
N SER C 49 1.25 41.19 -25.78
CA SER C 49 2.19 40.13 -25.49
C SER C 49 3.55 40.66 -25.10
N ALA C 50 4.01 41.76 -25.70
CA ALA C 50 5.24 42.43 -25.27
C ALA C 50 5.16 42.74 -23.78
N THR C 51 4.06 43.38 -23.34
CA THR C 51 3.84 43.59 -21.87
C THR C 51 3.88 42.32 -21.00
N MET C 52 3.21 41.27 -21.43
CA MET C 52 3.19 40.00 -20.74
C MET C 52 4.60 39.48 -20.50
N TYR C 53 5.47 39.57 -21.51
CA TYR C 53 6.82 39.00 -21.40
C TYR C 53 7.77 39.97 -20.69
N GLY C 54 7.34 41.22 -20.53
CA GLY C 54 8.14 42.24 -19.87
C GLY C 54 9.10 42.90 -20.84
N LEU C 55 8.71 43.00 -22.10
CA LEU C 55 9.55 43.65 -23.11
C LEU C 55 9.33 45.20 -23.15
N SER C 56 10.38 45.92 -23.55
CA SER C 56 10.37 47.40 -23.61
C SER C 56 11.09 47.92 -24.82
N GLN C 57 11.41 49.21 -24.83
CA GLN C 57 11.99 49.82 -26.01
C GLN C 57 13.26 49.15 -26.47
N LYS C 58 14.12 48.78 -25.50
CA LYS C 58 15.42 48.20 -25.86
C LYS C 58 15.24 46.89 -26.59
N ASP C 59 14.15 46.19 -26.27
CA ASP C 59 13.83 44.90 -26.92
C ASP C 59 13.20 45.04 -28.30
N ILE C 60 12.24 45.96 -28.41
CA ILE C 60 11.41 46.13 -29.61
C ILE C 60 11.96 47.13 -30.65
N GLY C 61 12.63 48.18 -30.18
CA GLY C 61 13.09 49.30 -31.05
C GLY C 61 12.09 50.47 -31.11
N GLN C 62 11.12 50.43 -30.21
CA GLN C 62 9.96 51.32 -30.25
C GLN C 62 9.36 51.28 -28.86
N VAL C 63 8.75 52.36 -28.37
CA VAL C 63 7.91 52.27 -27.15
C VAL C 63 6.55 51.66 -27.52
N ILE C 64 6.16 50.61 -26.78
CA ILE C 64 4.91 49.92 -27.00
C ILE C 64 4.02 49.95 -25.80
N SER C 65 4.46 50.63 -24.74
CA SER C 65 3.84 50.49 -23.45
C SER C 65 2.41 51.05 -23.34
N SER C 66 2.05 51.96 -24.22
CA SER C 66 0.65 52.43 -24.34
C SER C 66 0.05 52.07 -25.71
N ASP C 67 0.66 51.13 -26.42
CA ASP C 67 0.18 50.78 -27.77
C ASP C 67 -0.91 49.71 -27.62
N MET C 68 -1.80 49.60 -28.63
CA MET C 68 -2.89 48.65 -28.55
C MET C 68 -2.64 47.73 -29.74
N GLU C 69 -3.25 46.56 -29.71
CA GLU C 69 -3.21 45.64 -30.85
C GLU C 69 -4.41 45.88 -31.75
N PHE C 70 -4.23 45.77 -33.06
CA PHE C 70 -5.35 45.95 -33.99
C PHE C 70 -5.37 44.78 -34.97
N TYR C 71 -6.57 44.46 -35.44
CA TYR C 71 -6.85 43.19 -36.12
C TYR C 71 -7.57 43.31 -37.45
N SER C 72 -7.40 44.43 -38.16
CA SER C 72 -8.07 44.58 -39.44
C SER C 72 -7.59 43.56 -40.42
N PRO C 73 -8.40 43.29 -41.45
CA PRO C 73 -7.88 42.46 -42.52
C PRO C 73 -6.49 42.93 -43.01
N GLU C 74 -6.30 44.24 -43.19
CA GLU C 74 -5.02 44.75 -43.66
C GLU C 74 -3.94 44.55 -42.60
N ASN C 75 -4.26 44.79 -41.33
CA ASN C 75 -3.29 44.53 -40.20
C ASN C 75 -2.78 43.07 -40.26
N GLU C 76 -3.72 42.14 -40.33
CA GLU C 76 -3.34 40.68 -40.35
C GLU C 76 -2.57 40.33 -41.61
N LYS C 77 -3.01 40.84 -42.74
CA LYS C 77 -2.35 40.57 -44.01
C LYS C 77 -0.92 41.07 -43.92
N GLN C 78 -0.70 42.29 -43.43
CA GLN C 78 0.66 42.83 -43.46
C GLN C 78 1.59 42.16 -42.44
N LEU C 79 1.04 41.82 -41.27
CA LEU C 79 1.82 41.02 -40.27
C LEU C 79 2.25 39.68 -40.83
N ARG C 80 1.30 38.93 -41.38
CA ARG C 80 1.63 37.63 -41.95
C ARG C 80 2.63 37.69 -43.10
N ALA C 81 2.46 38.66 -43.97
CA ALA C 81 3.31 38.79 -45.15
C ALA C 81 4.75 39.11 -44.70
N GLU C 82 4.91 39.92 -43.65
CA GLU C 82 6.24 40.25 -43.13
C GLU C 82 6.93 39.03 -42.57
N LEU C 83 6.20 38.28 -41.76
CA LEU C 83 6.72 37.06 -41.13
C LEU C 83 7.09 35.98 -42.15
N LEU C 84 6.26 35.84 -43.17
CA LEU C 84 6.56 34.86 -44.23
C LEU C 84 7.84 35.25 -44.99
N SER C 85 7.94 36.54 -45.35
CA SER C 85 9.13 37.05 -46.03
C SER C 85 10.37 36.77 -45.22
N ILE C 86 10.32 37.04 -43.92
CA ILE C 86 11.45 36.73 -43.07
C ILE C 86 11.76 35.21 -43.09
N SER C 87 10.74 34.39 -42.95
CA SER C 87 10.88 32.93 -42.90
C SER C 87 11.59 32.42 -44.12
N ASN C 88 11.14 32.87 -45.28
CA ASN C 88 11.73 32.44 -46.53
C ASN C 88 13.18 32.92 -46.66
N THR C 89 13.45 34.15 -46.27
CA THR C 89 14.80 34.66 -46.34
C THR C 89 15.74 33.84 -45.41
N ILE C 90 15.28 33.57 -44.17
CA ILE C 90 16.06 32.76 -43.24
C ILE C 90 16.39 31.42 -43.86
N ALA C 91 15.38 30.77 -44.44
CA ALA C 91 15.55 29.45 -44.98
C ALA C 91 16.51 29.46 -46.17
N GLY C 92 16.61 30.59 -46.85
CA GLY C 92 17.38 30.69 -48.10
C GLY C 92 18.87 30.87 -47.84
N ILE C 93 19.25 31.28 -46.64
CA ILE C 93 20.65 31.58 -46.34
C ILE C 93 21.51 30.33 -46.40
N LYS C 94 22.64 30.45 -47.09
CA LYS C 94 23.57 29.35 -47.18
C LYS C 94 24.55 29.41 -46.04
N LEU C 95 24.57 28.33 -45.25
CA LEU C 95 25.52 28.22 -44.16
C LEU C 95 26.78 27.60 -44.76
N ASP C 96 27.93 28.20 -44.47
CA ASP C 96 29.25 27.62 -44.85
C ASP C 96 29.69 26.47 -43.89
N ASP C 97 29.12 25.29 -44.09
CA ASP C 97 29.37 24.13 -43.19
C ASP C 97 29.37 24.52 -41.68
N ALA C 98 28.22 25.00 -41.23
CA ALA C 98 28.08 25.50 -39.87
C ALA C 98 27.93 24.34 -38.87
N ASP C 99 28.02 24.67 -37.59
CA ASP C 99 27.87 23.64 -36.58
C ASP C 99 26.39 23.26 -36.43
N ILE C 100 26.11 22.29 -35.56
CA ILE C 100 24.74 21.88 -35.27
C ILE C 100 23.88 23.05 -34.72
N THR C 101 24.45 23.91 -33.87
CA THR C 101 23.68 25.02 -33.28
C THR C 101 23.23 26.02 -34.34
N THR C 102 24.12 26.34 -35.30
CA THR C 102 23.77 27.30 -36.34
C THR C 102 22.72 26.71 -37.28
N LYS C 103 22.90 25.45 -37.70
CA LYS C 103 21.90 24.76 -38.50
C LYS C 103 20.54 24.69 -37.77
N ASN C 104 20.57 24.33 -36.49
CA ASN C 104 19.35 24.27 -35.72
C ASN C 104 18.66 25.63 -35.51
N ASN C 105 19.42 26.67 -35.22
CA ASN C 105 18.84 28.02 -35.11
C ASN C 105 18.11 28.39 -36.41
N GLN C 106 18.74 28.12 -37.56
CA GLN C 106 18.12 28.46 -38.82
C GLN C 106 16.83 27.68 -39.05
N GLN C 107 16.86 26.38 -38.81
CA GLN C 107 15.67 25.53 -39.00
C GLN C 107 14.55 25.92 -38.07
N VAL C 108 14.89 26.17 -36.80
CA VAL C 108 13.88 26.57 -35.80
C VAL C 108 13.30 27.95 -36.07
N MET C 109 14.16 28.92 -36.36
CA MET C 109 13.67 30.27 -36.63
C MET C 109 12.83 30.41 -37.91
N ALA C 110 13.14 29.62 -38.94
CA ALA C 110 12.39 29.60 -40.19
C ALA C 110 11.04 29.00 -39.86
N GLY C 111 11.06 27.97 -39.03
CA GLY C 111 9.81 27.32 -38.55
C GLY C 111 8.91 28.17 -37.71
N LEU C 112 9.48 28.88 -36.75
CA LEU C 112 8.74 29.82 -35.94
C LEU C 112 8.13 30.97 -36.70
N THR C 113 8.88 31.57 -37.60
CA THR C 113 8.38 32.63 -38.38
C THR C 113 7.23 32.11 -39.28
N ARG C 114 7.35 30.90 -39.83
CA ARG C 114 6.22 30.28 -40.59
C ARG C 114 5.01 30.03 -39.66
N TYR C 115 5.25 29.64 -38.42
CA TYR C 115 4.16 29.35 -37.47
C TYR C 115 3.34 30.59 -37.28
N PHE C 116 4.03 31.71 -37.14
CA PHE C 116 3.37 32.95 -36.92
C PHE C 116 2.80 33.62 -38.21
N ALA C 117 3.35 33.30 -39.39
CA ALA C 117 2.78 33.76 -40.62
C ALA C 117 1.48 33.02 -40.92
N GLY C 118 1.30 31.84 -40.33
CA GLY C 118 0.18 30.96 -40.60
C GLY C 118 0.18 30.32 -41.98
N GLU C 119 -0.74 29.39 -42.15
CA GLU C 119 -0.92 28.68 -43.42
C GLU C 119 -1.15 29.73 -44.52
N PRO C 120 -0.33 29.70 -45.58
CA PRO C 120 -0.31 30.80 -46.50
C PRO C 120 -1.63 31.02 -47.28
N ASN C 121 -2.39 29.96 -47.43
CA ASN C 121 -3.63 30.04 -48.16
C ASN C 121 -4.86 30.34 -47.27
N PHE C 122 -4.70 30.57 -45.99
CA PHE C 122 -5.81 30.87 -45.08
C PHE C 122 -5.55 32.28 -44.55
N ASN C 123 -6.33 33.25 -45.00
CA ASN C 123 -6.19 34.58 -44.47
C ASN C 123 -7.16 34.82 -43.32
N ILE C 124 -7.94 33.80 -43.00
CA ILE C 124 -8.90 33.85 -41.91
C ILE C 124 -8.24 33.90 -40.50
N GLY C 125 -9.06 34.11 -39.48
CA GLY C 125 -8.60 34.06 -38.10
C GLY C 125 -7.67 35.17 -37.68
N TYR C 126 -6.79 34.86 -36.74
CA TYR C 126 -5.80 35.84 -36.27
C TYR C 126 -4.56 35.08 -35.79
N ILE C 127 -3.43 35.80 -35.75
CA ILE C 127 -2.21 35.24 -35.23
C ILE C 127 -2.14 35.45 -33.75
N ASP C 128 -2.06 34.33 -33.03
CA ASP C 128 -1.91 34.32 -31.56
C ASP C 128 -0.43 34.11 -31.24
N THR C 129 0.12 34.85 -30.26
CA THR C 129 1.55 34.72 -29.99
C THR C 129 1.89 33.39 -29.28
N TRP C 130 0.87 32.68 -28.82
CA TRP C 130 1.03 31.29 -28.27
C TRP C 130 0.66 30.27 -29.31
N MET C 131 -0.57 30.34 -29.84
CA MET C 131 -1.14 29.28 -30.68
C MET C 131 -0.84 29.37 -32.16
N GLY C 132 -0.21 30.45 -32.62
CA GLY C 132 -0.07 30.73 -34.02
C GLY C 132 -1.42 31.01 -34.65
N LEU C 133 -1.62 30.53 -35.87
CA LEU C 133 -2.90 30.78 -36.57
C LEU C 133 -4.03 30.16 -35.78
N SER C 134 -4.99 31.03 -35.44
CA SER C 134 -6.13 30.65 -34.60
C SER C 134 -7.44 31.00 -35.34
N PRO C 135 -8.41 30.07 -35.33
CA PRO C 135 -9.45 30.18 -36.32
C PRO C 135 -10.53 31.24 -36.05
N PHE C 136 -10.86 31.55 -34.78
CA PHE C 136 -12.01 32.31 -34.49
C PHE C 136 -11.62 33.50 -33.68
N ILE C 137 -11.65 34.68 -34.30
CA ILE C 137 -11.10 35.85 -33.64
C ILE C 137 -11.91 36.28 -32.41
N VAL C 138 -13.21 35.98 -32.42
CA VAL C 138 -14.09 36.10 -31.24
C VAL C 138 -14.56 34.68 -30.89
N ASN C 139 -14.20 34.22 -29.70
CA ASN C 139 -14.59 32.91 -29.21
C ASN C 139 -14.80 32.97 -27.72
N GLN C 140 -15.14 31.81 -27.13
CA GLN C 140 -15.56 31.76 -25.71
C GLN C 140 -14.37 31.63 -24.75
N ILE C 141 -13.21 31.26 -25.26
CA ILE C 141 -12.10 30.93 -24.40
C ILE C 141 -10.89 31.85 -24.42
N ASN C 142 -10.49 32.35 -25.57
CA ASN C 142 -9.37 33.28 -25.68
C ASN C 142 -9.60 34.28 -26.85
N GLY C 143 -8.52 34.83 -27.35
CA GLY C 143 -8.53 35.88 -28.35
C GLY C 143 -8.38 37.22 -27.70
N PRO C 144 -8.23 38.27 -28.51
CA PRO C 144 -7.88 39.58 -27.97
C PRO C 144 -8.85 40.16 -26.93
N LEU C 145 -10.15 40.01 -27.13
CA LEU C 145 -11.13 40.57 -26.19
C LEU C 145 -11.16 39.86 -24.86
N ILE C 146 -10.59 38.65 -24.81
CA ILE C 146 -10.37 37.97 -23.51
C ILE C 146 -8.98 38.17 -22.95
N ASP C 147 -7.95 38.02 -23.78
CA ASP C 147 -6.57 38.12 -23.33
C ASP C 147 -6.02 39.53 -23.11
N ILE C 148 -6.47 40.53 -23.88
CA ILE C 148 -5.98 41.92 -23.64
C ILE C 148 -6.40 42.42 -22.24
N PRO C 149 -7.65 42.24 -21.84
CA PRO C 149 -7.88 42.76 -20.47
C PRO C 149 -7.06 42.02 -19.42
N ARG C 150 -6.83 40.72 -19.61
CA ARG C 150 -6.07 39.97 -18.63
C ARG C 150 -4.65 40.49 -18.47
N VAL C 151 -3.96 40.73 -19.59
CA VAL C 151 -2.64 41.29 -19.56
C VAL C 151 -2.67 42.64 -18.89
N MET C 152 -3.63 43.48 -19.23
CA MET C 152 -3.64 44.82 -18.68
C MET C 152 -3.82 44.81 -17.12
N GLN C 153 -4.67 43.89 -16.64
CA GLN C 153 -4.99 43.80 -15.23
C GLN C 153 -3.90 43.08 -14.42
N ASN C 154 -3.11 42.22 -15.06
CA ASN C 154 -2.18 41.34 -14.32
C ASN C 154 -0.72 41.67 -14.53
N ASP C 155 -0.32 41.98 -15.76
CA ASP C 155 1.08 42.14 -16.10
C ASP C 155 1.51 43.58 -16.22
N GLN C 156 0.56 44.44 -16.54
CA GLN C 156 0.91 45.82 -16.81
C GLN C 156 1.15 46.57 -15.51
N PRO C 157 2.27 47.27 -15.41
CA PRO C 157 2.62 47.84 -14.10
C PRO C 157 1.98 49.18 -13.96
N ILE C 158 1.49 49.47 -12.75
CA ILE C 158 0.96 50.78 -12.42
C ILE C 158 1.66 51.24 -11.15
N THR C 159 2.88 51.75 -11.31
CA THR C 159 3.69 52.12 -10.16
C THR C 159 4.05 53.61 -10.12
N THR C 160 4.29 54.21 -11.30
CA THR C 160 4.50 55.65 -11.53
C THR C 160 3.30 56.32 -12.24
N GLU C 161 3.35 57.65 -12.35
CA GLU C 161 2.24 58.38 -12.99
C GLU C 161 2.15 58.08 -14.48
N LYS C 162 3.29 58.14 -15.15
CA LYS C 162 3.49 57.74 -16.53
C LYS C 162 2.92 56.36 -16.82
N GLU C 163 3.06 55.41 -15.90
CA GLU C 163 2.50 54.06 -16.08
C GLU C 163 0.98 54.09 -15.93
N ALA C 164 0.46 54.94 -15.06
CA ALA C 164 -1.02 55.03 -14.91
C ALA C 164 -1.64 55.62 -16.20
N LEU C 165 -0.90 56.48 -16.87
CA LEU C 165 -1.43 57.13 -18.08
C LEU C 165 -1.31 56.16 -19.28
N ASP C 166 -0.31 55.29 -19.26
CA ASP C 166 -0.21 54.24 -20.28
C ASP C 166 -1.44 53.37 -20.19
N TYR C 167 -1.92 53.14 -18.99
CA TYR C 167 -3.10 52.30 -18.83
C TYR C 167 -4.34 53.00 -19.40
N ILE C 168 -4.48 54.29 -19.12
CA ILE C 168 -5.66 55.03 -19.56
C ILE C 168 -5.68 55.18 -21.08
N VAL C 169 -4.50 55.38 -21.66
CA VAL C 169 -4.32 55.52 -23.08
C VAL C 169 -4.60 54.19 -23.80
N ARG C 170 -4.17 53.06 -23.25
CA ARG C 170 -4.64 51.75 -23.79
C ARG C 170 -6.18 51.57 -23.75
N LEU C 171 -6.83 51.86 -22.63
CA LEU C 171 -8.29 51.72 -22.50
C LEU C 171 -9.04 52.58 -23.53
N GLY C 172 -8.46 53.72 -23.86
CA GLY C 172 -9.10 54.67 -24.76
C GLY C 172 -9.08 54.23 -26.20
N GLN C 173 -8.24 53.24 -26.51
CA GLN C 173 -8.12 52.65 -27.85
C GLN C 173 -8.99 51.45 -28.05
N PHE C 174 -9.78 51.09 -27.04
CA PHE C 174 -10.69 49.95 -27.19
C PHE C 174 -11.73 50.07 -28.32
N ASP C 175 -12.08 51.30 -28.69
CA ASP C 175 -13.01 51.52 -29.82
C ASP C 175 -12.43 51.00 -31.12
N LYS C 176 -11.17 51.30 -31.39
CA LYS C 176 -10.51 50.83 -32.58
C LYS C 176 -10.22 49.33 -32.48
N LEU C 177 -9.88 48.84 -31.28
CA LEU C 177 -9.69 47.40 -31.10
C LEU C 177 -10.95 46.69 -31.57
N ALA C 178 -12.06 47.09 -30.99
CA ALA C 178 -13.35 46.46 -31.33
C ALA C 178 -13.72 46.60 -32.79
N ALA C 179 -13.47 47.78 -33.37
CA ALA C 179 -13.88 48.02 -34.76
C ALA C 179 -13.10 47.13 -35.67
N THR C 180 -11.81 46.98 -35.39
CA THR C 180 -10.96 46.15 -36.27
C THR C 180 -11.29 44.65 -36.17
N ILE C 181 -11.61 44.21 -34.96
CA ILE C 181 -11.97 42.81 -34.74
C ILE C 181 -13.27 42.48 -35.51
N ILE C 182 -14.25 43.34 -35.37
CA ILE C 182 -15.50 43.17 -36.12
C ILE C 182 -15.26 43.19 -37.62
N GLU C 183 -14.41 44.09 -38.09
CA GLU C 183 -14.04 44.08 -39.49
C GLU C 183 -13.48 42.75 -39.96
N LYS C 184 -12.61 42.15 -39.12
CA LYS C 184 -11.99 40.87 -39.45
C LYS C 184 -13.01 39.71 -39.40
N GLN C 185 -13.85 39.71 -38.38
CA GLN C 185 -14.88 38.65 -38.21
C GLN C 185 -15.84 38.72 -39.38
N THR C 186 -16.17 39.93 -39.80
CA THR C 186 -17.03 40.12 -40.96
C THR C 186 -16.40 39.65 -42.24
N ALA C 187 -15.12 39.98 -42.44
CA ALA C 187 -14.37 39.54 -43.61
C ALA C 187 -14.28 37.99 -43.70
N ASP C 188 -14.01 37.36 -42.54
CA ASP C 188 -13.99 35.92 -42.45
C ASP C 188 -15.39 35.35 -42.81
N ALA C 189 -16.41 35.90 -42.21
CA ALA C 189 -17.77 35.48 -42.50
C ALA C 189 -18.20 35.63 -43.97
N ALA C 190 -17.65 36.65 -44.65
CA ALA C 190 -17.97 36.92 -46.06
C ALA C 190 -17.41 35.82 -46.91
N GLN C 191 -16.40 35.11 -46.40
CA GLN C 191 -15.87 33.91 -47.09
C GLN C 191 -16.28 32.59 -46.40
N ASN C 192 -17.42 32.63 -45.70
CA ASN C 192 -18.08 31.47 -45.12
C ASN C 192 -17.23 30.82 -44.06
N TRP C 193 -16.33 31.62 -43.44
CA TRP C 193 -15.53 31.12 -42.30
C TRP C 193 -16.08 31.79 -41.06
N LEU C 194 -16.78 31.02 -40.26
CA LEU C 194 -17.22 31.55 -38.97
C LEU C 194 -17.48 30.44 -37.98
N PRO C 195 -17.58 30.82 -36.70
CA PRO C 195 -17.61 29.73 -35.73
C PRO C 195 -18.94 29.02 -35.73
N SER C 196 -18.96 27.84 -35.13
CA SER C 196 -20.21 27.15 -34.87
C SER C 196 -21.08 28.00 -33.99
N LYS C 197 -22.37 27.67 -34.02
CA LYS C 197 -23.34 28.37 -33.18
C LYS C 197 -22.91 28.27 -31.71
N VAL C 198 -22.47 27.11 -31.30
CA VAL C 198 -22.03 26.93 -29.91
C VAL C 198 -20.84 27.81 -29.51
N THR C 199 -19.83 27.92 -30.37
CA THR C 199 -18.72 28.80 -30.10
C THR C 199 -19.19 30.22 -30.02
N LEU C 200 -19.99 30.64 -31.02
CA LEU C 200 -20.48 32.02 -31.01
C LEU C 200 -21.32 32.31 -29.76
N GLN C 201 -22.18 31.37 -29.39
CA GLN C 201 -23.04 31.56 -28.17
C GLN C 201 -22.15 31.71 -26.95
N GLY C 202 -21.11 30.90 -26.84
CA GLY C 202 -20.18 31.10 -25.75
C GLY C 202 -19.47 32.43 -25.72
N ALA C 203 -19.02 32.88 -26.87
CA ALA C 203 -18.44 34.23 -26.98
C ALA C 203 -19.43 35.34 -26.54
N ILE C 204 -20.67 35.23 -26.99
CA ILE C 204 -21.68 36.26 -26.70
C ILE C 204 -21.85 36.26 -25.19
N LYS C 205 -21.97 35.06 -24.60
CA LYS C 205 -22.02 34.96 -23.13
C LYS C 205 -20.93 35.71 -22.40
N TYR C 206 -19.69 35.54 -22.87
CA TYR C 206 -18.56 36.26 -22.27
C TYR C 206 -18.64 37.78 -22.45
N LEU C 207 -18.98 38.21 -23.66
CA LEU C 207 -19.02 39.65 -23.97
C LEU C 207 -20.15 40.32 -23.15
N LYS C 208 -21.32 39.67 -23.10
CA LYS C 208 -22.47 40.14 -22.26
C LYS C 208 -22.01 40.26 -20.81
N GLY C 209 -21.45 39.18 -20.30
CA GLY C 209 -20.92 39.15 -18.94
C GLY C 209 -19.94 40.27 -18.62
N PHE C 210 -19.12 40.64 -19.59
CA PHE C 210 -18.05 41.61 -19.42
C PHE C 210 -18.61 43.00 -19.08
N THR C 211 -19.77 43.36 -19.60
CA THR C 211 -20.32 44.69 -19.28
C THR C 211 -21.53 44.61 -18.37
N SER C 212 -21.77 43.45 -17.75
CA SER C 212 -23.05 43.20 -17.09
C SER C 212 -23.16 44.03 -15.82
N GLY C 213 -22.03 44.42 -15.23
CA GLY C 213 -22.01 45.33 -14.07
C GLY C 213 -21.72 46.80 -14.41
N SER C 214 -21.93 47.70 -13.45
CA SER C 214 -21.68 49.12 -13.72
C SER C 214 -20.19 49.35 -14.02
N ALA C 215 -19.92 50.33 -14.90
CA ALA C 215 -18.56 50.62 -15.35
C ALA C 215 -17.64 51.08 -14.21
N GLU C 216 -18.23 51.84 -13.27
CA GLU C 216 -17.61 52.23 -11.98
C GLU C 216 -17.02 51.06 -11.18
N GLN C 217 -17.67 49.89 -11.21
CA GLN C 217 -17.25 48.68 -10.49
C GLN C 217 -16.64 47.59 -11.38
N HIS C 218 -16.10 47.99 -12.53
CA HIS C 218 -15.44 47.02 -13.41
C HIS C 218 -14.02 46.68 -12.94
N PRO C 219 -13.57 45.42 -13.13
CA PRO C 219 -12.20 45.09 -12.85
C PRO C 219 -11.15 46.06 -13.34
N PHE C 220 -11.31 46.65 -14.53
CA PHE C 220 -10.30 47.57 -14.98
C PHE C 220 -10.22 48.68 -13.93
N VAL C 221 -11.38 48.99 -13.38
CA VAL C 221 -11.49 50.03 -12.35
C VAL C 221 -11.08 49.47 -10.98
N ASN C 222 -11.72 48.38 -10.54
CA ASN C 222 -11.42 47.75 -9.23
C ASN C 222 -9.98 47.34 -9.15
N VAL C 223 -9.46 46.73 -10.21
CA VAL C 223 -8.01 46.47 -10.28
C VAL C 223 -7.18 47.75 -10.27
N PHE C 224 -7.63 48.82 -10.88
CA PHE C 224 -6.82 50.05 -10.89
C PHE C 224 -6.89 50.80 -9.53
N ARG C 225 -8.02 50.65 -8.84
CA ARG C 225 -8.16 51.28 -7.51
C ARG C 225 -7.14 50.55 -6.62
N GLU C 226 -7.27 49.22 -6.56
CA GLU C 226 -6.45 48.37 -5.66
C GLU C 226 -4.99 48.69 -5.87
N LYS C 227 -4.57 48.87 -7.12
CA LYS C 227 -3.15 49.12 -7.45
C LYS C 227 -2.74 50.55 -7.29
N ILE C 228 -3.63 51.47 -7.64
CA ILE C 228 -3.27 52.90 -7.55
C ILE C 228 -3.19 53.35 -6.07
N GLU C 229 -4.00 52.69 -5.22
CA GLU C 229 -4.05 52.96 -3.75
C GLU C 229 -2.68 52.83 -3.06
N LYS C 230 -1.85 51.93 -3.59
CA LYS C 230 -0.46 51.67 -3.12
C LYS C 230 0.60 52.66 -3.64
N VAL C 231 0.21 53.64 -4.46
CA VAL C 231 1.22 54.52 -5.10
C VAL C 231 1.48 55.68 -4.17
N ASP C 232 2.69 56.27 -4.22
CA ASP C 232 3.12 57.26 -3.20
C ASP C 232 3.60 58.58 -3.72
N SER C 233 4.06 58.64 -4.96
CA SER C 233 4.45 59.93 -5.51
C SER C 233 3.19 60.74 -5.91
N LEU C 234 2.01 60.36 -5.37
CA LEU C 234 0.70 60.96 -5.72
C LEU C 234 -0.36 61.02 -4.55
N THR C 235 -1.08 62.17 -4.49
CA THR C 235 -2.13 62.50 -3.48
C THR C 235 -3.46 61.74 -3.58
N THR C 236 -4.34 61.91 -2.58
CA THR C 236 -5.68 61.30 -2.62
C THR C 236 -6.56 61.87 -3.75
N GLU C 237 -6.52 63.20 -3.91
CA GLU C 237 -7.10 63.87 -5.07
C GLU C 237 -6.71 63.22 -6.41
N GLN C 238 -5.45 62.83 -6.55
CA GLN C 238 -4.94 62.28 -7.82
C GLN C 238 -5.23 60.80 -7.99
N LYS C 239 -5.13 60.04 -6.92
CA LYS C 239 -5.73 58.69 -6.96
C LYS C 239 -7.17 58.83 -7.55
N GLN C 240 -7.97 59.76 -7.00
CA GLN C 240 -9.41 59.88 -7.32
C GLN C 240 -9.66 60.42 -8.75
N SER C 241 -8.76 61.30 -9.17
CA SER C 241 -8.72 61.84 -10.47
C SER C 241 -8.52 60.75 -11.53
N LEU C 242 -7.44 59.99 -11.38
CA LEU C 242 -7.09 58.98 -12.34
C LEU C 242 -8.21 57.94 -12.31
N ILE C 243 -8.68 57.63 -11.13
CA ILE C 243 -9.80 56.70 -10.99
C ILE C 243 -10.93 57.18 -11.95
N THR C 244 -11.33 58.45 -11.81
CA THR C 244 -12.34 59.09 -12.68
C THR C 244 -12.05 58.94 -14.17
N GLN C 245 -10.84 59.28 -14.59
CA GLN C 245 -10.41 59.06 -15.97
C GLN C 245 -10.52 57.62 -16.43
N VAL C 246 -10.08 56.67 -15.59
CA VAL C 246 -10.20 55.27 -15.91
C VAL C 246 -11.68 54.92 -16.02
N ILE C 247 -12.46 55.43 -15.07
CA ILE C 247 -13.90 55.20 -15.10
C ILE C 247 -14.47 55.80 -16.38
N ALA C 248 -13.89 56.93 -16.84
CA ALA C 248 -14.34 57.60 -18.04
C ALA C 248 -14.09 56.69 -19.21
N LYS C 249 -12.87 56.14 -19.28
CA LYS C 249 -12.51 55.31 -20.43
C LYS C 249 -13.35 54.06 -20.46
N VAL C 250 -13.55 53.45 -19.29
CA VAL C 250 -14.35 52.25 -19.18
C VAL C 250 -15.80 52.48 -19.60
N SER C 251 -16.49 53.48 -19.07
CA SER C 251 -17.87 53.64 -19.46
C SER C 251 -18.02 54.29 -20.87
N GLN C 252 -17.07 55.18 -21.27
CA GLN C 252 -17.11 55.88 -22.58
C GLN C 252 -16.75 54.99 -23.72
N VAL C 253 -15.66 54.22 -23.52
CA VAL C 253 -14.97 53.56 -24.63
C VAL C 253 -15.06 52.04 -24.56
N VAL C 254 -14.63 51.47 -23.44
CA VAL C 254 -14.59 50.00 -23.27
C VAL C 254 -16.00 49.40 -23.37
N TYR C 255 -16.95 49.94 -22.61
CA TYR C 255 -18.29 49.39 -22.63
C TYR C 255 -18.95 49.42 -24.02
N PRO C 256 -18.96 50.58 -24.71
CA PRO C 256 -19.57 50.54 -26.06
C PRO C 256 -18.85 49.58 -26.99
N ALA C 257 -17.53 49.52 -26.87
CA ALA C 257 -16.73 48.63 -27.72
C ALA C 257 -17.20 47.17 -27.55
N TYR C 258 -17.29 46.71 -26.30
CA TYR C 258 -17.67 45.30 -26.03
C TYR C 258 -19.13 45.08 -26.42
N GLN C 259 -19.97 46.11 -26.24
CA GLN C 259 -21.34 45.98 -26.65
C GLN C 259 -21.45 45.84 -28.17
N SER C 260 -20.57 46.54 -28.92
CA SER C 260 -20.51 46.42 -30.39
C SER C 260 -20.17 45.05 -30.89
N VAL C 261 -19.16 44.45 -30.26
CA VAL C 261 -18.77 43.08 -30.65
C VAL C 261 -19.86 42.07 -30.29
N GLU C 262 -20.54 42.27 -29.16
CA GLU C 262 -21.67 41.42 -28.75
C GLU C 262 -22.74 41.46 -29.82
N LYS C 263 -23.10 42.68 -30.26
CA LYS C 263 -24.12 42.81 -31.25
C LYS C 263 -23.73 42.16 -32.56
N ALA C 264 -22.50 42.37 -33.03
CA ALA C 264 -22.06 41.84 -34.31
C ALA C 264 -22.07 40.31 -34.28
N SER C 265 -21.62 39.76 -33.16
CA SER C 265 -21.54 38.31 -33.03
C SER C 265 -22.94 37.66 -33.03
N GLU C 266 -23.87 38.33 -32.38
CA GLU C 266 -25.29 37.93 -32.41
C GLU C 266 -25.87 37.92 -33.83
N GLN C 267 -25.50 38.89 -34.66
CA GLN C 267 -25.99 38.96 -36.02
C GLN C 267 -25.54 37.78 -36.83
N LEU C 268 -24.40 37.17 -36.44
CA LEU C 268 -23.85 36.04 -37.21
C LEU C 268 -24.45 34.69 -36.82
N LEU C 269 -25.20 34.63 -35.71
CA LEU C 269 -25.75 33.36 -35.26
C LEU C 269 -26.59 32.65 -36.34
N SER C 270 -27.42 33.38 -37.08
CA SER C 270 -28.24 32.72 -38.06
C SER C 270 -27.41 32.05 -39.16
N GLU C 271 -26.24 32.60 -39.47
CA GLU C 271 -25.34 32.01 -40.50
C GLU C 271 -24.41 30.89 -39.96
N ALA C 272 -24.11 30.94 -38.66
CA ALA C 272 -23.20 29.98 -37.96
C ALA C 272 -23.75 28.57 -38.09
N ARG C 273 -22.85 27.61 -38.26
CA ARG C 273 -23.28 26.24 -38.51
C ARG C 273 -23.58 25.52 -37.23
N SER C 274 -24.43 24.53 -37.36
CA SER C 274 -24.71 23.58 -36.30
C SER C 274 -23.55 22.65 -36.12
N GLU C 275 -22.82 22.42 -37.21
CA GLU C 275 -21.73 21.45 -37.23
C GLU C 275 -20.62 21.89 -36.25
N SER C 276 -20.02 20.92 -35.55
CA SER C 276 -19.15 21.29 -34.45
C SER C 276 -17.68 21.37 -34.84
N GLY C 277 -17.23 20.55 -35.78
CA GLY C 277 -15.83 20.51 -36.15
C GLY C 277 -15.40 21.34 -37.34
N ILE C 278 -14.09 21.45 -37.50
CA ILE C 278 -13.51 22.45 -38.39
C ILE C 278 -13.58 21.97 -39.87
N TRP C 279 -13.87 20.69 -40.04
CA TRP C 279 -14.08 20.09 -41.36
C TRP C 279 -15.24 20.84 -42.13
N ALA C 280 -16.18 21.41 -41.39
CA ALA C 280 -17.37 22.06 -41.94
C ALA C 280 -17.08 23.43 -42.56
N GLN C 281 -15.91 23.99 -42.28
CA GLN C 281 -15.51 25.26 -42.84
C GLN C 281 -15.02 25.06 -44.28
N PRO C 282 -14.92 26.15 -45.02
CA PRO C 282 -14.33 26.05 -46.37
C PRO C 282 -12.86 25.64 -46.27
N LYS C 283 -12.55 24.54 -46.92
CA LYS C 283 -11.21 23.90 -46.95
C LYS C 283 -10.80 23.49 -45.54
N GLY C 284 -11.78 23.19 -44.70
CA GLY C 284 -11.55 22.90 -43.30
C GLY C 284 -10.62 21.70 -43.06
N SER C 285 -10.69 20.71 -43.94
CA SER C 285 -9.84 19.54 -43.77
C SER C 285 -8.36 19.89 -44.00
N VAL C 286 -8.11 20.84 -44.89
CA VAL C 286 -6.77 21.32 -45.15
C VAL C 286 -6.25 22.15 -43.96
N TYR C 287 -7.11 23.02 -43.42
CA TYR C 287 -6.80 23.72 -42.21
C TYR C 287 -6.39 22.73 -41.10
N TYR C 288 -7.17 21.67 -40.93
CA TYR C 288 -6.91 20.75 -39.83
C TYR C 288 -5.61 20.02 -40.02
N GLN C 289 -5.31 19.63 -41.25
CA GLN C 289 -4.00 19.04 -41.48
C GLN C 289 -2.84 19.98 -41.12
N ASP C 290 -3.05 21.29 -41.33
CA ASP C 290 -2.00 22.23 -40.93
C ASP C 290 -1.92 22.36 -39.43
N ALA C 291 -3.07 22.34 -38.76
CA ALA C 291 -3.09 22.39 -37.31
C ALA C 291 -2.40 21.19 -36.71
N ILE C 292 -2.58 20.02 -37.28
CA ILE C 292 -1.88 18.82 -36.85
C ILE C 292 -0.35 19.05 -36.94
N LYS C 293 0.07 19.67 -38.03
CA LYS C 293 1.51 19.95 -38.23
C LYS C 293 2.00 20.94 -37.20
N GLN C 294 1.29 22.03 -37.05
CA GLN C 294 1.78 23.15 -36.23
C GLN C 294 1.61 22.89 -34.71
N LEU C 295 0.50 22.26 -34.34
CA LEU C 295 0.16 22.08 -32.95
C LEU C 295 0.34 20.67 -32.46
N GLY C 296 0.17 19.70 -33.36
CA GLY C 296 0.51 18.33 -32.97
C GLY C 296 1.94 17.95 -33.26
N ASP C 297 2.63 18.77 -34.08
CA ASP C 297 3.95 18.46 -34.64
C ASP C 297 4.03 17.08 -35.19
N SER C 298 3.09 16.79 -36.07
CA SER C 298 2.99 15.47 -36.67
C SER C 298 2.58 15.62 -38.14
N GLU C 299 3.05 14.66 -38.94
CA GLU C 299 2.56 14.50 -40.34
C GLU C 299 1.67 13.27 -40.49
N LEU C 300 1.23 12.69 -39.36
CA LEU C 300 0.29 11.55 -39.44
C LEU C 300 -1.08 12.06 -39.87
N SER C 301 -1.89 11.17 -40.40
CA SER C 301 -3.23 11.50 -40.74
C SER C 301 -4.07 11.55 -39.49
N PRO C 302 -5.22 12.19 -39.61
CA PRO C 302 -6.15 12.23 -38.50
C PRO C 302 -6.61 10.83 -38.10
N THR C 303 -6.71 9.94 -39.06
CA THR C 303 -7.13 8.57 -38.73
C THR C 303 -6.06 7.77 -37.96
N GLN C 304 -4.79 7.96 -38.33
CA GLN C 304 -3.70 7.40 -37.60
C GLN C 304 -3.65 7.97 -36.18
N ILE C 305 -3.87 9.26 -36.05
CA ILE C 305 -3.82 9.86 -34.70
C ILE C 305 -4.97 9.37 -33.83
N HIS C 306 -6.15 9.26 -34.44
CA HIS C 306 -7.33 8.76 -33.76
C HIS C 306 -7.02 7.38 -33.22
N GLN C 307 -6.43 6.50 -34.03
CA GLN C 307 -6.17 5.18 -33.58
C GLN C 307 -5.11 5.10 -32.49
N ILE C 308 -4.10 5.95 -32.54
CA ILE C 308 -3.17 6.07 -31.42
C ILE C 308 -3.92 6.40 -30.14
N GLY C 309 -4.82 7.32 -30.25
CA GLY C 309 -5.70 7.67 -29.15
C GLY C 309 -6.48 6.48 -28.58
N LEU C 310 -7.15 5.75 -29.43
CA LEU C 310 -7.92 4.58 -29.03
C LEU C 310 -7.06 3.53 -28.32
N ASP C 311 -5.89 3.27 -28.90
CA ASP C 311 -4.97 2.31 -28.37
C ASP C 311 -4.50 2.74 -26.97
N GLU C 312 -4.18 4.03 -26.82
CA GLU C 312 -3.72 4.58 -25.52
C GLU C 312 -4.83 4.58 -24.47
N VAL C 313 -6.06 4.91 -24.85
CA VAL C 313 -7.21 4.80 -23.92
C VAL C 313 -7.37 3.37 -23.41
N ALA C 314 -7.23 2.39 -24.29
CA ALA C 314 -7.35 1.00 -23.90
C ALA C 314 -6.22 0.60 -22.90
N ARG C 315 -4.99 0.99 -23.24
CA ARG C 315 -3.85 0.63 -22.43
C ARG C 315 -3.95 1.23 -21.04
N ILE C 316 -4.14 2.54 -20.99
CA ILE C 316 -4.09 3.26 -19.75
C ILE C 316 -5.28 2.85 -18.84
N SER C 317 -6.45 2.74 -19.43
CA SER C 317 -7.62 2.32 -18.66
C SER C 317 -7.43 0.90 -18.10
N GLY C 318 -6.79 0.03 -18.88
CA GLY C 318 -6.49 -1.35 -18.43
C GLY C 318 -5.56 -1.38 -17.22
N VAL C 319 -4.59 -0.48 -17.20
CA VAL C 319 -3.67 -0.32 -16.05
C VAL C 319 -4.43 0.17 -14.81
N MET C 320 -5.24 1.16 -15.03
CA MET C 320 -6.06 1.74 -13.96
C MET C 320 -7.00 0.72 -13.32
N ASN C 321 -7.61 -0.12 -14.14
CA ASN C 321 -8.47 -1.17 -13.67
C ASN C 321 -7.74 -2.09 -12.71
N GLU C 322 -6.52 -2.52 -13.07
CA GLU C 322 -5.72 -3.35 -12.16
C GLU C 322 -5.46 -2.77 -10.80
N ILE C 323 -5.10 -1.50 -10.79
CA ILE C 323 -4.82 -0.76 -9.58
C ILE C 323 -6.07 -0.63 -8.76
N LEU C 324 -7.19 -0.26 -9.40
CA LEU C 324 -8.47 -0.10 -8.71
C LEU C 324 -8.91 -1.41 -8.06
N LEU C 325 -8.80 -2.52 -8.80
CA LEU C 325 -9.21 -3.81 -8.28
C LEU C 325 -8.43 -4.09 -6.98
N ALA C 326 -7.13 -3.83 -7.00
CA ALA C 326 -6.25 -4.17 -5.92
C ALA C 326 -6.64 -3.34 -4.66
N GLN C 327 -7.27 -2.17 -4.88
CA GLN C 327 -7.77 -1.33 -3.76
C GLN C 327 -9.20 -1.72 -3.34
N GLY C 328 -9.79 -2.70 -4.01
CA GLY C 328 -11.15 -3.14 -3.67
C GLY C 328 -12.26 -2.46 -4.44
N TYR C 329 -11.92 -1.78 -5.53
CA TYR C 329 -12.91 -1.05 -6.34
C TYR C 329 -13.15 -1.88 -7.60
N THR C 330 -14.18 -2.70 -7.50
CA THR C 330 -14.43 -3.79 -8.47
C THR C 330 -15.67 -3.53 -9.36
N LYS C 331 -16.45 -2.51 -9.03
CA LYS C 331 -17.76 -2.33 -9.72
C LYS C 331 -17.68 -1.23 -10.75
N GLY C 332 -18.07 -1.56 -11.97
CA GLY C 332 -18.24 -0.60 -13.05
C GLY C 332 -17.01 -0.22 -13.83
N THR C 333 -17.17 0.78 -14.67
CA THR C 333 -16.12 1.20 -15.56
C THR C 333 -15.03 1.93 -14.72
N VAL C 334 -13.85 2.09 -15.31
CA VAL C 334 -12.81 2.91 -14.67
C VAL C 334 -13.35 4.31 -14.34
N GLY C 335 -14.04 4.93 -15.29
CA GLY C 335 -14.60 6.25 -15.06
C GLY C 335 -15.60 6.30 -13.91
N GLU C 336 -16.51 5.30 -13.82
CA GLU C 336 -17.48 5.28 -12.74
C GLU C 336 -16.81 5.17 -11.41
N ARG C 337 -15.73 4.40 -11.37
CA ARG C 337 -14.96 4.24 -10.13
C ARG C 337 -14.26 5.58 -9.72
N MET C 338 -13.69 6.25 -10.72
CA MET C 338 -13.01 7.55 -10.47
C MET C 338 -14.05 8.62 -10.03
N VAL C 339 -15.26 8.58 -10.56
CA VAL C 339 -16.37 9.45 -10.06
C VAL C 339 -16.70 9.09 -8.61
N ALA C 340 -16.76 7.79 -8.29
CA ALA C 340 -17.10 7.40 -6.92
C ALA C 340 -16.04 7.90 -5.93
N LEU C 341 -14.78 7.74 -6.32
CA LEU C 341 -13.66 8.17 -5.44
C LEU C 341 -13.75 9.66 -5.08
N ASN C 342 -14.16 10.45 -6.03
CA ASN C 342 -14.20 11.92 -5.89
C ASN C 342 -15.26 12.33 -4.86
N GLU C 343 -16.16 11.41 -4.50
CA GLU C 343 -17.11 11.73 -3.43
C GLU C 343 -16.65 11.54 -1.99
N GLU C 344 -15.56 10.77 -1.77
CA GLU C 344 -15.18 10.35 -0.46
C GLU C 344 -14.52 11.45 0.33
N PRO C 345 -14.88 11.60 1.58
CA PRO C 345 -14.33 12.72 2.32
C PRO C 345 -12.80 12.69 2.60
N ARG C 346 -12.15 11.51 2.56
CA ARG C 346 -10.70 11.44 2.60
C ARG C 346 -10.01 12.21 1.44
N PHE C 347 -10.69 12.46 0.34
CA PHE C 347 -10.14 13.16 -0.80
C PHE C 347 -10.56 14.62 -0.93
N LEU C 348 -11.24 15.14 0.07
CA LEU C 348 -11.80 16.50 -0.04
C LEU C 348 -11.30 17.40 1.10
N TYR C 349 -10.77 18.59 0.74
CA TYR C 349 -10.49 19.61 1.72
C TYR C 349 -11.79 20.33 2.10
N GLU C 350 -11.81 20.88 3.31
CA GLU C 350 -12.93 21.68 3.82
C GLU C 350 -13.09 22.94 2.93
N ASP C 351 -14.34 23.30 2.63
CA ASP C 351 -14.67 24.53 1.93
C ASP C 351 -14.61 25.67 2.96
N SER C 352 -13.40 26.15 3.19
CA SER C 352 -13.12 27.15 4.20
C SER C 352 -11.76 27.80 3.95
N ILE C 353 -11.48 28.86 4.69
CA ILE C 353 -10.19 29.53 4.65
C ILE C 353 -9.10 28.53 5.06
N ALA C 354 -9.38 27.77 6.11
CA ALA C 354 -8.44 26.79 6.60
C ALA C 354 -8.17 25.68 5.56
N GLY C 355 -9.23 25.19 4.92
CA GLY C 355 -9.13 24.11 3.93
C GLY C 355 -8.29 24.55 2.74
N ARG C 356 -8.52 25.76 2.26
CA ARG C 356 -7.80 26.27 1.11
C ARG C 356 -6.36 26.54 1.49
N GLU C 357 -6.11 27.03 2.70
CA GLU C 357 -4.69 27.13 3.15
C GLU C 357 -3.97 25.80 3.25
N GLU C 358 -4.68 24.79 3.67
CA GLU C 358 -4.07 23.49 3.82
C GLU C 358 -3.76 22.91 2.41
N LEU C 359 -4.66 23.09 1.46
CA LEU C 359 -4.45 22.65 0.09
C LEU C 359 -3.18 23.33 -0.49
N LEU C 360 -3.10 24.65 -0.33
CA LEU C 360 -1.92 25.39 -0.83
C LEU C 360 -0.61 24.97 -0.16
N SER C 361 -0.64 24.75 1.17
CA SER C 361 0.51 24.20 1.89
C SER C 361 0.94 22.84 1.34
N ASP C 362 -0.04 21.99 1.10
CA ASP C 362 0.24 20.66 0.57
C ASP C 362 0.85 20.72 -0.83
N ILE C 363 0.32 21.57 -1.72
CA ILE C 363 0.88 21.67 -3.04
C ILE C 363 2.32 22.21 -3.03
N ASN C 364 2.54 23.22 -2.22
CA ASN C 364 3.89 23.77 -2.07
C ASN C 364 4.87 22.74 -1.52
N GLY C 365 4.40 21.89 -0.62
CA GLY C 365 5.08 20.70 -0.18
C GLY C 365 5.49 19.76 -1.27
N TYR C 366 4.58 19.44 -2.18
CA TYR C 366 4.89 18.52 -3.29
C TYR C 366 6.05 19.11 -4.10
N ILE C 367 6.00 20.40 -4.36
CA ILE C 367 7.05 21.08 -5.17
C ILE C 367 8.39 20.95 -4.49
N THR C 368 8.44 21.24 -3.18
CA THR C 368 9.69 21.13 -2.48
C THR C 368 10.27 19.73 -2.47
N GLU C 369 9.44 18.71 -2.26
CA GLU C 369 9.87 17.36 -2.17
C GLU C 369 10.36 16.87 -3.52
N VAL C 370 9.58 17.07 -4.60
CA VAL C 370 10.00 16.49 -5.92
C VAL C 370 11.30 17.18 -6.42
N THR C 371 11.44 18.45 -6.12
CA THR C 371 12.59 19.25 -6.62
C THR C 371 13.87 18.68 -5.99
N ALA C 372 13.81 18.41 -4.69
CA ALA C 372 14.94 17.74 -4.03
C ALA C 372 15.19 16.31 -4.55
N LYS C 373 14.12 15.53 -4.64
CA LYS C 373 14.29 14.12 -5.00
C LYS C 373 14.63 13.92 -6.45
N MET C 374 14.27 14.86 -7.32
CA MET C 374 14.54 14.71 -8.72
C MET C 374 15.97 15.09 -9.13
N ALA C 375 16.72 15.66 -8.21
CA ALA C 375 18.06 16.17 -8.54
C ALA C 375 19.02 15.17 -9.25
N PRO C 376 18.92 13.87 -8.94
CA PRO C 376 19.88 13.02 -9.64
C PRO C 376 19.63 12.83 -11.12
N VAL C 377 18.41 13.12 -11.57
CA VAL C 377 18.10 12.97 -12.99
C VAL C 377 17.80 14.27 -13.67
N PHE C 378 17.88 15.37 -12.91
CA PHE C 378 17.71 16.77 -13.41
C PHE C 378 18.81 17.64 -12.83
N ARG C 379 19.97 17.54 -13.47
CA ARG C 379 21.17 18.07 -12.87
C ARG C 379 21.47 19.53 -13.24
N THR C 380 20.63 20.13 -14.07
CA THR C 380 20.79 21.52 -14.45
C THR C 380 19.62 22.31 -13.91
N THR C 381 19.90 23.21 -12.98
CA THR C 381 18.86 23.90 -12.23
C THR C 381 18.60 25.29 -12.91
N PRO C 382 17.34 25.64 -13.14
CA PRO C 382 17.05 26.96 -13.69
C PRO C 382 17.17 28.05 -12.63
N SER C 383 17.31 29.28 -13.14
CA SER C 383 17.53 30.42 -12.25
C SER C 383 16.26 30.95 -11.61
N TYR C 384 15.10 30.70 -12.20
CA TYR C 384 13.84 31.36 -11.82
C TYR C 384 13.11 30.53 -10.82
N GLN C 385 12.39 31.22 -9.92
CA GLN C 385 11.58 30.67 -8.92
C GLN C 385 10.13 30.42 -9.43
N VAL C 386 9.44 29.43 -8.86
CA VAL C 386 7.98 29.27 -9.12
C VAL C 386 7.26 29.60 -7.80
N GLU C 387 6.13 30.25 -7.92
CA GLU C 387 5.24 30.53 -6.80
C GLU C 387 3.89 29.88 -7.07
N VAL C 388 3.17 29.50 -6.00
CA VAL C 388 1.82 28.93 -6.12
C VAL C 388 0.85 29.94 -5.64
N LYS C 389 -0.15 30.21 -6.46
CA LYS C 389 -1.22 31.16 -6.10
C LYS C 389 -2.57 30.57 -6.49
N SER C 390 -3.60 30.92 -5.71
CA SER C 390 -4.96 30.61 -6.13
C SER C 390 -5.43 31.66 -7.12
N PHE C 391 -6.22 31.28 -8.11
CA PHE C 391 -6.83 32.29 -8.94
C PHE C 391 -7.67 33.22 -8.07
N PRO C 392 -7.55 34.56 -8.30
CA PRO C 392 -8.36 35.46 -7.50
C PRO C 392 -9.88 35.15 -7.55
N VAL C 393 -10.57 35.37 -6.42
CA VAL C 393 -12.00 35.05 -6.38
C VAL C 393 -12.72 35.77 -7.54
N GLU C 394 -12.19 36.93 -7.95
CA GLU C 394 -12.79 37.74 -9.00
C GLU C 394 -12.78 37.01 -10.33
N VAL C 395 -11.85 36.10 -10.54
CA VAL C 395 -11.74 35.46 -11.86
C VAL C 395 -11.90 33.92 -11.87
N GLN C 396 -12.06 33.32 -10.70
CA GLN C 396 -12.00 31.81 -10.65
C GLN C 396 -13.17 31.16 -11.41
N ASP C 397 -14.32 31.86 -11.51
CA ASP C 397 -15.47 31.27 -12.20
C ASP C 397 -15.12 30.89 -13.63
N GLY C 398 -14.37 31.72 -14.34
CA GLY C 398 -13.94 31.32 -15.69
C GLY C 398 -12.65 30.49 -15.83
N ALA C 399 -11.86 30.42 -14.76
CA ALA C 399 -10.48 29.93 -14.89
C ALA C 399 -10.38 28.39 -15.02
N PRO C 400 -9.33 27.88 -15.70
CA PRO C 400 -9.00 26.45 -15.74
C PRO C 400 -8.71 25.94 -14.32
N GLY C 401 -8.67 24.62 -14.11
CA GLY C 401 -8.32 24.03 -12.82
C GLY C 401 -6.92 24.38 -12.28
N GLY C 402 -6.03 24.54 -13.23
CA GLY C 402 -4.58 24.84 -13.01
C GLY C 402 -3.99 25.44 -14.27
N GLN C 403 -2.98 26.32 -14.08
CA GLN C 403 -2.31 26.94 -15.21
C GLN C 403 -0.90 27.42 -14.76
N TYR C 404 0.05 27.40 -15.68
CA TYR C 404 1.35 27.98 -15.38
C TYR C 404 1.56 29.19 -16.23
N THR C 405 1.95 30.29 -15.60
CA THR C 405 2.37 31.49 -16.35
C THR C 405 3.91 31.70 -16.21
N SER C 406 4.56 31.93 -17.34
CA SER C 406 6.04 32.06 -17.37
C SER C 406 6.60 33.22 -16.61
N PRO C 407 7.82 33.05 -16.06
CA PRO C 407 8.43 34.22 -15.47
C PRO C 407 8.64 35.34 -16.52
N ALA C 408 8.61 36.58 -16.10
CA ALA C 408 8.99 37.68 -16.98
C ALA C 408 10.51 37.56 -17.27
N VAL C 409 10.92 37.78 -18.52
CA VAL C 409 12.36 37.83 -18.83
C VAL C 409 13.06 39.04 -18.14
N ASP C 410 12.30 40.11 -17.82
CA ASP C 410 12.85 41.30 -17.07
C ASP C 410 12.83 41.28 -15.52
N GLY C 411 12.57 40.14 -14.89
CA GLY C 411 12.65 39.96 -13.40
C GLY C 411 11.48 40.47 -12.58
N SER C 412 10.55 41.15 -13.25
CA SER C 412 9.30 41.60 -12.64
C SER C 412 8.28 40.47 -12.24
N LYS C 413 8.64 39.18 -12.32
CA LYS C 413 7.63 38.13 -12.06
C LYS C 413 8.26 36.71 -12.00
N PRO C 414 8.07 35.96 -10.88
CA PRO C 414 8.44 34.53 -10.88
C PRO C 414 7.46 33.80 -11.73
N GLY C 415 7.78 32.55 -12.02
CA GLY C 415 6.81 31.74 -12.72
C GLY C 415 5.68 31.50 -11.71
N ILE C 416 4.42 31.36 -12.14
CA ILE C 416 3.31 31.17 -11.17
C ILE C 416 2.49 29.92 -11.62
N TYR C 417 2.35 29.04 -10.67
CA TYR C 417 1.41 27.91 -10.77
C TYR C 417 0.11 28.41 -10.15
N TRP C 418 -0.88 28.62 -11.00
CA TRP C 418 -2.19 29.05 -10.57
C TRP C 418 -3.08 27.86 -10.29
N ILE C 419 -3.80 27.88 -9.17
CA ILE C 419 -4.72 26.76 -8.86
C ILE C 419 -6.13 27.32 -8.60
N ASN C 420 -7.17 26.69 -9.20
CA ASN C 420 -8.57 27.19 -8.97
C ASN C 420 -9.16 26.61 -7.75
N LEU C 421 -9.38 27.42 -6.74
CA LEU C 421 -9.94 26.97 -5.49
C LEU C 421 -11.44 27.25 -5.35
N ARG C 422 -12.15 27.47 -6.45
CA ARG C 422 -13.57 27.86 -6.31
C ARG C 422 -14.31 26.72 -5.62
N ASP C 423 -14.07 25.52 -6.12
CA ASP C 423 -14.83 24.35 -5.70
C ASP C 423 -13.92 23.23 -5.17
N MET C 424 -14.04 22.93 -3.89
CA MET C 424 -13.18 21.93 -3.24
C MET C 424 -13.44 20.53 -3.84
N LYS C 425 -14.67 20.29 -4.35
CA LYS C 425 -14.99 19.02 -5.08
C LYS C 425 -14.31 18.86 -6.42
N ALA C 426 -13.83 19.98 -6.99
CA ALA C 426 -13.06 19.88 -8.19
C ALA C 426 -11.55 19.77 -7.91
N ASN C 427 -11.15 19.62 -6.65
CA ASN C 427 -9.73 19.54 -6.26
C ASN C 427 -9.49 18.27 -5.43
N PRO C 428 -10.01 17.15 -5.93
CA PRO C 428 -9.79 15.97 -5.08
C PRO C 428 -8.29 15.73 -4.81
N LYS C 429 -7.97 15.30 -3.62
CA LYS C 429 -6.59 15.17 -3.19
C LYS C 429 -5.82 14.28 -4.13
N PHE C 430 -6.48 13.23 -4.66
CA PHE C 430 -5.76 12.28 -5.47
C PHE C 430 -5.27 12.79 -6.82
N GLY C 431 -5.71 13.96 -7.23
CA GLY C 431 -5.27 14.57 -8.46
C GLY C 431 -4.24 15.71 -8.29
N LEU C 432 -3.99 16.10 -7.07
CA LEU C 432 -3.14 17.27 -6.86
C LEU C 432 -1.64 17.07 -7.09
N LYS C 433 -1.08 15.90 -6.79
CA LYS C 433 0.33 15.68 -7.05
C LYS C 433 0.59 15.81 -8.56
N THR C 434 -0.16 15.10 -9.38
CA THR C 434 0.13 15.08 -10.80
C THR C 434 -0.08 16.47 -11.43
N LEU C 435 -1.09 17.19 -10.98
CA LEU C 435 -1.30 18.56 -11.47
C LEU C 435 -0.06 19.42 -11.09
N THR C 436 0.43 19.25 -9.88
CA THR C 436 1.54 20.04 -9.33
C THR C 436 2.83 19.73 -10.12
N TYR C 437 3.06 18.46 -10.45
CA TYR C 437 4.21 18.09 -11.25
C TYR C 437 4.14 18.60 -12.68
N HIS C 438 2.95 18.53 -13.30
CA HIS C 438 2.71 19.06 -14.60
C HIS C 438 2.97 20.60 -14.66
N GLU C 439 2.44 21.36 -13.71
CA GLU C 439 2.48 22.80 -13.78
C GLU C 439 3.81 23.39 -13.31
N ALA C 440 4.39 22.80 -12.28
CA ALA C 440 5.62 23.35 -11.67
C ALA C 440 6.84 22.51 -12.06
N ASN C 441 7.39 21.70 -11.14
CA ASN C 441 8.56 20.85 -11.44
C ASN C 441 8.17 19.37 -11.29
N PRO C 442 8.63 18.51 -12.19
CA PRO C 442 9.55 18.78 -13.25
C PRO C 442 8.96 19.31 -14.58
N GLY C 443 7.68 19.64 -14.58
CA GLY C 443 6.94 20.07 -15.77
C GLY C 443 7.16 21.46 -16.26
N HIS C 444 6.08 22.24 -16.43
CA HIS C 444 6.22 23.50 -17.13
C HIS C 444 7.30 24.45 -16.56
N HIS C 445 7.30 24.73 -15.26
CA HIS C 445 8.28 25.66 -14.71
C HIS C 445 9.69 25.24 -15.02
N TRP C 446 10.03 24.02 -14.71
CA TRP C 446 11.40 23.57 -14.88
C TRP C 446 11.84 23.74 -16.35
N GLN C 447 11.00 23.33 -17.27
CA GLN C 447 11.30 23.35 -18.72
C GLN C 447 11.34 24.83 -19.22
N ILE C 448 10.34 25.61 -18.88
CA ILE C 448 10.22 26.95 -19.44
C ILE C 448 11.35 27.81 -18.84
N ALA C 449 11.55 27.73 -17.52
CA ALA C 449 12.65 28.46 -16.85
C ALA C 449 14.02 28.06 -17.39
N LEU C 450 14.23 26.78 -17.68
CA LEU C 450 15.48 26.37 -18.40
C LEU C 450 15.63 26.96 -19.81
N ASN C 451 14.51 27.00 -20.57
CA ASN C 451 14.55 27.60 -21.87
C ASN C 451 14.90 29.10 -21.80
N LEU C 452 14.31 29.81 -20.83
CA LEU C 452 14.62 31.22 -20.65
C LEU C 452 16.07 31.48 -20.32
N ASP C 453 16.70 30.55 -19.60
CA ASP C 453 18.08 30.69 -19.16
C ASP C 453 19.05 30.47 -20.33
N GLN C 454 18.57 30.03 -21.51
CA GLN C 454 19.52 29.80 -22.65
C GLN C 454 19.73 31.15 -23.34
N ALA C 455 20.59 31.93 -22.74
CA ALA C 455 20.68 33.36 -23.05
C ALA C 455 21.35 33.58 -24.42
N GLU C 456 22.05 32.57 -24.94
CA GLU C 456 22.67 32.71 -26.25
C GLU C 456 21.69 32.47 -27.42
N LEU C 457 20.54 31.89 -27.13
CA LEU C 457 19.57 31.66 -28.17
C LEU C 457 18.93 32.98 -28.59
N PRO C 458 18.56 33.07 -29.86
CA PRO C 458 17.72 34.23 -30.24
C PRO C 458 16.42 34.31 -29.45
N PHE C 459 15.93 35.52 -29.23
CA PHE C 459 14.87 35.70 -28.26
C PHE C 459 13.62 34.84 -28.54
N LEU C 460 13.19 34.73 -29.80
CA LEU C 460 12.03 33.93 -30.08
C LEU C 460 12.27 32.45 -29.76
N ARG C 461 13.51 32.00 -29.79
CA ARG C 461 13.81 30.65 -29.31
C ARG C 461 13.77 30.48 -27.79
N ARG C 462 13.92 31.55 -27.03
CA ARG C 462 13.89 31.47 -25.60
C ARG C 462 12.43 31.34 -25.11
N ILE C 463 11.47 31.89 -25.88
CA ILE C 463 10.06 31.78 -25.58
C ILE C 463 9.25 30.88 -26.54
N ALA C 464 9.90 30.07 -27.35
CA ALA C 464 9.25 29.38 -28.48
C ALA C 464 8.07 28.56 -27.97
N PRO C 465 6.87 28.79 -28.51
CA PRO C 465 5.69 28.08 -28.00
C PRO C 465 5.35 26.87 -28.85
N TYR C 466 6.26 25.96 -29.05
CA TYR C 466 6.04 24.67 -29.68
C TYR C 466 5.10 23.83 -28.77
N ASN C 467 3.85 23.70 -29.20
CA ASN C 467 2.87 23.08 -28.40
C ASN C 467 3.18 21.61 -28.05
N ALA C 468 3.59 20.79 -29.03
CA ALA C 468 3.83 19.37 -28.82
C ALA C 468 5.05 19.18 -27.81
N TYR C 469 6.15 19.93 -28.03
CA TYR C 469 7.28 19.94 -27.12
C TYR C 469 6.84 20.33 -25.69
N THR C 470 6.16 21.44 -25.57
CA THR C 470 5.89 22.08 -24.29
C THR C 470 4.87 21.26 -23.50
N GLU C 471 3.81 20.86 -24.19
CA GLU C 471 2.78 20.04 -23.56
C GLU C 471 3.24 18.64 -23.37
N GLY C 472 3.92 18.06 -24.37
CA GLY C 472 4.44 16.72 -24.29
C GLY C 472 5.46 16.58 -23.15
N TRP C 473 6.30 17.60 -23.00
CA TRP C 473 7.26 17.59 -21.89
C TRP C 473 6.57 17.52 -20.56
N ALA C 474 5.55 18.32 -20.31
CA ALA C 474 4.96 18.37 -19.01
C ALA C 474 4.29 17.00 -18.73
N LEU C 475 3.62 16.45 -19.72
CA LEU C 475 3.03 15.12 -19.57
C LEU C 475 4.04 14.02 -19.31
N TYR C 476 5.15 14.02 -20.04
CA TYR C 476 6.28 13.17 -19.77
C TYR C 476 6.81 13.29 -18.34
N SER C 477 6.96 14.54 -17.89
CA SER C 477 7.47 14.80 -16.54
C SER C 477 6.54 14.19 -15.44
N GLU C 478 5.24 14.06 -15.69
CA GLU C 478 4.31 13.44 -14.77
C GLU C 478 4.64 11.94 -14.62
N GLN C 479 5.16 11.34 -15.68
CA GLN C 479 5.51 9.90 -15.63
C GLN C 479 6.88 9.76 -14.95
N VAL C 480 7.83 10.64 -15.27
CA VAL C 480 9.12 10.66 -14.57
C VAL C 480 8.98 10.78 -13.07
N ALA C 481 7.97 11.53 -12.64
CA ALA C 481 7.75 11.69 -11.22
C ALA C 481 7.39 10.33 -10.57
N TYR C 482 6.59 9.54 -11.24
CA TYR C 482 6.28 8.19 -10.80
C TYR C 482 7.57 7.35 -10.74
N GLU C 483 8.34 7.40 -11.83
CA GLU C 483 9.58 6.62 -11.91
C GLU C 483 10.64 7.04 -10.87
N LEU C 484 10.49 8.22 -10.29
CA LEU C 484 11.32 8.73 -9.23
C LEU C 484 10.80 8.39 -7.87
N GLY C 485 9.61 7.77 -7.76
CA GLY C 485 9.10 7.36 -6.48
C GLY C 485 8.12 8.28 -5.84
N MET C 486 7.58 9.27 -6.59
CA MET C 486 6.70 10.28 -5.93
C MET C 486 5.38 9.65 -5.47
N TYR C 487 5.04 8.45 -5.97
CA TYR C 487 3.81 7.79 -5.59
C TYR C 487 4.03 6.55 -4.72
N GLU C 488 5.15 6.55 -4.06
CA GLU C 488 5.42 5.54 -3.02
C GLU C 488 4.29 5.50 -2.00
N ASN C 489 3.70 4.34 -1.81
CA ASN C 489 2.59 4.16 -0.89
C ASN C 489 1.43 5.15 -1.11
N ASP C 490 1.20 5.45 -2.39
CA ASP C 490 0.16 6.39 -2.75
C ASP C 490 -0.57 5.89 -4.00
N PRO C 491 -1.34 4.80 -3.86
CA PRO C 491 -2.00 4.26 -5.04
C PRO C 491 -3.07 5.19 -5.61
N PHE C 492 -3.74 5.94 -4.76
CA PHE C 492 -4.77 6.80 -5.31
C PHE C 492 -4.19 8.01 -6.03
N GLY C 493 -3.09 8.56 -5.52
CA GLY C 493 -2.38 9.56 -6.29
C GLY C 493 -1.87 9.05 -7.62
N ASP C 494 -1.44 7.80 -7.62
CA ASP C 494 -1.00 7.14 -8.88
C ASP C 494 -2.19 7.10 -9.83
N LEU C 495 -3.34 6.73 -9.30
CA LEU C 495 -4.55 6.77 -10.09
C LEU C 495 -4.82 8.16 -10.67
N GLY C 496 -4.64 9.21 -9.87
CA GLY C 496 -4.71 10.57 -10.38
C GLY C 496 -3.80 10.85 -11.53
N ARG C 497 -2.55 10.44 -11.42
CA ARG C 497 -1.60 10.50 -12.56
C ARG C 497 -2.12 9.85 -13.82
N LEU C 498 -2.55 8.59 -13.66
CA LEU C 498 -3.00 7.82 -14.79
C LEU C 498 -4.27 8.43 -15.36
N GLN C 499 -5.17 8.96 -14.53
CA GLN C 499 -6.37 9.58 -15.05
C GLN C 499 -6.00 10.78 -15.93
N ALA C 500 -5.01 11.55 -15.49
CA ALA C 500 -4.61 12.71 -16.25
C ALA C 500 -3.98 12.28 -17.58
N GLU C 501 -3.22 11.21 -17.56
CA GLU C 501 -2.63 10.68 -18.80
C GLU C 501 -3.76 10.17 -19.75
N LEU C 502 -4.71 9.41 -19.18
CA LEU C 502 -5.88 8.92 -19.92
C LEU C 502 -6.64 10.09 -20.54
N PHE C 503 -6.79 11.17 -19.80
CA PHE C 503 -7.53 12.34 -20.28
C PHE C 503 -6.84 12.85 -21.53
N ARG C 504 -5.52 12.90 -21.52
CA ARG C 504 -4.78 13.29 -22.71
C ARG C 504 -4.78 12.30 -23.88
N ALA C 505 -4.92 11.01 -23.59
CA ALA C 505 -5.24 10.04 -24.62
C ALA C 505 -6.61 10.26 -25.24
N VAL C 506 -7.61 10.54 -24.40
CA VAL C 506 -8.96 10.79 -24.87
C VAL C 506 -8.96 12.05 -25.76
N ARG C 507 -8.15 13.05 -25.42
CA ARG C 507 -7.96 14.27 -26.28
C ARG C 507 -7.60 13.89 -27.72
N LEU C 508 -6.71 12.93 -27.91
CA LEU C 508 -6.41 12.49 -29.28
C LEU C 508 -7.67 11.99 -29.98
N VAL C 509 -8.49 11.25 -29.26
CA VAL C 509 -9.67 10.64 -29.84
C VAL C 509 -10.70 11.72 -30.21
N VAL C 510 -11.03 12.59 -29.24
CA VAL C 510 -12.10 13.56 -29.42
C VAL C 510 -11.73 14.73 -30.32
N ASP C 511 -10.47 15.18 -30.34
CA ASP C 511 -10.10 16.30 -31.23
C ASP C 511 -10.17 15.80 -32.71
N THR C 512 -9.58 14.64 -33.01
CA THR C 512 -9.74 14.02 -34.30
C THR C 512 -11.20 13.60 -34.57
N GLY C 513 -11.93 13.18 -33.55
CA GLY C 513 -13.36 12.88 -33.67
C GLY C 513 -14.14 14.07 -34.20
N LEU C 514 -14.05 15.18 -33.50
CA LEU C 514 -14.77 16.36 -33.88
C LEU C 514 -14.31 16.86 -35.25
N HIS C 515 -13.00 16.92 -35.49
CA HIS C 515 -12.48 17.74 -36.59
C HIS C 515 -12.31 17.00 -37.90
N ASP C 516 -12.23 15.66 -37.83
CA ASP C 516 -12.09 14.80 -39.00
C ASP C 516 -13.17 13.77 -39.10
N LYS C 517 -13.54 13.11 -38.00
CA LYS C 517 -14.56 12.03 -38.09
C LYS C 517 -15.98 12.59 -38.10
N ARG C 518 -16.13 13.87 -37.82
CA ARG C 518 -17.38 14.60 -37.84
C ARG C 518 -18.32 14.17 -36.67
N TRP C 519 -17.72 13.79 -35.54
CA TRP C 519 -18.48 13.60 -34.32
C TRP C 519 -19.07 14.91 -33.95
N THR C 520 -20.31 14.86 -33.49
CA THR C 520 -20.94 16.05 -32.88
C THR C 520 -20.33 16.40 -31.54
N ARG C 521 -20.61 17.61 -31.08
CA ARG C 521 -20.28 18.03 -29.75
C ARG C 521 -20.79 17.01 -28.74
N GLU C 522 -22.03 16.59 -28.92
CA GLU C 522 -22.67 15.68 -27.96
C GLU C 522 -22.03 14.29 -27.96
N GLN C 523 -21.65 13.78 -29.11
CA GLN C 523 -20.92 12.52 -29.19
C GLN C 523 -19.57 12.60 -28.51
N ALA C 524 -18.89 13.74 -28.69
CA ALA C 524 -17.59 13.94 -28.05
C ALA C 524 -17.69 14.05 -26.54
N ILE C 525 -18.70 14.77 -26.10
CA ILE C 525 -18.99 14.85 -24.68
C ILE C 525 -19.29 13.45 -24.09
N SER C 526 -20.10 12.65 -24.78
CA SER C 526 -20.48 11.31 -24.28
C SER C 526 -19.27 10.41 -24.14
N TYR C 527 -18.46 10.41 -25.18
CA TYR C 527 -17.20 9.67 -25.15
C TYR C 527 -16.30 10.05 -23.99
N MET C 528 -16.00 11.34 -23.85
CA MET C 528 -15.10 11.77 -22.85
C MET C 528 -15.68 11.43 -21.45
N SER C 529 -16.95 11.67 -21.27
CA SER C 529 -17.64 11.32 -20.02
C SER C 529 -17.57 9.81 -19.71
N GLU C 530 -17.70 8.98 -20.71
CA GLU C 530 -17.74 7.55 -20.45
C GLU C 530 -16.33 7.05 -20.12
N GLN C 531 -15.33 7.58 -20.84
CA GLN C 531 -13.97 7.08 -20.72
C GLN C 531 -13.17 7.63 -19.56
N THR C 532 -13.57 8.77 -19.00
CA THR C 532 -12.83 9.41 -17.96
C THR C 532 -13.91 9.58 -16.86
N GLY C 533 -13.46 9.94 -15.72
CA GLY C 533 -14.42 10.18 -14.68
C GLY C 533 -14.56 11.65 -14.46
N THR C 534 -14.38 12.43 -15.52
CA THR C 534 -14.49 13.88 -15.43
C THR C 534 -15.96 14.32 -15.32
N ALA C 535 -16.19 15.35 -14.50
CA ALA C 535 -17.51 15.88 -14.28
C ALA C 535 -18.06 16.53 -15.57
N GLU C 536 -19.37 16.42 -15.76
CA GLU C 536 -19.99 16.82 -16.99
C GLU C 536 -19.70 18.27 -17.34
N SER C 537 -19.90 19.21 -16.41
CA SER C 537 -19.61 20.60 -16.78
C SER C 537 -18.18 20.80 -17.30
N ASP C 538 -17.20 20.09 -16.71
CA ASP C 538 -15.81 20.17 -17.16
C ASP C 538 -15.61 19.55 -18.52
N VAL C 539 -16.24 18.42 -18.79
CA VAL C 539 -16.19 17.83 -20.14
C VAL C 539 -16.77 18.83 -21.19
N VAL C 540 -17.88 19.48 -20.85
CA VAL C 540 -18.50 20.41 -21.79
C VAL C 540 -17.55 21.56 -22.16
N ALA C 541 -16.93 22.16 -21.15
CA ALA C 541 -15.94 23.18 -21.38
C ALA C 541 -14.77 22.68 -22.19
N GLU C 542 -14.30 21.45 -21.90
CA GLU C 542 -13.18 20.91 -22.70
C GLU C 542 -13.56 20.69 -24.18
N ILE C 543 -14.65 19.99 -24.46
CA ILE C 543 -15.13 19.82 -25.81
C ILE C 543 -15.31 21.16 -26.57
N GLU C 544 -15.86 22.15 -25.89
CA GLU C 544 -16.00 23.44 -26.52
C GLU C 544 -14.68 24.18 -26.77
N ARG C 545 -13.68 23.97 -25.90
CA ARG C 545 -12.35 24.41 -26.11
C ARG C 545 -11.81 23.73 -27.38
N TYR C 546 -11.97 22.41 -27.55
CA TYR C 546 -11.33 21.74 -28.70
C TYR C 546 -11.93 22.28 -30.00
N MET C 547 -13.23 22.54 -29.95
CA MET C 547 -13.94 23.08 -31.12
C MET C 547 -13.34 24.41 -31.55
N ALA C 548 -12.92 25.25 -30.59
CA ALA C 548 -12.35 26.54 -30.84
C ALA C 548 -10.82 26.51 -31.20
N TRP C 549 -10.14 25.44 -30.79
CA TRP C 549 -8.68 25.30 -30.89
C TRP C 549 -8.30 23.98 -31.59
N PRO C 550 -8.71 23.79 -32.85
CA PRO C 550 -8.52 22.51 -33.47
C PRO C 550 -7.05 22.12 -33.49
N GLY C 551 -6.76 20.91 -33.06
CA GLY C 551 -5.41 20.38 -33.07
C GLY C 551 -4.58 20.62 -31.80
N GLN C 552 -4.90 21.66 -31.03
CA GLN C 552 -4.07 22.00 -29.87
C GLN C 552 -4.04 20.85 -28.90
N ALA C 553 -5.15 20.17 -28.78
CA ALA C 553 -5.28 19.05 -27.83
C ALA C 553 -4.43 17.87 -28.22
N LEU C 554 -3.91 17.85 -29.42
CA LEU C 554 -3.08 16.71 -29.85
C LEU C 554 -1.68 16.77 -29.32
N GLY C 555 -1.19 17.94 -28.92
CA GLY C 555 0.25 18.04 -28.64
C GLY C 555 0.70 17.29 -27.38
N TYR C 556 -0.22 17.13 -26.44
CA TYR C 556 0.02 16.46 -25.16
C TYR C 556 0.58 15.06 -25.38
N LYS C 557 -0.26 14.21 -25.89
CA LYS C 557 0.16 12.85 -26.03
C LYS C 557 1.12 12.69 -27.20
N LEU C 558 0.97 13.41 -28.32
CA LEU C 558 1.92 13.14 -29.43
C LEU C 558 3.36 13.52 -29.03
N GLY C 559 3.49 14.63 -28.30
CA GLY C 559 4.79 15.05 -27.83
C GLY C 559 5.35 14.07 -26.78
N MET C 560 4.50 13.66 -25.85
CA MET C 560 4.92 12.70 -24.82
C MET C 560 5.39 11.39 -25.44
N LEU C 561 4.64 10.89 -26.41
CA LEU C 561 5.01 9.64 -27.01
C LEU C 561 6.35 9.74 -27.78
N LYS C 562 6.61 10.90 -28.36
CA LYS C 562 7.87 11.09 -29.10
C LYS C 562 9.07 11.16 -28.16
N ILE C 563 8.93 11.86 -27.04
CA ILE C 563 10.00 11.92 -26.03
C ILE C 563 10.29 10.54 -25.49
N LEU C 564 9.24 9.76 -25.22
CA LEU C 564 9.45 8.37 -24.72
C LEU C 564 10.07 7.47 -25.76
N SER C 565 9.69 7.63 -27.03
CA SER C 565 10.24 6.86 -28.15
C SER C 565 11.71 7.13 -28.31
N LEU C 566 12.08 8.39 -28.16
CA LEU C 566 13.48 8.81 -28.22
C LEU C 566 14.25 8.29 -27.03
N ARG C 567 13.64 8.31 -25.87
CA ARG C 567 14.27 7.73 -24.68
C ARG C 567 14.51 6.24 -24.82
N GLU C 568 13.53 5.54 -25.38
CA GLU C 568 13.74 4.11 -25.65
C GLU C 568 14.84 3.86 -26.65
N GLN C 569 14.90 4.67 -27.71
CA GLN C 569 15.97 4.55 -28.68
C GLN C 569 17.34 4.73 -27.99
N ALA C 570 17.46 5.71 -27.09
CA ALA C 570 18.72 5.95 -26.39
C ALA C 570 19.06 4.76 -25.45
N LYS C 571 18.04 4.25 -24.74
CA LYS C 571 18.22 3.15 -23.79
C LYS C 571 18.73 1.91 -24.56
N ALA C 572 18.14 1.65 -25.73
CA ALA C 572 18.56 0.48 -26.56
C ALA C 572 19.99 0.64 -27.08
N ARG C 573 20.33 1.88 -27.43
CA ARG C 573 21.62 2.21 -28.04
C ARG C 573 22.77 2.14 -27.03
N LEU C 574 22.54 2.65 -25.81
CA LEU C 574 23.60 2.84 -24.83
C LEU C 574 23.66 1.71 -23.79
N GLY C 575 22.56 0.99 -23.61
CA GLY C 575 22.40 -0.02 -22.57
C GLY C 575 22.69 0.44 -21.16
N ASP C 576 23.61 -0.28 -20.49
CA ASP C 576 24.04 0.02 -19.13
C ASP C 576 24.70 1.39 -19.01
N LYS C 577 25.11 2.00 -20.11
CA LYS C 577 25.71 3.36 -20.10
C LYS C 577 24.67 4.51 -20.37
N PHE C 578 23.39 4.16 -20.38
CA PHE C 578 22.32 5.19 -20.45
C PHE C 578 22.26 5.92 -19.11
N ASP C 579 22.31 7.25 -19.14
CA ASP C 579 22.10 8.06 -17.96
C ASP C 579 20.93 8.99 -18.24
N LEU C 580 19.93 8.98 -17.35
CA LEU C 580 18.69 9.71 -17.51
C LEU C 580 18.94 11.22 -17.38
N ALA C 581 19.90 11.62 -16.53
CA ALA C 581 20.31 13.03 -16.40
C ALA C 581 20.80 13.64 -17.67
N GLU C 582 21.60 12.86 -18.41
CA GLU C 582 22.17 13.28 -19.69
C GLU C 582 21.07 13.40 -20.76
N PHE C 583 20.13 12.49 -20.76
CA PHE C 583 19.01 12.55 -21.66
C PHE C 583 18.20 13.79 -21.41
N HIS C 584 17.93 14.12 -20.13
CA HIS C 584 17.13 15.25 -19.85
C HIS C 584 17.86 16.53 -20.25
N ASP C 585 19.18 16.58 -20.11
CA ASP C 585 19.95 17.76 -20.57
C ASP C 585 19.80 17.96 -22.09
N VAL C 586 19.87 16.86 -22.84
CA VAL C 586 19.64 16.96 -24.30
C VAL C 586 18.27 17.46 -24.65
N VAL C 587 17.25 16.99 -23.94
CA VAL C 587 15.89 17.33 -24.24
C VAL C 587 15.60 18.77 -23.84
N LEU C 588 16.11 19.19 -22.66
CA LEU C 588 15.68 20.47 -22.12
C LEU C 588 16.56 21.68 -22.51
N LEU C 589 17.88 21.48 -22.61
CA LEU C 589 18.82 22.61 -22.64
C LEU C 589 18.96 23.29 -23.99
N ASN C 590 18.35 22.72 -25.03
CA ASN C 590 18.29 23.37 -26.31
C ASN C 590 16.96 24.10 -26.52
N GLY C 591 16.15 24.17 -25.47
CA GLY C 591 14.88 24.88 -25.54
C GLY C 591 13.78 24.13 -26.25
N ALA C 592 12.60 24.77 -26.29
CA ALA C 592 11.46 24.15 -26.99
C ALA C 592 11.73 24.16 -28.47
N VAL C 593 11.59 22.99 -29.07
CA VAL C 593 11.94 22.74 -30.44
C VAL C 593 10.88 21.85 -31.14
N PRO C 594 10.91 21.88 -32.48
CA PRO C 594 10.17 20.85 -33.21
C PRO C 594 10.74 19.47 -32.94
N MET C 595 9.92 18.44 -33.05
CA MET C 595 10.33 17.08 -32.80
C MET C 595 11.47 16.67 -33.74
N ALA C 596 11.54 17.23 -34.93
CA ALA C 596 12.64 16.89 -35.86
C ALA C 596 14.00 17.37 -35.32
N VAL C 597 13.99 18.54 -34.68
CA VAL C 597 15.19 19.09 -34.12
C VAL C 597 15.58 18.33 -32.85
N LEU C 598 14.58 18.01 -32.01
CA LEU C 598 14.84 17.23 -30.82
C LEU C 598 15.47 15.91 -31.23
N SER C 599 14.88 15.24 -32.21
CA SER C 599 15.47 14.00 -32.71
C SER C 599 16.90 14.14 -33.21
N ARG C 600 17.18 15.17 -33.97
CA ARG C 600 18.53 15.44 -34.41
C ARG C 600 19.49 15.61 -33.25
N ASN C 601 19.06 16.32 -32.22
CA ASN C 601 19.88 16.47 -31.06
C ASN C 601 20.14 15.20 -30.26
N VAL C 602 19.12 14.38 -30.07
CA VAL C 602 19.30 13.10 -29.45
C VAL C 602 20.25 12.25 -30.30
N ASN C 603 20.04 12.20 -31.59
CA ASN C 603 20.95 11.40 -32.39
C ASN C 603 22.40 11.87 -32.38
N HIS C 604 22.61 13.18 -32.34
CA HIS C 604 23.94 13.75 -32.27
C HIS C 604 24.63 13.33 -30.97
N TRP C 605 23.90 13.41 -29.86
CA TRP C 605 24.39 12.96 -28.60
C TRP C 605 24.76 11.48 -28.61
N LEU C 606 23.88 10.60 -29.13
CA LEU C 606 24.17 9.15 -29.18
C LEU C 606 25.37 8.87 -30.08
N ASP C 607 25.45 9.54 -31.20
CA ASP C 607 26.52 9.30 -32.19
C ASP C 607 27.88 9.78 -31.69
N ASN C 608 27.94 10.71 -30.74
CA ASN C 608 29.22 11.17 -30.20
C ASN C 608 29.56 10.54 -28.86
N LYS C 609 29.04 9.34 -28.64
CA LYS C 609 29.38 8.56 -27.48
C LYS C 609 30.27 7.37 -27.89
S SO4 D . 23.73 -17.85 -2.32
O1 SO4 D . 22.25 -18.00 -2.38
O2 SO4 D . 24.02 -16.52 -1.88
O3 SO4 D . 24.34 -18.76 -1.32
O4 SO4 D . 24.32 -18.27 -3.56
S SO4 E . 31.80 10.38 -5.91
O1 SO4 E . 31.14 10.78 -7.18
O2 SO4 E . 33.03 11.19 -5.76
O3 SO4 E . 30.93 10.65 -4.77
O4 SO4 E . 32.16 8.97 -5.93
C TRS F . 3.93 1.95 -15.83
C1 TRS F . 5.36 2.42 -16.00
C2 TRS F . 2.96 2.89 -16.62
C3 TRS F . 3.37 1.65 -14.42
N TRS F . 3.99 0.49 -16.18
O1 TRS F . 6.02 3.06 -14.93
O2 TRS F . 3.10 4.38 -16.46
O3 TRS F . 2.48 2.62 -13.96
C TRS G . 3.22 -16.18 0.82
C1 TRS G . 4.67 -16.10 1.37
C2 TRS G . 2.63 -14.89 0.20
C3 TRS G . 2.45 -16.46 2.06
N TRS G . 2.99 -17.30 -0.14
O1 TRS G . 5.67 -16.26 0.44
O2 TRS G . 3.56 -13.84 0.12
O3 TRS G . 2.92 -15.67 3.16
C1 GOL H . 12.31 -0.88 -2.15
O1 GOL H . 12.57 0.30 -2.93
C2 GOL H . 12.46 -0.31 -0.75
O2 GOL H . 11.12 -0.06 -0.32
C3 GOL H . 13.20 -1.26 0.19
O3 GOL H . 12.72 -2.57 0.10
S SO4 I . -35.01 6.05 45.05
O1 SO4 I . -35.87 5.45 44.00
O2 SO4 I . -34.78 7.47 44.84
O3 SO4 I . -35.75 5.87 46.30
O4 SO4 I . -33.70 5.37 45.06
S SO4 J . -22.51 -8.19 17.44
O1 SO4 J . -23.53 -7.17 17.93
O2 SO4 J . -21.27 -7.82 18.13
O3 SO4 J . -22.90 -9.48 17.81
O4 SO4 J . -22.24 -8.13 16.00
C TRS K . -15.97 -0.09 -1.03
C1 TRS K . -14.56 -0.54 -1.49
C2 TRS K . -16.09 1.36 -1.45
C3 TRS K . -16.26 0.03 0.51
N TRS K . -17.00 -0.97 -1.67
O1 TRS K . -13.78 -1.14 -0.45
O2 TRS K . -15.79 2.25 -0.34
O3 TRS K . -16.67 -1.14 1.21
C1 GOL L . -40.63 11.11 31.00
O1 GOL L . -39.55 10.38 31.32
C2 GOL L . -40.80 11.27 29.55
O2 GOL L . -41.40 10.26 28.81
C3 GOL L . -39.44 11.87 29.20
O3 GOL L . -38.75 12.27 30.36
C1 GOL M . -3.91 -2.27 11.95
O1 GOL M . -4.91 -2.31 11.06
C2 GOL M . -2.65 -2.91 11.43
O2 GOL M . -2.25 -2.32 10.24
C3 GOL M . -2.92 -4.34 11.02
O3 GOL M . -1.68 -4.98 11.08
C1 GOL N . -24.93 -6.77 21.07
O1 GOL N . -26.04 -6.69 20.21
C2 GOL N . -25.35 -8.01 21.82
O2 GOL N . -25.40 -8.85 20.65
C3 GOL N . -26.65 -7.58 22.51
O3 GOL N . -27.01 -8.20 23.76
S SO4 O . -4.06 21.63 -19.93
O1 SO4 O . -5.40 21.69 -20.47
O2 SO4 O . -3.07 22.50 -20.66
O3 SO4 O . -3.96 22.03 -18.54
O4 SO4 O . -3.69 20.15 -19.97
S SO4 P . 10.29 51.93 -22.38
O1 SO4 P . 9.32 51.89 -21.28
O2 SO4 P . 10.62 53.30 -22.77
O3 SO4 P . 11.52 51.22 -21.97
O4 SO4 P . 9.71 51.29 -23.57
C1 GOL Q . 16.54 38.68 -30.79
O1 GOL Q . 17.02 37.68 -31.61
C2 GOL Q . 17.64 39.06 -29.82
O2 GOL Q . 18.12 38.06 -28.93
C3 GOL Q . 17.06 39.96 -28.82
O3 GOL Q . 17.60 39.38 -27.65
C1 GOL R . -1.92 12.49 -2.36
O1 GOL R . -1.66 11.86 -3.57
C2 GOL R . -2.84 11.63 -1.51
O2 GOL R . -2.23 10.40 -1.11
C3 GOL R . -4.02 11.22 -2.34
O3 GOL R . -5.03 11.13 -1.39
C1 GOL S . -20.23 8.63 -31.46
O1 GOL S . -19.62 8.31 -32.71
C2 GOL S . -19.09 8.56 -30.46
O2 GOL S . -18.31 7.47 -30.92
C3 GOL S . -19.46 8.32 -28.99
O3 GOL S . -20.20 9.29 -28.29
C1 GOL T . -6.02 21.19 -51.12
O1 GOL T . -4.71 21.59 -50.76
C2 GOL T . -6.13 19.69 -51.11
O2 GOL T . -5.11 19.18 -50.31
C3 GOL T . -7.54 19.33 -50.62
O3 GOL T . -7.55 18.10 -49.88
#